data_5NME
#
_entry.id   5NME
#
_cell.length_a   211.140
_cell.length_b   85.140
_cell.length_c   113.190
_cell.angle_alpha   90.00
_cell.angle_beta   90.00
_cell.angle_gamma   90.00
#
_symmetry.space_group_name_H-M   'P 21 21 2'
#
loop_
_entity.id
_entity.type
_entity.pdbx_description
1 polymer 'HLA class I histocompatibility antigen, A-2 alpha chain'
2 polymer Beta-2-microglobulin
3 polymer 'Gag protein'
4 polymer 'T-cell receptor Alpha chain'
5 polymer 'Human T-cell receptor beta chain'
6 non-polymer 1,2-ETHANEDIOL
7 non-polymer 'SULFATE ION'
8 non-polymer GLYCEROL
9 water water
#
loop_
_entity_poly.entity_id
_entity_poly.type
_entity_poly.pdbx_seq_one_letter_code
_entity_poly.pdbx_strand_id
1 'polypeptide(L)'
;GSHSMRYFFTSVSRPGRGEPRFIAVGYVDDTQFVRFDSDAASQRMEPRAPWIEQEGPEYWDGETRKVKAHSQTHRVDLGT
LRGYYNQSEAGSHTVQRMYGCDVGSDWRFLRGYHQYAYDGKDYIALKEDLRSWTAADMAAQTTKHKWEAAHVAEQLRAYL
EGTCVEWLRRYLENGKETLQRTDAPKTHMTHHAVSDHEATLRCWALSFYPAEITLTWQRDGEDQTQDTELVETRPAGDGT
FQKWAAVVVPSGQEQRYTCHVQHEGLPKPLTLRWEP
;
A,F
2 'polypeptide(L)'
;MIQRTPKIQVYSRHPAENGKSNFLNCYVSGFHPSDIEVDLLKNGERIEKVEHSDLSFSKDWSFYLLYYTEFTPTEKDEYA
CRVNHVTLSQPKIVKWDRDM
;
B,G
3 'polypeptide(L)' SLYNTVATL C,H
4 'polypeptide(L)'
;KEVEQNSGPLSVPEGAIASLNCTYSDRGSQSFFWYRQYSGKSPELIMFIYSNGDKEDGRFTAQLNKASQYISLLIRDSKL
SDSATYLCAVRTNSGYALNFGKGTSLLVTPHIQKPDPAVYQLRDSKSSDKSVCLFTDFDSQTNVSQSKDSDVYITDKCVL
DMRSMDFKSNSAVAWSNKSDFACANAFNNSIIPEDTFFPSP
;
D,I
5 'polypeptide(L)'
;DAGVTQSPTHLIKTRGQQVTLRCSPKQGHDTVSWYQQALGQGPQFIFQYYEEEERQRGNFPDRFSGHQFPNYSSELNVNA
LLLGDSALYLCASSDTVSYEQYFGPGTRLTVTEDLKNVFPPEVAVFEPSEAEISHTQKATLVCLATGFYPDHVELSWWVN
GKEVHSGVCTDPQPLKEQPALNDSRYALSSRLRVSATFWQDPRNHFRCQVQFYGLSENDEWTQDRAKPVTQIVSAEAWGR
AD
;
E,J
#
# COMPACT_ATOMS: atom_id res chain seq x y z
N GLY A 1 -22.26 -20.32 9.00
CA GLY A 1 -21.06 -19.88 9.76
C GLY A 1 -19.84 -19.89 8.88
N SER A 2 -18.69 -20.13 9.51
CA SER A 2 -17.40 -20.03 8.86
C SER A 2 -16.97 -21.33 8.13
N HIS A 3 -15.99 -21.26 7.24
CA HIS A 3 -15.58 -22.45 6.47
C HIS A 3 -14.11 -22.49 6.23
N SER A 4 -13.59 -23.67 5.92
CA SER A 4 -12.16 -23.81 5.73
C SER A 4 -11.77 -24.76 4.59
N MET A 5 -10.58 -24.53 4.06
CA MET A 5 -9.96 -25.39 3.07
C MET A 5 -8.59 -25.62 3.65
N ARG A 6 -8.27 -26.88 3.89
CA ARG A 6 -7.01 -27.27 4.47
C ARG A 6 -6.46 -28.40 3.64
N TYR A 7 -5.17 -28.36 3.36
CA TYR A 7 -4.49 -29.49 2.74
C TYR A 7 -3.47 -30.03 3.75
N PHE A 8 -3.36 -31.35 3.83
CA PHE A 8 -2.42 -32.06 4.70
C PHE A 8 -1.49 -32.98 3.93
N PHE A 9 -0.20 -32.88 4.21
CA PHE A 9 0.78 -33.69 3.58
C PHE A 9 1.62 -34.35 4.60
N THR A 10 2.01 -35.60 4.33
CA THR A 10 2.92 -36.35 5.19
C THR A 10 3.90 -37.15 4.32
N SER A 11 5.20 -36.91 4.47
CA SER A 11 6.25 -37.79 3.87
C SER A 11 6.99 -38.51 4.99
N VAL A 12 7.38 -39.75 4.74
CA VAL A 12 8.08 -40.61 5.72
C VAL A 12 9.16 -41.35 4.96
N SER A 13 10.41 -41.08 5.27
CA SER A 13 11.54 -41.78 4.61
C SER A 13 11.60 -43.27 5.00
N ARG A 14 12.23 -44.06 4.13
CA ARG A 14 12.48 -45.48 4.39
C ARG A 14 13.98 -45.69 4.20
N PRO A 15 14.62 -46.42 5.12
CA PRO A 15 16.09 -46.55 5.07
C PRO A 15 16.68 -46.90 3.66
N GLY A 16 16.46 -48.13 3.19
CA GLY A 16 16.67 -48.53 1.79
C GLY A 16 15.28 -48.45 1.23
N ARG A 17 14.67 -49.60 0.87
CA ARG A 17 13.29 -49.69 0.29
C ARG A 17 12.70 -48.41 -0.35
N GLY A 18 13.43 -47.90 -1.35
CA GLY A 18 12.96 -46.83 -2.23
C GLY A 18 12.78 -45.46 -1.63
N GLU A 19 11.84 -44.73 -2.21
CA GLU A 19 11.62 -43.34 -1.92
C GLU A 19 10.50 -43.22 -0.87
N PRO A 20 10.30 -42.03 -0.26
CA PRO A 20 9.43 -41.90 0.88
C PRO A 20 7.97 -42.12 0.58
N ARG A 21 7.26 -42.65 1.58
CA ARG A 21 5.82 -42.79 1.57
C ARG A 21 5.16 -41.46 1.67
N PHE A 22 4.53 -41.00 0.60
CA PHE A 22 3.93 -39.67 0.57
C PHE A 22 2.44 -39.78 0.54
N ILE A 23 1.77 -39.06 1.42
CA ILE A 23 0.30 -39.11 1.58
C ILE A 23 -0.23 -37.68 1.76
N ALA A 24 -1.11 -37.26 0.83
CA ALA A 24 -1.70 -35.92 0.75
C ALA A 24 -3.21 -36.05 0.79
N VAL A 25 -3.87 -35.20 1.57
CA VAL A 25 -5.31 -35.18 1.65
C VAL A 25 -5.81 -33.74 1.77
N GLY A 26 -6.96 -33.41 1.15
CA GLY A 26 -7.58 -32.07 1.19
C GLY A 26 -8.99 -32.11 1.78
N TYR A 27 -9.27 -31.17 2.67
CA TYR A 27 -10.58 -31.04 3.28
C TYR A 27 -11.27 -29.71 2.92
N VAL A 28 -12.61 -29.72 3.02
CA VAL A 28 -13.45 -28.55 3.09
C VAL A 28 -14.30 -28.75 4.35
N ASP A 29 -14.22 -27.83 5.30
CA ASP A 29 -14.72 -28.04 6.64
C ASP A 29 -14.13 -29.38 7.10
N ASP A 30 -15.00 -30.27 7.56
CA ASP A 30 -14.66 -31.59 8.11
C ASP A 30 -14.82 -32.76 7.12
N THR A 31 -14.82 -32.45 5.81
CA THR A 31 -15.11 -33.38 4.72
C THR A 31 -13.91 -33.44 3.75
N GLN A 32 -13.31 -34.63 3.71
CA GLN A 32 -12.23 -34.90 2.77
C GLN A 32 -12.79 -34.89 1.38
N PHE A 33 -12.11 -34.24 0.46
CA PHE A 33 -12.54 -34.24 -0.96
C PHE A 33 -11.45 -34.69 -1.94
N VAL A 34 -10.19 -34.82 -1.53
CA VAL A 34 -9.11 -35.41 -2.38
C VAL A 34 -8.07 -36.16 -1.59
N ARG A 35 -7.36 -37.04 -2.30
CA ARG A 35 -6.18 -37.72 -1.76
C ARG A 35 -5.19 -38.16 -2.82
N PHE A 36 -3.92 -38.23 -2.41
CA PHE A 36 -2.87 -38.84 -3.20
C PHE A 36 -2.11 -39.70 -2.30
N ASP A 37 -1.78 -40.89 -2.77
CA ASP A 37 -0.97 -41.82 -2.00
C ASP A 37 -0.01 -42.45 -2.97
N SER A 38 1.27 -42.38 -2.61
CA SER A 38 2.36 -42.79 -3.47
C SER A 38 2.44 -44.32 -3.65
N ASP A 39 1.77 -45.09 -2.78
CA ASP A 39 1.67 -46.55 -2.95
C ASP A 39 0.38 -47.05 -3.68
N ALA A 40 -0.57 -46.15 -3.92
CA ALA A 40 -1.68 -46.46 -4.75
C ALA A 40 -1.22 -46.56 -6.21
N ALA A 41 -1.89 -47.46 -6.93
CA ALA A 41 -1.66 -47.72 -8.36
C ALA A 41 -1.97 -46.51 -9.26
N SER A 42 -2.96 -45.69 -8.89
CA SER A 42 -3.49 -44.58 -9.74
C SER A 42 -2.42 -43.58 -10.19
N GLN A 43 -1.55 -43.18 -9.26
CA GLN A 43 -0.55 -42.14 -9.45
C GLN A 43 -1.11 -40.78 -9.80
N ARG A 44 -2.24 -40.46 -9.20
CA ARG A 44 -3.01 -39.26 -9.50
C ARG A 44 -3.73 -38.79 -8.29
N MET A 45 -4.10 -37.51 -8.31
CA MET A 45 -4.94 -36.97 -7.26
C MET A 45 -6.28 -37.61 -7.48
N GLU A 46 -6.91 -38.13 -6.45
CA GLU A 46 -8.16 -38.86 -6.59
C GLU A 46 -9.30 -38.14 -5.88
N PRO A 47 -10.49 -38.06 -6.51
CA PRO A 47 -11.61 -37.46 -5.84
C PRO A 47 -12.07 -38.33 -4.67
N ARG A 48 -12.57 -37.72 -3.62
CA ARG A 48 -13.17 -38.44 -2.51
C ARG A 48 -14.49 -37.81 -2.09
N ALA A 49 -15.10 -36.97 -2.92
CA ALA A 49 -16.43 -36.43 -2.61
C ALA A 49 -17.23 -36.34 -3.89
N PRO A 50 -18.58 -36.43 -3.78
CA PRO A 50 -19.41 -36.41 -4.98
C PRO A 50 -19.28 -35.16 -5.85
N TRP A 51 -19.09 -34.01 -5.21
CA TRP A 51 -19.13 -32.71 -5.89
C TRP A 51 -17.82 -32.30 -6.60
N ILE A 52 -16.70 -32.94 -6.27
CA ILE A 52 -15.43 -32.68 -6.96
C ILE A 52 -15.29 -33.49 -8.23
N GLU A 53 -16.09 -34.54 -8.35
CA GLU A 53 -16.15 -35.26 -9.61
C GLU A 53 -16.67 -34.42 -10.77
N GLN A 54 -17.31 -33.29 -10.51
CA GLN A 54 -17.75 -32.43 -11.62
C GLN A 54 -16.62 -31.73 -12.44
N GLU A 55 -15.37 -31.77 -11.94
CA GLU A 55 -14.25 -31.11 -12.62
C GLU A 55 -13.68 -32.05 -13.66
N GLY A 56 -13.18 -31.45 -14.74
CA GLY A 56 -12.65 -32.21 -15.87
C GLY A 56 -11.18 -32.58 -15.77
N PRO A 57 -10.64 -33.28 -16.77
CA PRO A 57 -9.26 -33.67 -16.78
C PRO A 57 -8.26 -32.53 -16.77
N GLU A 58 -8.60 -31.28 -17.12
CA GLU A 58 -7.59 -30.20 -16.91
C GLU A 58 -7.36 -29.83 -15.43
N TYR A 59 -8.41 -29.84 -14.59
CA TYR A 59 -8.27 -29.69 -13.12
C TYR A 59 -7.41 -30.81 -12.59
N TRP A 60 -7.63 -32.05 -13.04
CA TRP A 60 -6.89 -33.23 -12.52
C TRP A 60 -5.42 -33.36 -12.97
N ASP A 61 -5.12 -33.04 -14.22
CA ASP A 61 -3.72 -32.92 -14.66
C ASP A 61 -2.99 -31.93 -13.78
N GLY A 62 -3.68 -30.84 -13.44
CA GLY A 62 -3.16 -29.78 -12.62
C GLY A 62 -2.87 -30.15 -11.21
N GLU A 63 -3.77 -30.88 -10.58
CA GLU A 63 -3.54 -31.34 -9.18
C GLU A 63 -2.46 -32.38 -9.14
N THR A 64 -2.44 -33.24 -10.15
CA THR A 64 -1.49 -34.30 -10.18
C THR A 64 -0.10 -33.66 -10.32
N ARG A 65 0.04 -32.72 -11.24
CA ARG A 65 1.28 -31.96 -11.42
C ARG A 65 1.74 -31.33 -10.08
N LYS A 66 0.83 -30.67 -9.38
CA LYS A 66 1.24 -29.91 -8.21
C LYS A 66 1.47 -30.78 -6.95
N VAL A 67 0.63 -31.80 -6.76
CA VAL A 67 0.84 -32.76 -5.70
C VAL A 67 2.14 -33.59 -5.94
N LYS A 68 2.56 -33.79 -7.16
CA LYS A 68 3.80 -34.47 -7.43
C LYS A 68 4.94 -33.57 -7.06
N ALA A 69 4.77 -32.25 -7.25
CA ALA A 69 5.80 -31.27 -6.86
C ALA A 69 5.88 -31.16 -5.34
N HIS A 70 4.76 -31.33 -4.64
CA HIS A 70 4.82 -31.33 -3.18
C HIS A 70 5.59 -32.55 -2.67
N SER A 71 5.37 -33.71 -3.27
CA SER A 71 6.04 -34.91 -2.82
C SER A 71 7.54 -34.80 -3.10
N GLN A 72 7.93 -34.23 -4.25
CA GLN A 72 9.36 -34.10 -4.61
C GLN A 72 10.06 -33.09 -3.70
N THR A 73 9.34 -32.04 -3.38
CA THR A 73 9.80 -31.08 -2.41
C THR A 73 10.12 -31.73 -1.10
N HIS A 74 9.19 -32.53 -0.56
CA HIS A 74 9.42 -33.20 0.72
C HIS A 74 10.59 -34.19 0.67
N ARG A 75 10.85 -34.83 -0.46
CA ARG A 75 11.97 -35.74 -0.61
C ARG A 75 13.32 -35.00 -0.48
N VAL A 76 13.46 -33.81 -1.07
CA VAL A 76 14.72 -33.08 -0.95
C VAL A 76 14.81 -32.39 0.42
N ASP A 77 13.68 -31.96 0.95
CA ASP A 77 13.63 -31.43 2.30
C ASP A 77 14.19 -32.50 3.27
N LEU A 78 13.68 -33.73 3.18
CA LEU A 78 14.16 -34.83 4.03
C LEU A 78 15.65 -34.95 3.98
N GLY A 79 16.19 -34.99 2.79
CA GLY A 79 17.61 -35.08 2.55
C GLY A 79 18.40 -33.90 3.08
N THR A 80 17.83 -32.71 2.94
CA THR A 80 18.46 -31.52 3.48
C THR A 80 18.50 -31.53 5.02
N LEU A 81 17.45 -32.02 5.68
CA LEU A 81 17.37 -31.94 7.14
C LEU A 81 18.31 -32.96 7.80
N ARG A 82 18.38 -34.14 7.20
CA ARG A 82 19.31 -35.20 7.57
C ARG A 82 20.72 -34.65 7.62
N GLY A 83 21.07 -33.77 6.68
CA GLY A 83 22.31 -33.01 6.69
C GLY A 83 22.39 -31.97 7.80
N TYR A 84 21.38 -31.12 7.97
CA TYR A 84 21.44 -30.06 8.98
C TYR A 84 21.44 -30.63 10.39
N TYR A 85 20.74 -31.72 10.62
CA TYR A 85 20.70 -32.33 11.97
C TYR A 85 21.79 -33.37 12.24
N ASN A 86 22.57 -33.71 11.21
CA ASN A 86 23.74 -34.58 11.33
C ASN A 86 23.37 -36.05 11.49
N GLN A 87 22.27 -36.47 10.87
CA GLN A 87 21.64 -37.77 11.05
C GLN A 87 21.93 -38.77 9.93
N SER A 88 21.77 -40.06 10.24
CA SER A 88 22.10 -41.14 9.31
C SER A 88 21.04 -41.33 8.21
N GLU A 89 21.48 -41.93 7.10
CA GLU A 89 20.59 -42.50 6.06
C GLU A 89 19.90 -43.78 6.54
N ALA A 90 20.50 -44.43 7.55
CA ALA A 90 19.92 -45.61 8.20
C ALA A 90 18.54 -45.30 8.77
N GLY A 91 18.40 -44.12 9.38
CA GLY A 91 17.15 -43.74 10.00
C GLY A 91 15.98 -43.48 9.06
N SER A 92 14.80 -43.45 9.68
CA SER A 92 13.54 -43.12 9.04
C SER A 92 12.88 -41.85 9.66
N HIS A 93 12.82 -40.77 8.89
CA HIS A 93 12.38 -39.49 9.42
C HIS A 93 11.13 -39.04 8.74
N THR A 94 10.47 -38.00 9.27
CA THR A 94 9.13 -37.56 8.84
C THR A 94 9.07 -36.05 8.62
N VAL A 95 8.48 -35.60 7.52
CA VAL A 95 8.07 -34.19 7.36
C VAL A 95 6.58 -34.15 7.18
N GLN A 96 5.96 -33.10 7.71
CA GLN A 96 4.49 -32.90 7.60
C GLN A 96 4.25 -31.45 7.25
N ARG A 97 3.21 -31.16 6.48
CA ARG A 97 2.95 -29.79 5.97
C ARG A 97 1.46 -29.59 6.02
N MET A 98 1.04 -28.40 6.42
CA MET A 98 -0.39 -28.09 6.51
C MET A 98 -0.58 -26.66 6.08
N TYR A 99 -1.50 -26.41 5.16
CA TYR A 99 -1.88 -25.03 4.84
C TYR A 99 -3.31 -24.89 4.41
N GLY A 100 -3.78 -23.64 4.47
CA GLY A 100 -5.14 -23.34 4.10
C GLY A 100 -5.69 -22.01 4.45
N CYS A 101 -7.01 -21.88 4.23
CA CYS A 101 -7.80 -20.67 4.36
C CYS A 101 -8.94 -20.84 5.31
N ASP A 102 -9.31 -19.80 6.02
CA ASP A 102 -10.64 -19.67 6.58
C ASP A 102 -11.37 -18.51 5.91
N VAL A 103 -12.67 -18.63 5.86
CA VAL A 103 -13.55 -17.53 5.50
C VAL A 103 -14.62 -17.31 6.60
N GLY A 104 -15.20 -16.11 6.66
CA GLY A 104 -16.29 -15.81 7.57
C GLY A 104 -17.66 -16.28 7.09
N SER A 105 -18.70 -15.68 7.65
CA SER A 105 -20.10 -16.03 7.33
C SER A 105 -20.51 -15.72 5.86
N ASP A 106 -20.07 -14.56 5.37
CA ASP A 106 -19.98 -14.26 3.91
C ASP A 106 -18.74 -14.97 3.45
N TRP A 107 -18.67 -15.48 2.24
CA TRP A 107 -17.53 -16.31 1.93
C TRP A 107 -16.18 -15.50 1.76
N ARG A 108 -15.83 -14.59 2.69
CA ARG A 108 -14.70 -13.62 2.47
C ARG A 108 -13.51 -13.97 3.37
N PHE A 109 -12.31 -13.62 2.94
CA PHE A 109 -11.08 -14.07 3.63
C PHE A 109 -11.00 -13.68 5.08
N LEU A 110 -10.72 -14.65 5.94
CA LEU A 110 -10.58 -14.41 7.37
C LEU A 110 -9.16 -14.65 7.86
N ARG A 111 -8.55 -15.78 7.47
CA ARG A 111 -7.25 -16.22 7.98
C ARG A 111 -6.62 -17.20 7.07
N GLY A 112 -5.29 -17.18 7.06
CA GLY A 112 -4.45 -18.10 6.25
C GLY A 112 -3.38 -18.73 7.14
N TYR A 113 -2.94 -19.92 6.79
CA TYR A 113 -1.98 -20.57 7.60
C TYR A 113 -1.09 -21.43 6.75
N HIS A 114 0.14 -21.60 7.22
CA HIS A 114 1.10 -22.46 6.60
C HIS A 114 2.19 -22.89 7.60
N GLN A 115 2.27 -24.18 7.89
CA GLN A 115 3.10 -24.78 8.90
C GLN A 115 3.78 -26.06 8.45
N TYR A 116 5.00 -26.29 8.93
CA TYR A 116 5.87 -27.36 8.49
C TYR A 116 6.51 -27.95 9.73
N ALA A 117 6.57 -29.26 9.82
CA ALA A 117 7.19 -29.92 10.94
C ALA A 117 8.15 -30.98 10.43
N TYR A 118 9.21 -31.21 11.20
CA TYR A 118 10.19 -32.28 11.01
C TYR A 118 10.30 -33.12 12.27
N ASP A 119 10.45 -34.42 12.05
CA ASP A 119 10.02 -35.45 12.92
C ASP A 119 8.67 -34.97 13.44
N GLY A 120 8.44 -34.91 14.75
CA GLY A 120 7.09 -34.50 15.20
C GLY A 120 6.93 -33.01 15.54
N LYS A 121 7.95 -32.22 15.24
CA LYS A 121 8.32 -31.00 16.01
C LYS A 121 8.20 -29.84 15.07
N ASP A 122 7.60 -28.73 15.49
CA ASP A 122 7.49 -27.50 14.64
C ASP A 122 8.86 -27.15 14.00
N TYR A 123 8.96 -26.83 12.71
CA TYR A 123 10.25 -26.47 12.12
C TYR A 123 10.16 -25.02 11.69
N ILE A 124 9.28 -24.69 10.78
CA ILE A 124 9.12 -23.28 10.38
C ILE A 124 7.69 -23.03 9.97
N ALA A 125 7.14 -21.84 10.26
CA ALA A 125 5.73 -21.52 9.85
C ALA A 125 5.52 -20.04 9.63
N LEU A 126 4.48 -19.70 8.85
CA LEU A 126 4.11 -18.30 8.61
C LEU A 126 3.52 -17.78 9.90
N LYS A 127 3.82 -16.53 10.26
CA LYS A 127 3.09 -15.78 11.29
C LYS A 127 1.68 -15.41 10.76
N GLU A 128 0.79 -14.88 11.60
CA GLU A 128 -0.64 -14.81 11.24
C GLU A 128 -0.93 -13.72 10.20
N ASP A 129 -0.16 -12.62 10.24
CA ASP A 129 -0.16 -11.62 9.17
C ASP A 129 0.34 -12.09 7.80
N LEU A 130 1.03 -13.22 7.80
CA LEU A 130 1.53 -13.88 6.62
C LEU A 130 2.73 -13.26 5.91
N ARG A 131 3.47 -12.36 6.54
CA ARG A 131 4.62 -11.73 5.89
C ARG A 131 5.97 -12.16 6.49
N SER A 132 5.98 -13.07 7.45
CA SER A 132 7.22 -13.39 8.18
C SER A 132 7.11 -14.73 8.85
N TRP A 133 8.24 -15.31 9.27
CA TRP A 133 8.28 -16.71 9.73
C TRP A 133 8.71 -16.85 11.18
N THR A 134 8.05 -17.72 11.95
CA THR A 134 8.55 -18.21 13.25
C THR A 134 9.46 -19.36 12.91
N ALA A 135 10.68 -19.29 13.41
CA ALA A 135 11.65 -20.39 13.29
C ALA A 135 12.38 -20.36 14.57
N ALA A 136 12.19 -21.33 15.46
CA ALA A 136 12.90 -21.35 16.82
C ALA A 136 14.32 -21.95 16.78
N ASP A 137 14.51 -22.93 15.90
CA ASP A 137 15.74 -23.74 15.76
C ASP A 137 16.87 -22.93 15.09
N MET A 138 18.09 -23.45 15.12
CA MET A 138 19.25 -22.79 14.42
C MET A 138 19.25 -23.12 12.91
N ALA A 139 18.90 -24.36 12.58
CA ALA A 139 18.63 -24.75 11.17
C ALA A 139 17.45 -23.99 10.55
N ALA A 140 16.39 -23.85 11.34
CA ALA A 140 15.20 -23.16 10.90
C ALA A 140 15.45 -21.71 10.51
N GLN A 141 16.36 -21.00 11.19
CA GLN A 141 16.58 -19.60 10.80
C GLN A 141 17.49 -19.47 9.54
N THR A 142 18.24 -20.53 9.17
CA THR A 142 18.94 -20.51 7.87
C THR A 142 17.89 -20.64 6.74
N THR A 143 16.94 -21.57 6.90
CA THR A 143 15.79 -21.65 6.01
C THR A 143 15.01 -20.33 5.90
N LYS A 144 14.68 -19.71 7.04
CA LYS A 144 14.09 -18.37 7.05
C LYS A 144 14.84 -17.38 6.15
N HIS A 145 16.17 -17.32 6.29
N HIS A 145 16.17 -17.32 6.29
CA HIS A 145 17.01 -16.37 5.57
CA HIS A 145 17.02 -16.38 5.55
C HIS A 145 16.95 -16.57 4.05
C HIS A 145 16.95 -16.57 4.05
N LYS A 146 17.00 -17.80 3.60
CA LYS A 146 16.89 -18.12 2.16
C LYS A 146 15.50 -17.74 1.62
N TRP A 147 14.42 -18.08 2.33
CA TRP A 147 13.08 -17.70 1.94
C TRP A 147 12.68 -16.24 2.06
N GLU A 148 13.43 -15.44 2.80
CA GLU A 148 13.14 -14.03 2.85
C GLU A 148 13.69 -13.38 1.56
N ALA A 149 14.89 -13.78 1.17
CA ALA A 149 15.60 -13.23 0.00
C ALA A 149 14.85 -13.56 -1.27
N ALA A 150 14.20 -14.74 -1.30
CA ALA A 150 13.54 -15.26 -2.48
C ALA A 150 12.04 -14.93 -2.52
N HIS A 151 11.57 -14.08 -1.61
CA HIS A 151 10.16 -13.71 -1.54
C HIS A 151 9.23 -14.92 -1.52
N VAL A 152 9.56 -15.91 -0.72
CA VAL A 152 8.72 -17.09 -0.61
C VAL A 152 7.38 -16.80 0.04
N ALA A 153 7.36 -15.97 1.07
CA ALA A 153 6.14 -15.65 1.82
C ALA A 153 5.11 -14.84 1.01
N GLU A 154 5.61 -13.89 0.21
CA GLU A 154 4.77 -12.98 -0.56
C GLU A 154 3.96 -13.83 -1.56
N GLN A 155 4.60 -14.87 -2.12
CA GLN A 155 3.98 -15.78 -3.10
C GLN A 155 2.96 -16.63 -2.49
N LEU A 156 3.23 -17.10 -1.27
CA LEU A 156 2.26 -17.86 -0.49
C LEU A 156 1.06 -17.02 -0.16
N ARG A 157 1.31 -15.79 0.26
CA ARG A 157 0.23 -14.89 0.65
C ARG A 157 -0.74 -14.66 -0.49
N ALA A 158 -0.21 -14.58 -1.71
CA ALA A 158 -1.06 -14.50 -2.90
C ALA A 158 -2.01 -15.69 -3.04
N TYR A 159 -1.53 -16.91 -2.81
CA TYR A 159 -2.40 -18.07 -2.83
C TYR A 159 -3.41 -18.03 -1.68
N LEU A 160 -2.94 -17.82 -0.47
CA LEU A 160 -3.79 -18.00 0.71
C LEU A 160 -4.87 -16.95 0.81
N GLU A 161 -4.50 -15.70 0.54
CA GLU A 161 -5.47 -14.60 0.50
C GLU A 161 -6.31 -14.65 -0.79
N GLY A 162 -5.74 -15.10 -1.90
CA GLY A 162 -6.41 -15.00 -3.17
C GLY A 162 -7.10 -16.28 -3.63
N THR A 163 -6.30 -17.20 -4.22
CA THR A 163 -6.88 -18.29 -5.00
C THR A 163 -7.44 -19.38 -4.18
N CYS A 164 -6.89 -19.56 -3.00
CA CYS A 164 -7.42 -20.48 -1.98
C CYS A 164 -8.83 -20.10 -1.64
N VAL A 165 -9.10 -18.81 -1.38
CA VAL A 165 -10.48 -18.32 -1.15
C VAL A 165 -11.39 -18.54 -2.37
N GLU A 166 -10.88 -18.22 -3.56
CA GLU A 166 -11.62 -18.34 -4.83
C GLU A 166 -12.08 -19.79 -5.02
N TRP A 167 -11.22 -20.74 -4.70
CA TRP A 167 -11.56 -22.13 -4.88
C TRP A 167 -12.45 -22.69 -3.77
N LEU A 168 -12.30 -22.20 -2.55
CA LEU A 168 -13.19 -22.64 -1.46
C LEU A 168 -14.60 -22.18 -1.83
N ARG A 169 -14.75 -20.94 -2.25
CA ARG A 169 -16.01 -20.44 -2.77
C ARG A 169 -16.60 -21.26 -3.93
N ARG A 170 -15.77 -21.77 -4.82
CA ARG A 170 -16.26 -22.69 -5.86
C ARG A 170 -16.79 -23.98 -5.27
N TYR A 171 -16.05 -24.59 -4.34
CA TYR A 171 -16.42 -25.89 -3.80
C TYR A 171 -17.65 -25.78 -2.93
N LEU A 172 -17.81 -24.67 -2.23
CA LEU A 172 -18.99 -24.46 -1.41
C LEU A 172 -20.26 -24.36 -2.22
N GLU A 173 -20.22 -23.60 -3.30
CA GLU A 173 -21.38 -23.48 -4.20
C GLU A 173 -21.67 -24.85 -4.87
N ASN A 174 -20.65 -25.41 -5.50
CA ASN A 174 -20.77 -26.73 -6.13
C ASN A 174 -21.29 -27.82 -5.19
N GLY A 175 -20.75 -27.87 -3.98
CA GLY A 175 -21.10 -28.91 -3.01
C GLY A 175 -22.20 -28.54 -2.02
N LYS A 176 -23.03 -27.58 -2.38
CA LYS A 176 -23.79 -26.94 -1.36
C LYS A 176 -24.63 -27.94 -0.56
N GLU A 177 -25.16 -28.99 -1.19
CA GLU A 177 -26.03 -29.95 -0.48
C GLU A 177 -25.36 -30.70 0.66
N THR A 178 -24.11 -31.11 0.51
CA THR A 178 -23.39 -31.79 1.58
C THR A 178 -22.63 -30.84 2.54
N LEU A 179 -22.06 -29.73 2.04
CA LEU A 179 -21.13 -28.90 2.84
C LEU A 179 -21.76 -27.79 3.67
N GLN A 180 -22.90 -27.27 3.22
CA GLN A 180 -23.77 -26.40 4.03
C GLN A 180 -25.00 -27.19 4.46
N ARG A 181 -24.75 -28.37 5.01
CA ARG A 181 -25.72 -29.19 5.69
C ARG A 181 -25.29 -29.13 7.12
N THR A 182 -26.25 -29.03 8.03
CA THR A 182 -26.02 -29.15 9.46
C THR A 182 -26.87 -30.36 9.86
N ASP A 183 -26.34 -31.21 10.74
CA ASP A 183 -26.99 -32.49 11.16
C ASP A 183 -27.10 -32.55 12.69
N ALA A 184 -28.33 -32.75 13.17
CA ALA A 184 -28.66 -32.62 14.60
C ALA A 184 -28.12 -33.83 15.32
N PRO A 185 -27.58 -33.64 16.53
CA PRO A 185 -27.20 -34.78 17.31
C PRO A 185 -28.42 -35.54 17.80
N LYS A 186 -28.49 -36.83 17.52
CA LYS A 186 -29.39 -37.72 18.23
C LYS A 186 -28.77 -38.00 19.61
N THR A 187 -29.32 -37.39 20.65
CA THR A 187 -28.80 -37.59 22.00
C THR A 187 -29.61 -38.58 22.81
N HIS A 188 -28.89 -39.31 23.65
CA HIS A 188 -29.45 -40.23 24.61
C HIS A 188 -28.49 -40.31 25.80
N MET A 189 -28.88 -41.06 26.82
CA MET A 189 -28.15 -41.09 28.08
C MET A 189 -28.18 -42.46 28.71
N THR A 190 -27.04 -42.98 29.13
CA THR A 190 -26.95 -44.25 29.85
C THR A 190 -26.56 -44.04 31.34
N HIS A 191 -26.88 -45.06 32.14
CA HIS A 191 -26.74 -45.13 33.59
C HIS A 191 -26.41 -46.57 33.92
N HIS A 192 -25.17 -46.90 34.22
CA HIS A 192 -24.93 -48.17 34.94
C HIS A 192 -24.26 -47.84 36.29
N ALA A 193 -24.69 -48.54 37.35
CA ALA A 193 -24.13 -48.37 38.69
C ALA A 193 -22.68 -48.86 38.71
N VAL A 194 -21.79 -48.06 39.30
CA VAL A 194 -20.34 -48.31 39.42
C VAL A 194 -20.14 -49.13 40.66
N SER A 195 -20.70 -48.64 41.76
CA SER A 195 -20.65 -49.34 43.02
C SER A 195 -22.03 -49.36 43.67
N ASP A 196 -22.10 -49.96 44.85
CA ASP A 196 -23.17 -49.66 45.80
C ASP A 196 -22.87 -48.18 46.12
N HIS A 197 -23.82 -47.42 46.63
CA HIS A 197 -23.61 -45.99 46.93
C HIS A 197 -23.05 -45.02 45.79
N GLU A 198 -23.00 -45.41 44.50
CA GLU A 198 -22.53 -44.50 43.37
C GLU A 198 -22.73 -45.05 41.93
N ALA A 199 -22.84 -44.17 40.93
CA ALA A 199 -23.25 -44.57 39.55
C ALA A 199 -22.71 -43.67 38.46
N THR A 200 -22.46 -44.25 37.29
CA THR A 200 -21.99 -43.46 36.13
C THR A 200 -23.19 -42.98 35.30
N LEU A 201 -23.26 -41.68 35.04
CA LEU A 201 -24.16 -41.13 34.05
C LEU A 201 -23.34 -40.81 32.83
N ARG A 202 -23.72 -41.36 31.69
CA ARG A 202 -23.00 -41.11 30.46
C ARG A 202 -23.96 -40.47 29.44
N CYS A 203 -23.53 -39.34 28.89
CA CYS A 203 -24.33 -38.52 27.96
C CYS A 203 -23.79 -38.68 26.56
N TRP A 204 -24.59 -39.20 25.63
CA TRP A 204 -24.16 -39.53 24.26
C TRP A 204 -24.68 -38.54 23.24
N ALA A 205 -23.88 -38.30 22.19
CA ALA A 205 -24.21 -37.42 21.06
C ALA A 205 -23.77 -38.15 19.77
N LEU A 206 -24.75 -38.60 18.99
CA LEU A 206 -24.52 -39.46 17.83
C LEU A 206 -24.94 -38.75 16.54
N SER A 207 -24.34 -39.15 15.40
CA SER A 207 -24.83 -38.76 14.06
C SER A 207 -24.93 -37.26 13.79
N PHE A 208 -23.88 -36.50 14.14
CA PHE A 208 -23.88 -35.05 13.95
C PHE A 208 -22.81 -34.57 13.00
N TYR A 209 -23.08 -33.43 12.34
CA TYR A 209 -22.13 -32.77 11.43
C TYR A 209 -22.39 -31.26 11.44
N PRO A 210 -21.39 -30.40 11.61
CA PRO A 210 -19.95 -30.75 11.74
C PRO A 210 -19.55 -31.29 13.13
N ALA A 211 -18.26 -31.45 13.37
CA ALA A 211 -17.74 -32.13 14.57
C ALA A 211 -17.62 -31.26 15.80
N GLU A 212 -17.74 -29.94 15.60
CA GLU A 212 -17.75 -28.99 16.70
C GLU A 212 -19.01 -29.22 17.50
N ILE A 213 -18.82 -29.40 18.80
CA ILE A 213 -19.93 -29.69 19.74
C ILE A 213 -19.43 -29.41 21.14
N THR A 214 -20.33 -28.96 22.03
CA THR A 214 -19.99 -28.93 23.47
C THR A 214 -20.98 -29.79 24.21
N LEU A 215 -20.41 -30.66 25.05
CA LEU A 215 -21.09 -31.56 25.95
C LEU A 215 -20.51 -31.32 27.35
N THR A 216 -21.29 -30.67 28.20
CA THR A 216 -20.94 -30.54 29.60
C THR A 216 -22.10 -30.99 30.49
N TRP A 217 -21.70 -31.34 31.71
CA TRP A 217 -22.61 -31.74 32.74
C TRP A 217 -22.78 -30.57 33.70
N GLN A 218 -24.01 -30.33 34.10
CA GLN A 218 -24.31 -29.43 35.21
C GLN A 218 -24.86 -30.21 36.38
N ARG A 219 -24.60 -29.71 37.58
CA ARG A 219 -25.22 -30.19 38.83
C ARG A 219 -25.94 -29.00 39.43
N ASP A 220 -27.27 -29.09 39.51
CA ASP A 220 -28.11 -27.93 39.88
C ASP A 220 -27.75 -26.86 38.82
N GLY A 221 -27.27 -25.68 39.24
CA GLY A 221 -26.64 -24.70 38.33
C GLY A 221 -25.14 -24.86 37.98
N GLU A 222 -24.34 -25.37 38.92
CA GLU A 222 -22.86 -25.51 38.73
C GLU A 222 -22.39 -26.55 37.70
N ASP A 223 -21.15 -26.40 37.19
CA ASP A 223 -20.57 -27.30 36.16
C ASP A 223 -19.47 -28.22 36.67
N GLN A 224 -19.48 -29.48 36.23
CA GLN A 224 -18.40 -30.43 36.57
C GLN A 224 -17.33 -30.43 35.47
N THR A 225 -16.14 -29.90 35.77
CA THR A 225 -14.99 -30.02 34.85
C THR A 225 -13.97 -30.98 35.40
N GLN A 226 -13.46 -30.73 36.61
CA GLN A 226 -12.61 -31.71 37.33
C GLN A 226 -13.20 -33.14 37.19
N ASP A 227 -14.54 -33.27 37.20
CA ASP A 227 -15.21 -34.56 37.31
C ASP A 227 -15.73 -35.22 36.02
N THR A 228 -15.72 -34.49 34.88
CA THR A 228 -16.29 -35.04 33.62
C THR A 228 -15.24 -35.85 32.88
N GLU A 229 -15.60 -37.04 32.41
CA GLU A 229 -14.79 -37.79 31.50
C GLU A 229 -15.32 -37.59 30.07
N LEU A 230 -14.59 -36.79 29.29
CA LEU A 230 -14.82 -36.60 27.85
C LEU A 230 -14.16 -37.73 27.11
N VAL A 231 -14.52 -37.88 25.84
CA VAL A 231 -13.69 -38.64 24.88
C VAL A 231 -13.54 -37.82 23.66
N GLU A 232 -12.46 -38.02 22.91
CA GLU A 232 -12.31 -37.23 21.70
C GLU A 232 -13.40 -37.62 20.69
N THR A 233 -13.87 -36.60 19.97
CA THR A 233 -14.90 -36.71 19.00
C THR A 233 -14.41 -37.69 17.92
N ARG A 234 -15.28 -38.58 17.46
CA ARG A 234 -14.84 -39.62 16.54
C ARG A 234 -15.71 -39.75 15.33
N PRO A 235 -15.14 -40.15 14.18
CA PRO A 235 -15.93 -40.37 12.98
C PRO A 235 -16.73 -41.67 13.08
N ALA A 236 -17.96 -41.65 12.57
CA ALA A 236 -18.79 -42.83 12.54
C ALA A 236 -18.44 -43.74 11.35
N GLY A 237 -17.82 -43.15 10.33
CA GLY A 237 -17.46 -43.86 9.10
C GLY A 237 -18.33 -43.36 7.97
N ASP A 238 -19.55 -42.87 8.29
CA ASP A 238 -20.47 -42.32 7.30
C ASP A 238 -20.35 -40.78 7.10
N GLY A 239 -19.31 -40.17 7.62
CA GLY A 239 -19.18 -38.72 7.52
C GLY A 239 -20.00 -37.92 8.52
N THR A 240 -20.46 -38.57 9.58
CA THR A 240 -20.98 -37.90 10.75
C THR A 240 -20.00 -38.19 11.88
N PHE A 241 -20.28 -37.67 13.07
CA PHE A 241 -19.41 -37.83 14.24
C PHE A 241 -20.13 -38.27 15.54
N GLN A 242 -19.34 -38.60 16.56
CA GLN A 242 -19.83 -39.10 17.85
C GLN A 242 -18.96 -38.58 18.97
N LYS A 243 -19.58 -38.34 20.12
CA LYS A 243 -18.90 -37.93 21.31
C LYS A 243 -19.75 -38.32 22.49
N TRP A 244 -19.12 -38.56 23.64
CA TRP A 244 -19.82 -38.67 24.87
C TRP A 244 -19.05 -38.03 25.98
N ALA A 245 -19.77 -37.80 27.07
CA ALA A 245 -19.22 -37.25 28.26
C ALA A 245 -19.85 -37.92 29.46
N ALA A 246 -19.06 -38.17 30.49
CA ALA A 246 -19.53 -39.01 31.57
C ALA A 246 -19.15 -38.42 32.92
N VAL A 247 -20.00 -38.65 33.90
CA VAL A 247 -19.71 -38.16 35.22
C VAL A 247 -20.19 -39.20 36.18
N VAL A 248 -19.49 -39.34 37.29
CA VAL A 248 -19.91 -40.26 38.36
C VAL A 248 -20.60 -39.43 39.41
N VAL A 249 -21.68 -40.01 39.96
CA VAL A 249 -22.56 -39.34 40.92
C VAL A 249 -23.04 -40.19 42.12
N PRO A 250 -23.27 -39.56 43.29
CA PRO A 250 -23.92 -40.24 44.40
C PRO A 250 -25.29 -40.83 44.02
N SER A 251 -25.59 -42.06 44.45
CA SER A 251 -26.81 -42.76 44.03
C SER A 251 -28.05 -42.16 44.64
N GLY A 252 -29.10 -41.96 43.82
CA GLY A 252 -30.34 -41.27 44.24
C GLY A 252 -30.36 -39.76 44.00
N GLN A 253 -29.30 -39.23 43.40
CA GLN A 253 -29.16 -37.79 43.14
C GLN A 253 -28.98 -37.49 41.65
N GLU A 254 -29.47 -38.39 40.80
CA GLU A 254 -29.34 -38.27 39.35
C GLU A 254 -30.16 -37.12 38.83
N GLN A 255 -31.27 -36.82 39.50
CA GLN A 255 -32.19 -35.73 39.14
C GLN A 255 -31.53 -34.36 39.23
N ARG A 256 -30.57 -34.24 40.15
CA ARG A 256 -29.67 -33.07 40.25
C ARG A 256 -28.73 -32.80 39.05
N TYR A 257 -28.56 -33.75 38.15
CA TYR A 257 -27.57 -33.67 37.08
C TYR A 257 -28.20 -33.60 35.73
N THR A 258 -27.76 -32.61 34.94
CA THR A 258 -28.26 -32.37 33.58
C THR A 258 -27.11 -32.26 32.59
N CYS A 259 -27.31 -32.82 31.40
CA CYS A 259 -26.31 -32.78 30.32
C CYS A 259 -26.64 -31.68 29.29
N HIS A 260 -25.77 -30.68 29.19
CA HIS A 260 -26.00 -29.53 28.31
C HIS A 260 -25.34 -29.86 26.95
N VAL A 261 -26.16 -30.00 25.90
CA VAL A 261 -25.65 -30.28 24.53
C VAL A 261 -25.77 -29.04 23.66
N GLN A 262 -24.62 -28.54 23.19
CA GLN A 262 -24.56 -27.34 22.33
C GLN A 262 -23.95 -27.68 20.97
N HIS A 263 -24.71 -27.41 19.91
CA HIS A 263 -24.31 -27.74 18.56
C HIS A 263 -24.97 -26.80 17.58
N GLU A 264 -24.27 -26.57 16.48
CA GLU A 264 -24.72 -25.70 15.41
C GLU A 264 -26.10 -26.04 14.80
N GLY A 265 -26.38 -27.33 14.64
CA GLY A 265 -27.62 -27.80 14.00
C GLY A 265 -28.84 -28.00 14.87
N LEU A 266 -28.85 -27.47 16.10
CA LEU A 266 -30.00 -27.50 17.01
C LEU A 266 -30.59 -26.09 17.15
N PRO A 267 -31.95 -25.92 17.06
CA PRO A 267 -32.50 -24.57 17.27
C PRO A 267 -31.97 -23.89 18.54
N LYS A 268 -32.27 -24.49 19.71
CA LYS A 268 -31.73 -24.07 21.04
C LYS A 268 -30.87 -25.20 21.58
N PRO A 269 -29.85 -24.87 22.43
CA PRO A 269 -29.20 -25.90 23.26
C PRO A 269 -30.18 -26.87 23.99
N LEU A 270 -29.96 -28.18 23.89
CA LEU A 270 -30.68 -29.20 24.69
C LEU A 270 -30.11 -29.37 26.11
N THR A 271 -30.94 -29.91 27.00
CA THR A 271 -30.57 -30.29 28.37
C THR A 271 -31.32 -31.56 28.74
N LEU A 272 -30.63 -32.67 28.97
CA LEU A 272 -31.25 -33.91 29.36
C LEU A 272 -30.99 -34.20 30.83
N ARG A 273 -32.03 -34.67 31.52
CA ARG A 273 -31.96 -35.22 32.87
C ARG A 273 -32.11 -36.69 32.69
N TRP A 274 -31.80 -37.45 33.73
CA TRP A 274 -31.94 -38.90 33.65
C TRP A 274 -33.38 -39.28 34.03
N GLU A 275 -34.22 -39.40 33.01
CA GLU A 275 -35.64 -39.73 33.21
C GLU A 275 -35.64 -41.13 33.88
N PRO A 276 -36.33 -41.28 35.05
CA PRO A 276 -36.10 -42.33 36.05
C PRO A 276 -35.39 -43.60 35.60
N MET B 1 13.57 -37.43 17.54
CA MET B 1 12.36 -38.24 17.19
C MET B 1 11.43 -38.30 18.42
N ILE B 2 10.26 -37.69 18.24
CA ILE B 2 9.32 -37.49 19.33
C ILE B 2 8.36 -38.67 19.21
N GLN B 3 8.35 -39.54 20.20
CA GLN B 3 7.55 -40.76 20.18
C GLN B 3 6.26 -40.53 20.95
N ARG B 4 5.12 -40.86 20.35
CA ARG B 4 3.81 -40.73 21.00
C ARG B 4 2.94 -41.98 20.82
N THR B 5 2.33 -42.41 21.90
CA THR B 5 1.59 -43.64 21.89
C THR B 5 0.10 -43.35 21.61
N PRO B 6 -0.55 -44.24 20.81
CA PRO B 6 -1.90 -44.02 20.34
C PRO B 6 -3.02 -44.19 21.38
N LYS B 7 -4.18 -43.58 21.11
CA LYS B 7 -5.39 -43.66 21.91
C LYS B 7 -6.46 -44.34 21.06
N ILE B 8 -6.74 -45.58 21.42
CA ILE B 8 -7.61 -46.45 20.71
C ILE B 8 -9.00 -46.31 21.30
N GLN B 9 -9.98 -46.04 20.42
CA GLN B 9 -11.39 -46.26 20.73
C GLN B 9 -11.99 -47.31 19.78
N VAL B 10 -12.89 -48.16 20.33
CA VAL B 10 -13.60 -49.16 19.51
C VAL B 10 -15.09 -49.08 19.68
N TYR B 11 -15.81 -48.96 18.58
CA TYR B 11 -17.23 -48.61 18.67
C TYR B 11 -17.96 -48.95 17.37
N SER B 12 -19.30 -48.88 17.37
CA SER B 12 -20.04 -49.17 16.15
C SER B 12 -20.53 -47.87 15.54
N ARG B 13 -20.66 -47.88 14.22
CA ARG B 13 -21.21 -46.74 13.50
C ARG B 13 -22.58 -46.43 13.99
N HIS B 14 -23.46 -47.43 13.99
CA HIS B 14 -24.85 -47.30 14.45
C HIS B 14 -24.97 -47.98 15.79
N PRO B 15 -25.98 -47.61 16.60
CA PRO B 15 -26.16 -48.34 17.87
C PRO B 15 -26.36 -49.84 17.59
N ALA B 16 -25.58 -50.69 18.25
CA ALA B 16 -25.58 -52.12 17.92
C ALA B 16 -26.79 -52.88 18.44
N GLU B 17 -27.37 -53.64 17.51
CA GLU B 17 -28.46 -54.57 17.77
C GLU B 17 -28.06 -55.96 17.23
N ASN B 18 -28.27 -56.99 18.04
CA ASN B 18 -27.92 -58.35 17.66
C ASN B 18 -28.72 -58.81 16.44
N GLY B 19 -28.02 -59.31 15.43
CA GLY B 19 -28.66 -59.71 14.16
C GLY B 19 -28.84 -58.64 13.09
N LYS B 20 -28.77 -57.36 13.42
CA LYS B 20 -28.78 -56.29 12.42
C LYS B 20 -27.32 -55.95 11.98
N SER B 21 -27.12 -55.86 10.67
CA SER B 21 -25.86 -55.46 10.06
C SER B 21 -25.33 -54.03 10.50
N ASN B 22 -24.02 -53.84 10.61
CA ASN B 22 -23.43 -52.59 11.14
C ASN B 22 -22.01 -52.38 10.56
N PHE B 23 -21.27 -51.42 11.08
CA PHE B 23 -19.83 -51.35 10.89
C PHE B 23 -19.17 -51.21 12.26
N LEU B 24 -18.02 -51.87 12.41
CA LEU B 24 -17.20 -51.77 13.62
C LEU B 24 -16.00 -50.91 13.29
N ASN B 25 -15.85 -49.82 14.02
CA ASN B 25 -14.78 -48.90 13.80
C ASN B 25 -13.77 -49.10 14.91
N CYS B 26 -12.48 -49.02 14.53
CA CYS B 26 -11.37 -48.79 15.46
C CYS B 26 -10.62 -47.51 15.12
N TYR B 27 -10.64 -46.52 15.99
CA TYR B 27 -10.12 -45.16 15.69
C TYR B 27 -8.87 -44.97 16.51
N VAL B 28 -7.70 -44.94 15.87
CA VAL B 28 -6.46 -44.75 16.64
C VAL B 28 -5.97 -43.33 16.36
N SER B 29 -5.60 -42.61 17.42
CA SER B 29 -5.20 -41.23 17.29
C SER B 29 -4.13 -40.83 18.30
N GLY B 30 -3.45 -39.69 18.02
CA GLY B 30 -2.53 -39.05 18.95
C GLY B 30 -1.14 -39.62 18.91
N PHE B 31 -0.77 -40.26 17.81
CA PHE B 31 0.49 -41.04 17.76
C PHE B 31 1.55 -40.50 16.79
N HIS B 32 2.80 -40.89 17.04
CA HIS B 32 3.93 -40.50 16.21
C HIS B 32 5.00 -41.49 16.54
N PRO B 33 5.78 -41.99 15.60
CA PRO B 33 5.63 -41.79 14.16
C PRO B 33 4.41 -42.58 13.59
N SER B 34 4.30 -42.57 12.26
CA SER B 34 3.16 -43.13 11.55
C SER B 34 3.12 -44.63 11.38
N ASP B 35 4.24 -45.34 11.54
CA ASP B 35 4.17 -46.82 11.37
C ASP B 35 3.32 -47.37 12.49
N ILE B 36 2.09 -47.70 12.16
CA ILE B 36 1.17 -48.33 13.06
C ILE B 36 0.60 -49.54 12.38
N GLU B 37 0.43 -50.62 13.16
CA GLU B 37 -0.16 -51.88 12.69
C GLU B 37 -1.47 -51.98 13.44
N VAL B 38 -2.57 -52.24 12.75
CA VAL B 38 -3.91 -52.31 13.40
C VAL B 38 -4.77 -53.43 12.82
N ASP B 39 -5.20 -54.36 13.68
CA ASP B 39 -6.12 -55.43 13.29
C ASP B 39 -7.44 -55.37 14.06
N LEU B 40 -8.52 -55.65 13.35
CA LEU B 40 -9.80 -55.92 13.99
C LEU B 40 -9.91 -57.42 14.16
N LEU B 41 -10.24 -57.83 15.38
CA LEU B 41 -10.39 -59.21 15.76
C LEU B 41 -11.85 -59.62 15.93
N LYS B 42 -12.22 -60.82 15.48
CA LYS B 42 -13.49 -61.48 15.82
C LYS B 42 -13.18 -62.79 16.56
N ASN B 43 -13.37 -62.84 17.89
CA ASN B 43 -12.95 -63.98 18.73
C ASN B 43 -11.45 -64.25 18.50
N GLY B 44 -10.61 -63.23 18.67
CA GLY B 44 -9.13 -63.37 18.54
C GLY B 44 -8.52 -63.73 17.19
N GLU B 45 -9.34 -63.89 16.14
CA GLU B 45 -8.89 -64.16 14.76
C GLU B 45 -9.08 -62.91 13.94
N ARG B 46 -8.03 -62.48 13.28
CA ARG B 46 -8.02 -61.28 12.44
C ARG B 46 -9.12 -61.31 11.36
N ILE B 47 -9.79 -60.18 11.14
CA ILE B 47 -10.87 -60.08 10.14
C ILE B 47 -10.25 -59.64 8.81
N GLU B 48 -10.80 -60.09 7.69
CA GLU B 48 -10.07 -59.95 6.43
C GLU B 48 -10.40 -58.72 5.54
N LYS B 49 -11.63 -58.23 5.58
CA LYS B 49 -12.09 -57.20 4.64
C LYS B 49 -12.06 -55.81 5.34
N VAL B 50 -10.87 -55.43 5.78
CA VAL B 50 -10.73 -54.28 6.69
C VAL B 50 -10.26 -53.10 5.87
N GLU B 51 -11.00 -52.01 5.83
CA GLU B 51 -10.54 -50.81 5.16
C GLU B 51 -10.12 -49.75 6.15
N HIS B 52 -9.34 -48.78 5.68
CA HIS B 52 -8.89 -47.68 6.51
C HIS B 52 -8.83 -46.32 5.82
N SER B 53 -8.82 -45.26 6.62
CA SER B 53 -8.88 -43.92 6.08
C SER B 53 -7.50 -43.43 5.64
N ASP B 54 -7.46 -42.38 4.83
CA ASP B 54 -6.19 -41.79 4.48
C ASP B 54 -5.56 -41.12 5.69
N LEU B 55 -4.25 -41.27 5.81
CA LEU B 55 -3.53 -40.75 6.94
C LEU B 55 -3.57 -39.24 6.95
N SER B 56 -3.77 -38.69 8.15
CA SER B 56 -3.88 -37.26 8.36
C SER B 56 -3.54 -36.99 9.78
N PHE B 57 -3.57 -35.73 10.19
CA PHE B 57 -3.01 -35.34 11.49
C PHE B 57 -3.57 -34.02 12.02
N SER B 58 -3.49 -33.88 13.35
CA SER B 58 -4.09 -32.77 14.08
C SER B 58 -3.07 -31.62 14.23
N LYS B 59 -3.46 -30.58 14.97
CA LYS B 59 -2.68 -29.37 15.07
C LYS B 59 -1.33 -29.66 15.69
N ASP B 60 -1.27 -30.53 16.67
CA ASP B 60 -0.01 -30.83 17.38
C ASP B 60 0.88 -31.84 16.62
N TRP B 61 0.55 -32.11 15.36
CA TRP B 61 1.28 -32.99 14.44
C TRP B 61 1.17 -34.49 14.61
N SER B 62 0.31 -34.96 15.49
CA SER B 62 0.12 -36.39 15.76
C SER B 62 -0.94 -36.94 14.83
N PHE B 63 -0.77 -38.20 14.46
CA PHE B 63 -1.58 -38.82 13.39
C PHE B 63 -2.86 -39.43 13.91
N TYR B 64 -3.83 -39.64 13.00
CA TYR B 64 -5.02 -40.41 13.29
C TYR B 64 -5.46 -41.22 12.06
N LEU B 65 -5.96 -42.41 12.31
CA LEU B 65 -6.56 -43.30 11.29
C LEU B 65 -7.87 -43.87 11.74
N LEU B 66 -8.78 -44.09 10.82
CA LEU B 66 -9.99 -44.90 11.10
C LEU B 66 -9.90 -46.22 10.40
N TYR B 67 -9.99 -47.32 11.16
CA TYR B 67 -10.07 -48.70 10.62
C TYR B 67 -11.51 -49.27 10.77
N TYR B 68 -12.18 -49.64 9.69
CA TYR B 68 -13.59 -50.09 9.76
C TYR B 68 -13.92 -51.36 8.94
N THR B 69 -14.97 -52.08 9.33
CA THR B 69 -15.35 -53.35 8.72
C THR B 69 -16.87 -53.62 8.81
N GLU B 70 -17.46 -54.27 7.82
CA GLU B 70 -18.85 -54.72 7.92
C GLU B 70 -18.89 -55.86 8.96
N PHE B 71 -19.82 -55.81 9.90
CA PHE B 71 -20.08 -56.92 10.84
C PHE B 71 -21.56 -57.05 11.29
N THR B 72 -21.92 -58.24 11.78
CA THR B 72 -23.18 -58.49 12.44
C THR B 72 -22.93 -58.88 13.91
N PRO B 73 -23.32 -58.00 14.87
CA PRO B 73 -23.06 -58.35 16.27
C PRO B 73 -24.07 -59.37 16.76
N THR B 74 -23.60 -60.43 17.43
CA THR B 74 -24.46 -61.38 18.11
C THR B 74 -23.86 -61.60 19.50
N GLU B 75 -24.67 -61.85 20.51
CA GLU B 75 -24.17 -61.98 21.90
C GLU B 75 -22.80 -62.68 22.11
N LYS B 76 -22.75 -63.92 21.64
CA LYS B 76 -21.58 -64.83 21.73
C LYS B 76 -20.26 -64.36 21.07
N ASP B 77 -20.30 -63.66 19.93
CA ASP B 77 -19.08 -63.17 19.25
C ASP B 77 -18.42 -62.07 20.07
N GLU B 78 -17.11 -62.11 20.24
CA GLU B 78 -16.44 -60.98 20.87
C GLU B 78 -15.47 -60.36 19.93
N TYR B 79 -15.67 -59.05 19.73
CA TYR B 79 -14.88 -58.23 18.85
C TYR B 79 -13.90 -57.36 19.66
N ALA B 80 -12.83 -56.92 18.98
CA ALA B 80 -11.72 -56.20 19.58
C ALA B 80 -10.81 -55.65 18.52
N CYS B 81 -9.88 -54.79 18.96
CA CYS B 81 -8.95 -54.08 18.09
C CYS B 81 -7.54 -54.23 18.65
N ARG B 82 -6.64 -54.77 17.83
CA ARG B 82 -5.27 -55.04 18.25
C ARG B 82 -4.29 -54.09 17.56
N VAL B 83 -3.49 -53.39 18.34
CA VAL B 83 -2.62 -52.34 17.81
C VAL B 83 -1.22 -52.49 18.31
N ASN B 84 -0.26 -52.43 17.38
CA ASN B 84 1.14 -52.40 17.72
C ASN B 84 1.77 -51.15 17.09
N HIS B 85 2.71 -50.58 17.81
CA HIS B 85 3.37 -49.33 17.45
C HIS B 85 4.74 -49.41 18.13
N VAL B 86 5.66 -48.52 17.79
CA VAL B 86 6.96 -48.56 18.48
C VAL B 86 6.91 -48.17 19.99
N THR B 87 5.93 -47.38 20.39
CA THR B 87 5.82 -46.95 21.79
C THR B 87 5.29 -47.99 22.76
N LEU B 88 4.52 -48.94 22.25
CA LEU B 88 3.96 -50.00 23.06
C LEU B 88 4.86 -51.24 23.09
N SER B 89 5.27 -51.68 24.27
CA SER B 89 6.21 -52.81 24.34
C SER B 89 5.60 -54.18 24.02
N GLN B 90 4.28 -54.25 23.88
CA GLN B 90 3.61 -55.42 23.28
C GLN B 90 2.30 -54.95 22.68
N PRO B 91 1.76 -55.75 21.71
CA PRO B 91 0.52 -55.27 21.11
C PRO B 91 -0.53 -55.03 22.20
N LYS B 92 -1.48 -54.16 21.89
CA LYS B 92 -2.45 -53.69 22.87
C LYS B 92 -3.85 -53.95 22.32
N ILE B 93 -4.59 -54.76 23.07
CA ILE B 93 -5.96 -55.15 22.68
C ILE B 93 -6.98 -54.27 23.42
N VAL B 94 -7.98 -53.80 22.69
CA VAL B 94 -9.11 -53.10 23.29
C VAL B 94 -10.43 -53.80 22.85
N LYS B 95 -11.12 -54.45 23.81
CA LYS B 95 -12.36 -55.18 23.53
C LYS B 95 -13.50 -54.19 23.27
N TRP B 96 -14.44 -54.55 22.38
CA TRP B 96 -15.58 -53.70 22.04
C TRP B 96 -16.68 -53.87 23.07
N ASP B 97 -16.99 -52.79 23.79
CA ASP B 97 -18.03 -52.78 24.81
C ASP B 97 -19.22 -52.09 24.21
N ARG B 98 -20.42 -52.68 24.33
CA ARG B 98 -21.61 -52.14 23.64
C ARG B 98 -22.07 -50.68 24.06
N ASP B 99 -21.47 -50.08 25.13
CA ASP B 99 -21.83 -48.72 25.68
C ASP B 99 -20.61 -47.86 26.11
N MET B 100 -19.57 -47.89 25.25
CA MET B 100 -18.45 -46.90 25.28
C MET B 100 -18.00 -46.43 23.84
N SER C 1 -7.28 -24.79 -4.15
CA SER C 1 -7.12 -26.01 -4.95
C SER C 1 -5.83 -26.46 -4.37
N LEU C 2 -4.70 -25.86 -4.63
CA LEU C 2 -3.48 -26.51 -4.19
C LEU C 2 -2.42 -25.64 -4.73
N TYR C 3 -1.45 -25.28 -3.90
CA TYR C 3 -0.50 -24.25 -4.27
C TYR C 3 0.51 -24.76 -5.33
N ASN C 4 0.84 -23.93 -6.29
CA ASN C 4 1.82 -24.31 -7.31
C ASN C 4 3.27 -24.23 -6.82
N THR C 5 3.75 -23.04 -6.47
CA THR C 5 5.17 -22.76 -6.28
C THR C 5 5.69 -22.99 -4.83
N VAL C 6 5.51 -24.23 -4.35
CA VAL C 6 5.86 -24.66 -3.02
C VAL C 6 7.32 -24.86 -2.92
N ALA C 7 7.92 -24.30 -1.88
CA ALA C 7 9.32 -24.08 -1.87
C ALA C 7 10.04 -25.14 -1.09
N THR C 8 11.25 -25.44 -1.55
CA THR C 8 12.17 -26.31 -0.83
C THR C 8 12.87 -25.55 0.22
N LEU C 9 13.44 -26.32 1.14
CA LEU C 9 14.34 -25.79 2.22
C LEU C 9 15.70 -25.11 1.77
N LYS D 1 -2.96 -14.83 -27.25
CA LYS D 1 -4.43 -14.62 -26.95
C LYS D 1 -4.87 -14.92 -25.45
N GLU D 2 -4.02 -15.52 -24.61
CA GLU D 2 -4.35 -15.59 -23.18
C GLU D 2 -3.91 -14.34 -22.43
N VAL D 3 -2.90 -13.67 -22.96
CA VAL D 3 -2.27 -12.47 -22.39
C VAL D 3 -2.00 -11.56 -23.57
N GLU D 4 -2.35 -10.30 -23.47
CA GLU D 4 -2.53 -9.44 -24.62
C GLU D 4 -1.77 -8.13 -24.46
N GLN D 5 -1.06 -7.72 -25.52
CA GLN D 5 -0.30 -6.48 -25.59
C GLN D 5 -0.38 -5.87 -26.96
N ASN D 6 -0.40 -4.54 -27.10
CA ASN D 6 -0.19 -3.97 -28.44
C ASN D 6 1.31 -3.95 -28.76
N SER D 7 1.63 -4.29 -30.01
CA SER D 7 2.98 -4.38 -30.52
C SER D 7 3.71 -3.04 -30.59
N GLY D 8 2.96 -1.96 -30.79
CA GLY D 8 3.56 -0.63 -30.94
C GLY D 8 3.96 -0.46 -32.39
N PRO D 9 5.01 0.32 -32.71
CA PRO D 9 5.88 0.98 -31.74
C PRO D 9 5.21 2.00 -30.87
N LEU D 10 5.80 2.22 -29.73
CA LEU D 10 5.40 3.19 -28.81
C LEU D 10 6.60 4.13 -28.68
N SER D 11 6.34 5.41 -28.76
CA SER D 11 7.39 6.36 -28.82
C SER D 11 7.30 7.31 -27.63
N VAL D 12 8.44 7.62 -27.04
CA VAL D 12 8.50 8.40 -25.83
C VAL D 12 9.70 9.28 -25.95
N PRO D 13 9.54 10.59 -25.73
CA PRO D 13 10.74 11.37 -25.79
C PRO D 13 11.70 11.19 -24.58
N GLU D 14 12.99 11.31 -24.84
CA GLU D 14 14.02 11.08 -23.84
C GLU D 14 13.77 11.97 -22.64
N GLY D 15 13.75 11.36 -21.48
CA GLY D 15 13.48 12.01 -20.22
C GLY D 15 12.06 11.94 -19.69
N ALA D 16 11.12 11.35 -20.44
CA ALA D 16 9.71 11.49 -20.14
C ALA D 16 9.21 10.16 -19.77
N ILE D 17 8.06 10.11 -19.09
CA ILE D 17 7.55 8.86 -18.60
C ILE D 17 6.97 8.04 -19.75
N ALA D 18 7.42 6.79 -19.85
CA ALA D 18 6.86 5.79 -20.77
C ALA D 18 5.80 4.96 -20.09
N SER D 19 4.80 4.50 -20.80
CA SER D 19 3.77 3.62 -20.15
C SER D 19 3.37 2.47 -21.04
N LEU D 20 3.36 1.27 -20.49
CA LEU D 20 3.02 0.08 -21.25
C LEU D 20 1.96 -0.70 -20.51
N ASN D 21 0.92 -1.12 -21.22
CA ASN D 21 -0.07 -1.97 -20.64
C ASN D 21 -0.07 -3.34 -21.20
N CYS D 22 -0.76 -4.19 -20.47
CA CYS D 22 -0.91 -5.59 -20.79
C CYS D 22 -2.19 -6.09 -20.10
N THR D 23 -3.02 -6.82 -20.81
CA THR D 23 -4.22 -7.40 -20.19
C THR D 23 -4.21 -8.90 -20.35
N TYR D 24 -4.90 -9.59 -19.45
CA TYR D 24 -4.91 -11.05 -19.47
C TYR D 24 -6.33 -11.54 -19.19
N SER D 25 -6.67 -12.79 -19.44
CA SER D 25 -8.06 -13.21 -19.22
C SER D 25 -8.31 -14.30 -18.20
N ASP D 26 -7.40 -15.27 -18.02
CA ASP D 26 -7.53 -16.31 -16.94
C ASP D 26 -7.60 -15.64 -15.59
N ARG D 27 -8.70 -15.88 -14.85
CA ARG D 27 -8.92 -15.32 -13.52
C ARG D 27 -8.01 -15.95 -12.48
N GLY D 28 -7.49 -17.13 -12.76
CA GLY D 28 -6.57 -17.78 -11.85
C GLY D 28 -5.12 -17.39 -12.01
N SER D 29 -4.85 -16.37 -12.83
CA SER D 29 -3.53 -15.80 -12.96
C SER D 29 -3.15 -15.28 -11.59
N GLN D 30 -2.03 -15.76 -11.06
CA GLN D 30 -1.54 -15.42 -9.70
C GLN D 30 -0.22 -14.70 -9.67
N SER D 31 0.58 -14.83 -10.72
CA SER D 31 1.94 -14.27 -10.73
C SER D 31 2.42 -13.61 -12.02
N PHE D 32 3.02 -12.44 -11.86
CA PHE D 32 3.25 -11.54 -12.97
C PHE D 32 4.66 -11.04 -13.12
N PHE D 33 5.12 -10.99 -14.37
CA PHE D 33 6.50 -10.67 -14.63
C PHE D 33 6.59 -9.75 -15.82
N TRP D 34 7.50 -8.77 -15.76
CA TRP D 34 7.89 -8.01 -16.95
C TRP D 34 9.31 -8.41 -17.31
N TYR D 35 9.53 -8.62 -18.61
CA TYR D 35 10.82 -8.93 -19.18
C TYR D 35 11.17 -7.96 -20.26
N ARG D 36 12.44 -7.74 -20.49
CA ARG D 36 12.90 -6.78 -21.48
C ARG D 36 13.81 -7.39 -22.50
N GLN D 37 13.59 -7.13 -23.78
CA GLN D 37 14.31 -7.81 -24.84
C GLN D 37 14.90 -6.86 -25.86
N TYR D 38 16.21 -6.78 -25.91
CA TYR D 38 16.93 -5.91 -26.81
C TYR D 38 16.98 -6.64 -28.12
N SER D 39 16.90 -5.93 -29.24
CA SER D 39 17.15 -6.54 -30.54
C SER D 39 18.29 -7.55 -30.49
N GLY D 40 18.06 -8.75 -31.01
CA GLY D 40 19.13 -9.72 -31.19
C GLY D 40 19.46 -10.53 -29.98
N LYS D 41 18.74 -10.34 -28.88
CA LYS D 41 19.14 -10.89 -27.59
C LYS D 41 17.97 -11.65 -26.93
N SER D 42 18.19 -12.15 -25.73
CA SER D 42 17.16 -12.80 -24.95
C SER D 42 16.43 -11.86 -24.05
N PRO D 43 15.29 -12.31 -23.48
CA PRO D 43 14.54 -11.59 -22.47
C PRO D 43 15.29 -11.56 -21.18
N GLU D 44 15.27 -10.43 -20.45
CA GLU D 44 15.82 -10.24 -19.06
C GLU D 44 14.74 -9.78 -18.10
N LEU D 45 14.58 -10.50 -16.98
CA LEU D 45 13.60 -10.18 -15.94
C LEU D 45 13.88 -8.84 -15.38
N ILE D 46 12.94 -7.90 -15.49
CA ILE D 46 13.14 -6.61 -14.86
C ILE D 46 12.28 -6.38 -13.65
N MET D 47 11.19 -7.07 -13.50
CA MET D 47 10.36 -6.89 -12.32
C MET D 47 9.35 -8.00 -12.23
N PHE D 48 9.26 -8.59 -11.05
CA PHE D 48 8.20 -9.51 -10.76
C PHE D 48 7.26 -8.77 -9.84
N ILE D 49 5.98 -9.13 -9.97
CA ILE D 49 4.94 -8.65 -9.05
C ILE D 49 4.01 -9.80 -8.68
N TYR D 50 3.89 -10.08 -7.39
CA TYR D 50 3.19 -11.23 -6.85
C TYR D 50 1.87 -10.86 -6.11
N SER D 51 1.77 -9.59 -5.66
CA SER D 51 0.59 -8.96 -5.01
C SER D 51 -0.11 -7.84 -5.80
N ASN D 52 -1.43 -7.80 -5.74
CA ASN D 52 -2.26 -6.73 -6.30
C ASN D 52 -1.79 -5.36 -5.80
N GLY D 53 -1.80 -4.34 -6.62
CA GLY D 53 -1.34 -3.00 -6.21
C GLY D 53 -0.16 -2.46 -7.03
N ASP D 54 0.56 -1.52 -6.45
CA ASP D 54 1.75 -0.92 -7.07
C ASP D 54 3.08 -1.34 -6.43
N LYS D 55 4.10 -1.51 -7.27
CA LYS D 55 5.46 -1.87 -6.87
C LYS D 55 6.46 -0.94 -7.57
N GLU D 56 7.18 -0.11 -6.83
CA GLU D 56 8.25 0.75 -7.40
C GLU D 56 9.58 0.01 -7.30
N ASP D 57 10.47 0.20 -8.27
CA ASP D 57 11.87 -0.27 -8.22
C ASP D 57 12.77 0.60 -9.11
N GLY D 58 13.45 1.55 -8.48
CA GLY D 58 14.26 2.50 -9.19
C GLY D 58 13.38 3.28 -10.16
N ARG D 59 13.76 3.30 -11.42
CA ARG D 59 12.98 4.03 -12.38
C ARG D 59 11.68 3.33 -12.77
N PHE D 60 11.55 2.02 -12.50
CA PHE D 60 10.41 1.18 -12.95
C PHE D 60 9.23 1.06 -11.92
N THR D 61 7.98 1.23 -12.34
CA THR D 61 6.82 1.00 -11.47
C THR D 61 5.78 0.09 -12.14
N ALA D 62 5.41 -1.02 -11.52
CA ALA D 62 4.35 -1.89 -12.02
C ALA D 62 3.09 -1.57 -11.26
N GLN D 63 1.94 -1.66 -11.91
CA GLN D 63 0.65 -1.47 -11.25
C GLN D 63 -0.13 -2.70 -11.64
N LEU D 64 -0.61 -3.46 -10.68
CA LEU D 64 -1.39 -4.69 -10.96
C LEU D 64 -2.78 -4.50 -10.41
N ASN D 65 -3.75 -4.93 -11.21
CA ASN D 65 -5.13 -4.90 -10.82
C ASN D 65 -5.81 -6.19 -11.26
N LYS D 66 -6.14 -7.11 -10.34
CA LYS D 66 -6.70 -8.41 -10.76
C LYS D 66 -8.22 -8.34 -10.93
N ALA D 67 -8.88 -7.39 -10.29
CA ALA D 67 -10.31 -7.23 -10.48
C ALA D 67 -10.57 -6.91 -11.94
N SER D 68 -9.72 -6.04 -12.52
CA SER D 68 -9.86 -5.55 -13.89
C SER D 68 -8.96 -6.23 -14.92
N GLN D 69 -8.00 -7.02 -14.46
CA GLN D 69 -7.14 -7.86 -15.27
C GLN D 69 -6.31 -7.06 -16.27
N TYR D 70 -5.51 -6.15 -15.68
CA TYR D 70 -4.40 -5.53 -16.38
C TYR D 70 -3.21 -5.38 -15.49
N ILE D 71 -2.03 -5.28 -16.06
CA ILE D 71 -0.79 -4.81 -15.35
C ILE D 71 -0.23 -3.72 -16.24
N SER D 72 0.06 -2.56 -15.66
CA SER D 72 0.81 -1.48 -16.27
C SER D 72 2.26 -1.65 -15.88
N LEU D 73 3.14 -1.11 -16.69
CA LEU D 73 4.54 -0.81 -16.34
C LEU D 73 4.85 0.62 -16.78
N LEU D 74 5.22 1.50 -15.85
CA LEU D 74 5.72 2.85 -16.16
C LEU D 74 7.21 2.88 -15.99
N ILE D 75 7.89 3.64 -16.86
CA ILE D 75 9.31 3.89 -16.80
C ILE D 75 9.61 5.35 -16.74
N ARG D 76 10.07 5.80 -15.60
CA ARG D 76 10.38 7.20 -15.38
C ARG D 76 11.72 7.58 -16.01
N ASP D 77 11.88 8.84 -16.36
CA ASP D 77 13.17 9.38 -16.82
C ASP D 77 13.82 8.43 -17.85
N SER D 78 13.19 8.34 -19.00
CA SER D 78 13.54 7.40 -20.03
C SER D 78 14.85 7.71 -20.65
N LYS D 79 15.66 6.68 -20.85
CA LYS D 79 16.93 6.81 -21.50
C LYS D 79 16.87 6.10 -22.84
N LEU D 80 17.84 6.39 -23.69
CA LEU D 80 18.01 5.66 -24.94
C LEU D 80 18.22 4.16 -24.79
N SER D 81 18.93 3.72 -23.76
CA SER D 81 19.07 2.29 -23.55
C SER D 81 17.78 1.57 -23.04
N ASP D 82 16.66 2.29 -22.93
CA ASP D 82 15.38 1.66 -22.58
C ASP D 82 14.66 1.16 -23.80
N SER D 83 15.12 1.58 -24.98
CA SER D 83 14.50 1.17 -26.23
C SER D 83 14.74 -0.29 -26.39
N ALA D 84 13.64 -1.01 -26.56
CA ALA D 84 13.59 -2.44 -26.28
C ALA D 84 12.18 -2.87 -26.40
N THR D 85 11.99 -4.19 -26.50
CA THR D 85 10.67 -4.80 -26.50
C THR D 85 10.37 -5.22 -25.08
N TYR D 86 9.23 -4.84 -24.52
CA TYR D 86 8.82 -5.23 -23.15
C TYR D 86 7.71 -6.29 -23.23
N LEU D 87 8.03 -7.44 -22.67
CA LEU D 87 7.19 -8.59 -22.67
C LEU D 87 6.55 -8.76 -21.34
N CYS D 88 5.26 -8.87 -21.38
CA CYS D 88 4.43 -9.08 -20.25
C CYS D 88 4.28 -10.59 -20.05
N ALA D 89 4.16 -11.10 -18.83
CA ALA D 89 4.08 -12.57 -18.67
C ALA D 89 3.40 -13.05 -17.43
N VAL D 90 2.46 -14.00 -17.53
CA VAL D 90 1.78 -14.52 -16.33
C VAL D 90 1.94 -16.01 -16.09
N ARG D 91 2.07 -16.36 -14.81
CA ARG D 91 2.00 -17.73 -14.33
C ARG D 91 0.71 -17.94 -13.56
N THR D 92 -0.05 -18.96 -13.93
CA THR D 92 -1.35 -19.20 -13.35
C THR D 92 -1.13 -20.19 -12.20
N ASN D 93 -2.08 -20.35 -11.30
CA ASN D 93 -1.94 -21.32 -10.23
C ASN D 93 -2.05 -22.77 -10.65
N SER D 94 -2.36 -23.02 -11.93
CA SER D 94 -2.43 -24.36 -12.48
C SER D 94 -1.14 -25.11 -12.56
N GLY D 95 -0.02 -24.41 -12.68
CA GLY D 95 1.18 -24.99 -13.25
C GLY D 95 2.30 -23.99 -13.11
N TYR D 96 3.36 -24.23 -13.87
CA TYR D 96 4.65 -23.62 -13.68
C TYR D 96 5.10 -22.93 -14.99
N ALA D 97 4.25 -22.94 -16.03
CA ALA D 97 4.55 -22.33 -17.29
C ALA D 97 4.23 -20.84 -17.29
N LEU D 98 5.00 -20.08 -18.07
CA LEU D 98 4.77 -18.68 -18.24
C LEU D 98 3.92 -18.52 -19.50
N ASN D 99 2.90 -17.66 -19.44
CA ASN D 99 2.19 -17.26 -20.64
C ASN D 99 2.55 -15.82 -21.00
N PHE D 100 3.10 -15.63 -22.21
CA PHE D 100 3.73 -14.37 -22.60
C PHE D 100 2.88 -13.58 -23.56
N GLY D 101 2.97 -12.26 -23.47
CA GLY D 101 2.37 -11.39 -24.43
C GLY D 101 3.15 -11.32 -25.74
N LYS D 102 2.56 -10.69 -26.75
CA LYS D 102 3.17 -10.46 -28.03
C LYS D 102 4.43 -9.59 -27.92
N GLY D 103 4.49 -8.78 -26.86
CA GLY D 103 5.61 -7.88 -26.60
C GLY D 103 5.29 -6.50 -27.11
N THR D 104 5.40 -5.44 -26.30
CA THR D 104 5.26 -4.06 -26.82
C THR D 104 6.63 -3.44 -27.00
N SER D 105 6.86 -2.82 -28.12
CA SER D 105 8.16 -2.24 -28.42
C SER D 105 8.24 -0.73 -28.16
N LEU D 106 9.22 -0.30 -27.39
CA LEU D 106 9.45 1.12 -27.03
C LEU D 106 10.62 1.71 -27.83
N LEU D 107 10.42 2.83 -28.52
CA LEU D 107 11.58 3.59 -29.05
C LEU D 107 11.70 4.86 -28.27
N VAL D 108 12.83 5.13 -27.66
CA VAL D 108 13.04 6.47 -27.07
C VAL D 108 13.66 7.41 -28.13
N THR D 109 12.82 8.32 -28.63
CA THR D 109 13.18 9.46 -29.44
C THR D 109 14.18 10.35 -28.69
N PRO D 110 15.41 10.44 -29.19
CA PRO D 110 16.40 11.31 -28.56
C PRO D 110 16.17 12.76 -28.95
N HIS D 111 16.63 13.68 -28.10
CA HIS D 111 16.47 15.10 -28.37
C HIS D 111 17.71 15.73 -28.99
N ILE D 112 17.60 16.32 -30.17
CA ILE D 112 18.80 16.92 -30.76
C ILE D 112 18.86 18.36 -30.32
N GLN D 113 20.01 18.79 -29.78
CA GLN D 113 20.15 20.15 -29.26
C GLN D 113 20.15 21.08 -30.42
N LYS D 114 20.99 20.82 -31.42
CA LYS D 114 21.11 21.72 -32.61
C LYS D 114 21.10 20.86 -33.87
N PRO D 115 19.95 20.79 -34.57
CA PRO D 115 19.86 20.00 -35.78
C PRO D 115 20.65 20.64 -36.92
N ASP D 116 21.49 19.85 -37.61
CA ASP D 116 22.27 20.32 -38.73
C ASP D 116 22.09 19.38 -39.91
N PRO D 117 20.84 19.21 -40.36
CA PRO D 117 20.53 18.16 -41.32
C PRO D 117 21.42 18.24 -42.59
N ALA D 118 22.02 17.11 -42.95
CA ALA D 118 22.93 17.04 -44.09
C ALA D 118 23.04 15.63 -44.69
N VAL D 119 23.28 15.61 -46.01
CA VAL D 119 23.51 14.41 -46.78
C VAL D 119 24.95 14.43 -47.30
N TYR D 120 25.80 13.55 -46.80
CA TYR D 120 27.20 13.51 -47.27
C TYR D 120 27.44 12.28 -48.13
N GLN D 121 28.38 12.39 -49.05
CA GLN D 121 28.82 11.26 -49.85
C GLN D 121 30.12 10.68 -49.33
N LEU D 122 30.19 9.34 -49.27
CA LEU D 122 31.27 8.61 -48.62
C LEU D 122 31.82 7.59 -49.61
N ARG D 123 33.16 7.52 -49.77
CA ARG D 123 33.74 6.60 -50.75
C ARG D 123 34.35 5.34 -50.11
N ASP D 124 34.55 4.31 -50.94
CA ASP D 124 35.15 3.01 -50.55
C ASP D 124 36.67 3.11 -50.38
N SER D 125 37.18 2.47 -49.33
CA SER D 125 38.61 2.12 -49.22
C SER D 125 39.14 1.43 -50.50
N LYS D 126 38.56 0.29 -50.85
CA LYS D 126 39.07 -0.55 -51.95
C LYS D 126 38.98 0.14 -53.35
N SER D 127 37.77 0.38 -53.88
CA SER D 127 37.55 0.83 -55.27
C SER D 127 36.83 2.21 -55.26
N SER D 128 36.60 2.82 -56.44
CA SER D 128 35.87 4.13 -56.54
C SER D 128 34.35 3.93 -56.63
N ASP D 129 33.98 3.07 -57.60
CA ASP D 129 32.58 2.75 -57.96
C ASP D 129 31.61 2.61 -56.77
N LYS D 130 32.04 1.92 -55.70
CA LYS D 130 31.21 1.68 -54.50
C LYS D 130 31.05 2.99 -53.69
N SER D 131 29.79 3.42 -53.53
CA SER D 131 29.48 4.70 -52.94
C SER D 131 28.16 4.74 -52.21
N VAL D 132 28.21 5.48 -51.12
CA VAL D 132 27.17 5.49 -50.12
C VAL D 132 26.81 6.93 -49.73
N CYS D 133 25.55 7.11 -49.33
CA CYS D 133 24.98 8.43 -48.96
C CYS D 133 24.40 8.40 -47.57
N LEU D 134 24.93 9.27 -46.74
CA LEU D 134 24.64 9.32 -45.34
C LEU D 134 23.90 10.61 -45.04
N PHE D 135 22.65 10.46 -44.62
CA PHE D 135 21.78 11.56 -44.20
C PHE D 135 21.94 11.56 -42.71
N THR D 136 22.39 12.64 -42.10
CA THR D 136 22.80 12.64 -40.68
C THR D 136 22.41 13.98 -40.04
N ASP D 137 22.55 14.06 -38.72
CA ASP D 137 22.21 15.23 -37.89
C ASP D 137 20.82 15.87 -38.13
N PHE D 138 19.85 15.13 -38.60
CA PHE D 138 18.46 15.64 -38.67
C PHE D 138 17.79 15.43 -37.32
N ASP D 139 16.66 16.10 -37.06
CA ASP D 139 16.00 15.97 -35.74
C ASP D 139 14.94 14.87 -35.71
N SER D 140 14.54 14.53 -34.50
CA SER D 140 13.76 13.33 -34.27
C SER D 140 12.30 13.43 -34.81
N GLN D 141 11.89 14.55 -35.39
CA GLN D 141 10.57 14.70 -36.00
C GLN D 141 10.55 14.32 -37.51
N THR D 142 11.54 13.57 -38.02
CA THR D 142 11.66 13.31 -39.46
C THR D 142 11.61 11.81 -39.67
N ASN D 143 10.80 11.32 -40.59
CA ASN D 143 10.75 9.87 -40.93
C ASN D 143 11.65 9.67 -42.12
N VAL D 144 11.97 8.43 -42.44
CA VAL D 144 12.79 8.20 -43.61
C VAL D 144 12.14 7.07 -44.35
N SER D 145 11.46 7.38 -45.44
CA SER D 145 10.85 6.37 -46.31
C SER D 145 11.88 5.46 -46.97
N GLN D 146 11.53 4.18 -47.14
CA GLN D 146 12.23 3.35 -48.13
C GLN D 146 11.82 3.87 -49.49
N SER D 147 12.73 3.92 -50.46
CA SER D 147 12.39 4.31 -51.84
C SER D 147 11.62 3.16 -52.45
N LYS D 148 10.95 3.41 -53.55
CA LYS D 148 10.32 2.28 -54.26
C LYS D 148 10.95 2.00 -55.64
N ASP D 149 12.22 1.66 -55.60
CA ASP D 149 12.88 1.02 -56.77
C ASP D 149 13.91 0.09 -56.22
N SER D 150 13.71 -1.21 -56.47
CA SER D 150 14.52 -2.27 -55.86
C SER D 150 16.06 -2.21 -56.07
N ASP D 151 16.55 -1.37 -56.99
CA ASP D 151 17.99 -1.09 -57.10
C ASP D 151 18.54 -0.20 -55.97
N VAL D 152 17.70 0.48 -55.18
CA VAL D 152 18.14 1.59 -54.30
C VAL D 152 17.76 1.43 -52.81
N TYR D 153 18.70 0.92 -52.01
CA TYR D 153 18.41 0.47 -50.65
C TYR D 153 18.54 1.63 -49.70
N ILE D 154 17.59 1.76 -48.79
CA ILE D 154 17.63 2.78 -47.77
C ILE D 154 17.23 2.18 -46.42
N THR D 155 18.12 2.44 -45.48
CA THR D 155 17.97 1.99 -44.12
C THR D 155 16.98 2.85 -43.35
N ASP D 156 16.47 2.28 -42.26
CA ASP D 156 15.73 3.04 -41.30
C ASP D 156 16.69 3.92 -40.51
N LYS D 157 16.09 4.86 -39.79
CA LYS D 157 16.87 5.79 -39.01
C LYS D 157 17.46 5.08 -37.81
N CYS D 158 18.56 5.58 -37.33
CA CYS D 158 19.27 4.94 -36.24
C CYS D 158 20.00 6.03 -35.45
N VAL D 159 19.98 5.88 -34.14
CA VAL D 159 20.51 6.93 -33.25
C VAL D 159 21.79 6.44 -32.56
N LEU D 160 22.86 7.23 -32.66
CA LEU D 160 24.12 6.90 -32.04
C LEU D 160 24.38 7.91 -30.94
N ASP D 161 25.02 7.47 -29.88
CA ASP D 161 25.32 8.29 -28.72
C ASP D 161 26.82 8.31 -28.50
N MET D 162 27.48 9.42 -28.76
CA MET D 162 28.89 9.56 -28.40
C MET D 162 28.96 9.97 -26.93
N ARG D 163 29.41 9.10 -26.05
CA ARG D 163 29.26 9.33 -24.61
C ARG D 163 30.32 10.27 -24.02
N SER D 164 31.53 10.25 -24.58
CA SER D 164 32.58 11.23 -24.28
C SER D 164 32.13 12.68 -24.50
N MET D 165 31.80 13.02 -25.76
CA MET D 165 31.36 14.38 -26.13
C MET D 165 29.95 14.71 -25.60
N ASP D 166 29.19 13.67 -25.30
CA ASP D 166 27.82 13.76 -24.80
C ASP D 166 26.85 14.23 -25.85
N PHE D 167 26.97 13.62 -27.02
CA PHE D 167 26.39 14.09 -28.24
C PHE D 167 25.55 12.99 -28.88
N LYS D 168 24.40 13.34 -29.43
CA LYS D 168 23.48 12.37 -30.01
C LYS D 168 23.10 12.78 -31.40
N SER D 169 22.77 11.80 -32.20
CA SER D 169 22.81 11.96 -33.64
C SER D 169 21.96 10.88 -34.30
N ASN D 170 21.02 11.32 -35.13
CA ASN D 170 20.23 10.46 -36.00
C ASN D 170 20.99 10.30 -37.34
N SER D 171 20.70 9.21 -38.06
CA SER D 171 21.34 8.92 -39.35
C SER D 171 20.57 7.83 -40.08
N ALA D 172 20.50 7.96 -41.40
CA ALA D 172 20.11 6.85 -42.26
C ALA D 172 21.13 6.76 -43.38
N VAL D 173 21.19 5.60 -44.01
CA VAL D 173 22.15 5.31 -45.04
C VAL D 173 21.41 4.84 -46.29
N ALA D 174 21.93 5.25 -47.43
CA ALA D 174 21.34 4.94 -48.71
C ALA D 174 22.39 4.54 -49.73
N TRP D 175 22.14 3.44 -50.42
CA TRP D 175 23.06 3.03 -51.44
C TRP D 175 22.31 2.37 -52.60
N SER D 176 22.82 2.56 -53.79
CA SER D 176 22.59 1.65 -54.92
C SER D 176 23.95 1.33 -55.51
N ASN D 177 23.96 0.46 -56.51
CA ASN D 177 25.10 0.39 -57.44
C ASN D 177 24.81 1.20 -58.75
N LYS D 178 23.59 1.13 -59.31
CA LYS D 178 23.31 1.64 -60.67
C LYS D 178 23.87 3.06 -60.96
N SER D 179 24.52 3.21 -62.13
CA SER D 179 25.04 4.51 -62.69
C SER D 179 24.12 5.75 -62.43
N ASP D 180 22.80 5.60 -62.68
CA ASP D 180 21.81 6.69 -62.61
C ASP D 180 21.37 6.98 -61.17
N PHE D 181 22.31 7.31 -60.27
CA PHE D 181 22.05 7.50 -58.82
C PHE D 181 23.06 8.44 -58.15
N ALA D 182 22.55 9.41 -57.40
CA ALA D 182 23.40 10.36 -56.68
C ALA D 182 22.74 10.79 -55.37
N CYS D 183 23.47 11.52 -54.54
CA CYS D 183 23.03 11.83 -53.17
C CYS D 183 21.99 12.94 -53.12
N ALA D 184 21.99 13.82 -54.12
CA ALA D 184 20.86 14.69 -54.29
C ALA D 184 19.56 13.90 -54.63
N ASN D 185 19.67 12.76 -55.31
CA ASN D 185 18.55 11.93 -55.78
C ASN D 185 18.47 10.56 -55.00
N ALA D 186 18.81 10.55 -53.71
CA ALA D 186 18.49 9.48 -52.77
C ALA D 186 17.70 10.19 -51.69
N PHE D 187 16.75 9.54 -51.04
CA PHE D 187 15.90 10.21 -50.01
C PHE D 187 14.82 11.14 -50.54
N ASN D 188 14.39 10.92 -51.79
CA ASN D 188 13.37 11.75 -52.40
C ASN D 188 11.97 11.29 -52.03
N ASN D 189 11.78 10.04 -51.59
CA ASN D 189 10.50 9.63 -51.06
C ASN D 189 10.31 10.16 -49.63
N SER D 190 11.38 10.65 -48.99
CA SER D 190 11.29 11.24 -47.63
C SER D 190 10.91 12.73 -47.65
N ILE D 191 10.28 13.22 -46.59
CA ILE D 191 10.23 14.70 -46.35
C ILE D 191 11.54 15.12 -45.64
N ILE D 192 12.49 15.59 -46.45
CA ILE D 192 13.76 16.13 -46.00
C ILE D 192 13.50 17.57 -45.61
N PRO D 193 14.10 18.06 -44.51
CA PRO D 193 13.99 19.51 -44.16
C PRO D 193 14.36 20.44 -45.33
N GLU D 194 13.70 21.60 -45.45
CA GLU D 194 13.99 22.54 -46.57
C GLU D 194 15.48 22.91 -46.64
N ASP D 195 16.05 23.11 -45.44
CA ASP D 195 17.39 23.63 -45.17
C ASP D 195 18.53 22.58 -45.24
N THR D 196 18.25 21.36 -45.70
CA THR D 196 19.22 20.27 -45.67
C THR D 196 20.38 20.55 -46.63
N PHE D 197 21.59 20.26 -46.14
CA PHE D 197 22.89 20.68 -46.71
C PHE D 197 23.38 19.57 -47.64
N PHE D 198 23.52 19.87 -48.94
CA PHE D 198 23.91 18.91 -49.99
C PHE D 198 25.24 19.39 -50.57
N PRO D 199 26.37 19.10 -49.91
CA PRO D 199 27.67 19.58 -50.37
C PRO D 199 28.22 18.76 -51.56
N SER D 200 28.95 19.42 -52.48
CA SER D 200 29.19 18.87 -53.84
C SER D 200 29.84 17.50 -53.82
N PRO D 201 29.42 16.61 -54.75
CA PRO D 201 29.63 15.17 -54.52
C PRO D 201 31.13 14.76 -54.39
N ASP E 1 31.29 -22.29 -12.73
CA ASP E 1 30.07 -22.03 -11.88
C ASP E 1 29.11 -20.95 -12.50
N ALA E 2 28.76 -21.10 -13.80
CA ALA E 2 28.16 -19.99 -14.61
C ALA E 2 26.59 -19.89 -14.70
N GLY E 3 26.16 -19.01 -15.63
CA GLY E 3 24.76 -18.71 -15.93
C GLY E 3 24.17 -19.74 -16.86
N VAL E 4 23.02 -19.40 -17.42
CA VAL E 4 22.35 -20.32 -18.35
C VAL E 4 23.13 -20.37 -19.65
N THR E 5 23.19 -21.53 -20.26
CA THR E 5 24.01 -21.68 -21.44
C THR E 5 23.26 -22.51 -22.48
N GLN E 6 23.43 -22.19 -23.77
CA GLN E 6 22.79 -23.00 -24.79
C GLN E 6 23.70 -23.20 -25.96
N SER E 7 23.54 -24.31 -26.63
CA SER E 7 24.18 -24.50 -27.88
C SER E 7 23.35 -25.42 -28.86
N PRO E 8 23.61 -25.31 -30.14
CA PRO E 8 24.45 -24.24 -30.72
C PRO E 8 23.76 -22.84 -30.67
N THR E 9 24.53 -21.77 -30.88
CA THR E 9 23.95 -20.41 -30.90
C THR E 9 23.04 -20.27 -32.17
N HIS E 10 23.45 -20.88 -33.27
CA HIS E 10 22.80 -20.73 -34.56
C HIS E 10 22.79 -22.04 -35.30
N LEU E 11 21.78 -22.22 -36.13
CA LEU E 11 21.59 -23.44 -36.90
C LEU E 11 20.94 -23.24 -38.26
N ILE E 12 21.32 -24.06 -39.23
CA ILE E 12 20.58 -24.00 -40.49
C ILE E 12 20.23 -25.37 -41.02
N LYS E 13 18.94 -25.52 -41.32
CA LYS E 13 18.34 -26.82 -41.66
C LYS E 13 17.42 -26.74 -42.84
N THR E 14 17.29 -27.85 -43.54
CA THR E 14 16.32 -27.89 -44.63
C THR E 14 15.05 -28.59 -44.09
N ARG E 15 13.95 -28.47 -44.81
CA ARG E 15 12.66 -29.07 -44.43
C ARG E 15 12.82 -30.55 -44.29
N GLY E 16 12.16 -31.12 -43.30
CA GLY E 16 12.19 -32.54 -43.08
C GLY E 16 13.35 -33.07 -42.27
N GLN E 17 14.34 -32.25 -41.94
CA GLN E 17 15.53 -32.74 -41.24
C GLN E 17 15.17 -32.76 -39.76
N GLN E 18 16.13 -33.15 -38.93
CA GLN E 18 15.95 -33.24 -37.46
C GLN E 18 17.01 -32.42 -36.73
N VAL E 19 16.72 -32.00 -35.52
CA VAL E 19 17.58 -31.10 -34.80
C VAL E 19 17.50 -31.32 -33.30
N THR E 20 18.57 -31.00 -32.58
CA THR E 20 18.68 -31.37 -31.16
C THR E 20 19.46 -30.28 -30.50
N LEU E 21 18.79 -29.44 -29.73
CA LEU E 21 19.39 -28.29 -29.10
C LEU E 21 19.72 -28.60 -27.65
N ARG E 22 20.78 -28.01 -27.14
CA ARG E 22 21.26 -28.29 -25.80
C ARG E 22 21.05 -27.06 -24.99
N CYS E 23 20.88 -27.29 -23.71
CA CYS E 23 20.69 -26.22 -22.75
C CYS E 23 21.11 -26.72 -21.41
N SER E 24 21.76 -25.86 -20.63
CA SER E 24 22.06 -26.21 -19.23
C SER E 24 21.83 -25.05 -18.27
N PRO E 25 21.12 -25.31 -17.17
CA PRO E 25 20.69 -24.26 -16.29
C PRO E 25 21.84 -23.68 -15.53
N LYS E 26 21.53 -22.57 -14.88
CA LYS E 26 22.45 -21.90 -14.01
C LYS E 26 22.82 -22.80 -12.88
N GLN E 27 24.05 -22.77 -12.43
CA GLN E 27 24.40 -23.68 -11.30
C GLN E 27 23.49 -23.27 -10.12
N GLY E 28 23.00 -24.26 -9.42
CA GLY E 28 22.03 -24.03 -8.37
C GLY E 28 20.58 -24.05 -8.78
N HIS E 29 20.30 -24.23 -10.05
CA HIS E 29 18.93 -24.34 -10.57
C HIS E 29 18.81 -25.72 -11.19
N ASP E 30 17.61 -26.27 -11.15
CA ASP E 30 17.40 -27.66 -11.56
C ASP E 30 16.13 -27.89 -12.35
N THR E 31 15.47 -26.84 -12.78
CA THR E 31 14.27 -26.96 -13.57
C THR E 31 14.61 -26.25 -14.87
N VAL E 32 14.32 -26.86 -16.03
CA VAL E 32 14.47 -26.11 -17.26
C VAL E 32 13.20 -26.14 -18.05
N SER E 33 12.82 -25.00 -18.61
CA SER E 33 11.67 -24.88 -19.47
C SER E 33 12.13 -24.47 -20.83
N TRP E 34 11.51 -25.02 -21.88
CA TRP E 34 11.79 -24.59 -23.25
C TRP E 34 10.66 -23.84 -23.88
N TYR E 35 10.96 -22.70 -24.51
CA TYR E 35 9.97 -21.87 -25.19
C TYR E 35 10.42 -21.65 -26.60
N GLN E 36 9.46 -21.33 -27.47
CA GLN E 36 9.70 -20.98 -28.83
C GLN E 36 9.31 -19.53 -29.06
N GLN E 37 10.17 -18.74 -29.75
CA GLN E 37 9.85 -17.33 -30.03
C GLN E 37 9.98 -17.01 -31.49
N ALA E 38 8.87 -16.86 -32.21
CA ALA E 38 8.88 -16.32 -33.55
C ALA E 38 9.14 -14.79 -33.53
N LEU E 39 9.62 -14.21 -34.64
CA LEU E 39 10.09 -12.82 -34.62
C LEU E 39 8.93 -11.87 -34.38
N GLY E 40 9.14 -10.87 -33.52
CA GLY E 40 8.11 -9.91 -33.16
C GLY E 40 7.05 -10.44 -32.21
N GLN E 41 7.15 -11.71 -31.84
CA GLN E 41 6.10 -12.41 -31.13
C GLN E 41 6.59 -12.77 -29.70
N GLY E 42 5.69 -13.30 -28.89
CA GLY E 42 6.05 -13.67 -27.50
C GLY E 42 6.51 -15.11 -27.38
N PRO E 43 7.45 -15.42 -26.48
CA PRO E 43 7.82 -16.81 -26.25
C PRO E 43 6.62 -17.75 -25.94
N GLN E 44 6.61 -18.94 -26.52
CA GLN E 44 5.55 -19.94 -26.38
C GLN E 44 6.09 -21.16 -25.65
N PHE E 45 5.38 -21.60 -24.63
CA PHE E 45 5.90 -22.65 -23.77
C PHE E 45 5.77 -24.00 -24.49
N ILE E 46 6.85 -24.77 -24.49
CA ILE E 46 6.91 -26.09 -25.12
C ILE E 46 6.82 -27.16 -24.04
N PHE E 47 7.73 -27.13 -23.08
CA PHE E 47 7.64 -28.00 -21.86
C PHE E 47 8.66 -27.64 -20.82
N GLN E 48 8.54 -28.24 -19.65
CA GLN E 48 9.44 -28.02 -18.48
C GLN E 48 9.84 -29.34 -17.84
N TYR E 49 11.10 -29.51 -17.55
CA TYR E 49 11.65 -30.74 -16.95
C TYR E 49 12.12 -30.49 -15.51
N TYR E 50 11.86 -31.45 -14.63
CA TYR E 50 12.36 -31.44 -13.26
C TYR E 50 12.66 -32.86 -12.83
N GLU E 51 13.89 -33.10 -12.36
CA GLU E 51 14.21 -34.41 -11.82
C GLU E 51 14.08 -35.41 -12.95
N GLU E 52 14.72 -35.08 -14.05
CA GLU E 52 14.76 -35.88 -15.27
C GLU E 52 13.46 -36.30 -15.91
N GLU E 53 12.30 -36.00 -15.33
CA GLU E 53 11.02 -36.27 -15.97
C GLU E 53 10.38 -34.95 -16.47
N GLU E 54 9.48 -35.08 -17.43
CA GLU E 54 8.73 -33.97 -17.98
C GLU E 54 7.66 -33.53 -17.02
N ARG E 55 7.77 -32.32 -16.54
CA ARG E 55 6.88 -31.84 -15.52
C ARG E 55 5.59 -31.26 -16.04
N GLN E 56 5.63 -30.63 -17.21
CA GLN E 56 4.45 -30.01 -17.79
C GLN E 56 4.66 -29.83 -19.25
N ARG E 57 3.59 -30.00 -20.04
CA ARG E 57 3.66 -29.84 -21.49
C ARG E 57 2.91 -28.62 -21.98
N GLY E 58 3.37 -28.03 -23.05
CA GLY E 58 2.68 -26.92 -23.74
C GLY E 58 1.78 -27.49 -24.82
N ASN E 59 1.51 -26.79 -25.89
CA ASN E 59 0.51 -27.35 -26.80
C ASN E 59 1.12 -27.60 -28.13
N PHE E 60 2.38 -27.98 -28.12
CA PHE E 60 3.09 -28.30 -29.34
C PHE E 60 2.86 -29.75 -29.71
N PRO E 61 3.10 -30.09 -30.98
CA PRO E 61 2.89 -31.43 -31.50
C PRO E 61 4.01 -32.46 -31.23
N ASP E 62 3.70 -33.71 -31.53
CA ASP E 62 4.48 -34.89 -31.06
C ASP E 62 6.01 -34.81 -31.38
N ARG E 63 6.29 -34.34 -32.60
CA ARG E 63 7.65 -34.19 -33.12
C ARG E 63 8.58 -33.32 -32.29
N PHE E 64 8.02 -32.54 -31.38
CA PHE E 64 8.80 -31.89 -30.34
C PHE E 64 8.90 -32.82 -29.12
N SER E 65 10.12 -33.18 -28.71
CA SER E 65 10.37 -34.02 -27.52
C SER E 65 11.63 -33.62 -26.77
N GLY E 66 11.72 -34.03 -25.51
CA GLY E 66 12.75 -33.53 -24.57
C GLY E 66 13.26 -34.56 -23.60
N HIS E 67 14.44 -34.27 -23.04
CA HIS E 67 15.05 -35.06 -21.99
C HIS E 67 15.72 -34.13 -21.05
N GLN E 68 15.89 -34.53 -19.80
CA GLN E 68 16.80 -33.80 -18.89
C GLN E 68 17.63 -34.88 -18.25
N PHE E 69 18.88 -34.62 -17.95
CA PHE E 69 19.78 -35.66 -17.45
C PHE E 69 19.99 -35.52 -15.93
N PRO E 70 20.80 -36.41 -15.33
CA PRO E 70 21.20 -36.31 -13.96
C PRO E 70 21.80 -34.97 -13.54
N ASN E 71 22.70 -34.41 -14.35
CA ASN E 71 23.28 -33.08 -14.04
C ASN E 71 22.33 -31.92 -14.31
N TYR E 72 21.09 -32.19 -14.65
CA TYR E 72 20.06 -31.17 -14.91
C TYR E 72 20.09 -30.49 -16.21
N SER E 73 21.09 -30.72 -17.05
CA SER E 73 21.08 -30.17 -18.43
C SER E 73 19.92 -30.77 -19.27
N SER E 74 19.52 -30.13 -20.35
CA SER E 74 18.43 -30.64 -21.14
C SER E 74 18.64 -30.59 -22.66
N GLU E 75 17.97 -31.51 -23.36
CA GLU E 75 17.94 -31.48 -24.81
C GLU E 75 16.52 -31.30 -25.25
N LEU E 76 16.37 -30.53 -26.32
CA LEU E 76 15.12 -30.40 -27.06
C LEU E 76 15.41 -30.97 -28.44
N ASN E 77 14.65 -31.99 -28.81
CA ASN E 77 14.77 -32.64 -30.12
C ASN E 77 13.55 -32.20 -30.94
N VAL E 78 13.72 -31.75 -32.15
CA VAL E 78 12.58 -31.58 -33.05
C VAL E 78 12.85 -32.35 -34.31
N ASN E 79 11.88 -33.09 -34.85
CA ASN E 79 12.01 -33.64 -36.24
C ASN E 79 10.90 -33.25 -37.20
N ALA E 80 10.97 -33.75 -38.44
CA ALA E 80 10.13 -33.28 -39.54
C ALA E 80 10.08 -31.78 -39.51
N LEU E 81 11.26 -31.16 -39.46
CA LEU E 81 11.33 -29.71 -39.49
C LEU E 81 10.46 -29.12 -40.59
N LEU E 82 9.77 -28.05 -40.23
CA LEU E 82 8.93 -27.27 -41.15
C LEU E 82 9.53 -25.85 -41.25
N LEU E 83 9.35 -25.17 -42.39
CA LEU E 83 9.86 -23.80 -42.57
C LEU E 83 9.51 -22.92 -41.38
N GLY E 84 8.24 -23.02 -40.99
CA GLY E 84 7.70 -22.27 -39.89
C GLY E 84 8.21 -22.62 -38.53
N ASP E 85 9.01 -23.68 -38.39
CA ASP E 85 9.79 -23.92 -37.15
C ASP E 85 10.96 -22.99 -36.93
N SER E 86 11.36 -22.19 -37.93
CA SER E 86 12.32 -21.10 -37.73
C SER E 86 11.90 -20.20 -36.58
N ALA E 87 12.83 -19.95 -35.67
CA ALA E 87 12.52 -19.34 -34.40
C ALA E 87 13.74 -19.19 -33.54
N LEU E 88 13.60 -18.47 -32.43
CA LEU E 88 14.55 -18.46 -31.35
C LEU E 88 14.01 -19.50 -30.43
N TYR E 89 14.78 -20.53 -30.15
CA TYR E 89 14.41 -21.53 -29.15
C TYR E 89 15.16 -21.16 -27.88
N LEU E 90 14.41 -20.83 -26.85
CA LEU E 90 14.95 -20.39 -25.59
C LEU E 90 14.78 -21.39 -24.49
N CYS E 91 15.75 -21.37 -23.60
CA CYS E 91 15.84 -22.25 -22.48
C CYS E 91 15.75 -21.37 -21.31
N ALA E 92 14.94 -21.73 -20.33
CA ALA E 92 14.89 -21.00 -19.07
C ALA E 92 15.03 -21.89 -17.90
N SER E 93 15.86 -21.42 -16.98
CA SER E 93 16.30 -22.16 -15.83
C SER E 93 15.62 -21.47 -14.65
N SER E 94 15.36 -22.25 -13.60
CA SER E 94 14.58 -21.83 -12.44
C SER E 94 15.01 -22.77 -11.33
N ASP E 95 15.12 -22.27 -10.09
CA ASP E 95 15.19 -23.14 -8.87
C ASP E 95 13.77 -23.51 -8.34
N THR E 96 13.66 -24.10 -7.18
CA THR E 96 12.37 -24.48 -6.61
C THR E 96 12.09 -23.74 -5.30
N VAL E 97 12.79 -22.65 -5.04
CA VAL E 97 12.56 -21.83 -3.87
C VAL E 97 11.66 -20.68 -4.28
N SER E 98 12.18 -19.84 -5.16
CA SER E 98 11.42 -18.73 -5.78
C SER E 98 11.12 -19.36 -7.08
N TYR E 99 10.13 -19.07 -7.81
CA TYR E 99 10.18 -19.95 -9.05
C TYR E 99 10.47 -19.12 -10.28
N GLU E 100 11.27 -18.08 -10.13
CA GLU E 100 11.53 -17.11 -11.19
C GLU E 100 12.30 -17.78 -12.24
N GLN E 101 12.05 -17.41 -13.47
CA GLN E 101 12.64 -18.09 -14.61
C GLN E 101 13.57 -17.12 -15.29
N TYR E 102 14.77 -17.57 -15.66
CA TYR E 102 15.84 -16.70 -16.23
C TYR E 102 16.21 -17.30 -17.53
N PHE E 103 16.26 -16.50 -18.57
CA PHE E 103 16.48 -17.06 -19.90
C PHE E 103 17.96 -17.15 -20.26
N GLY E 104 18.23 -18.12 -21.13
CA GLY E 104 19.55 -18.29 -21.72
C GLY E 104 19.73 -17.37 -22.90
N PRO E 105 20.92 -17.36 -23.53
CA PRO E 105 20.94 -16.88 -24.92
C PRO E 105 20.04 -17.88 -25.63
N GLY E 106 19.83 -17.80 -26.92
CA GLY E 106 18.95 -18.84 -27.47
C GLY E 106 19.65 -19.58 -28.57
N THR E 107 19.04 -20.65 -29.05
CA THR E 107 19.49 -21.26 -30.29
C THR E 107 18.60 -20.71 -31.37
N ARG E 108 19.25 -20.17 -32.40
CA ARG E 108 18.56 -19.52 -33.44
C ARG E 108 18.52 -20.40 -34.61
N LEU E 109 17.34 -20.89 -34.94
CA LEU E 109 17.12 -21.88 -35.98
C LEU E 109 16.55 -21.22 -37.20
N THR E 110 17.19 -21.46 -38.33
CA THR E 110 16.60 -21.10 -39.65
C THR E 110 16.36 -22.40 -40.40
N VAL E 111 15.19 -22.51 -41.00
CA VAL E 111 14.83 -23.70 -41.74
C VAL E 111 14.56 -23.22 -43.11
N THR E 112 15.29 -23.68 -44.11
CA THR E 112 15.23 -23.06 -45.43
C THR E 112 14.89 -24.10 -46.47
N GLU E 113 14.31 -23.69 -47.59
CA GLU E 113 13.94 -24.62 -48.67
C GLU E 113 15.12 -25.44 -49.11
N ASP E 114 16.28 -24.78 -49.26
CA ASP E 114 17.49 -25.41 -49.80
C ASP E 114 18.79 -24.70 -49.35
N LEU E 115 19.87 -25.44 -49.09
CA LEU E 115 21.15 -24.85 -48.65
C LEU E 115 21.90 -24.03 -49.68
N LYS E 116 21.74 -24.32 -50.98
CA LYS E 116 22.29 -23.48 -52.09
C LYS E 116 21.99 -21.96 -51.88
N ASN E 117 20.84 -21.70 -51.25
CA ASN E 117 20.41 -20.35 -50.81
C ASN E 117 21.35 -19.60 -49.85
N VAL E 118 22.30 -20.29 -49.18
CA VAL E 118 23.13 -19.69 -48.13
C VAL E 118 24.36 -18.87 -48.67
N PHE E 119 24.53 -17.64 -48.20
CA PHE E 119 25.66 -16.79 -48.63
C PHE E 119 26.23 -16.06 -47.45
N PRO E 120 27.56 -15.88 -47.37
CA PRO E 120 28.18 -15.06 -46.35
C PRO E 120 28.11 -13.61 -46.74
N PRO E 121 28.43 -12.68 -45.84
CA PRO E 121 28.43 -11.27 -46.22
C PRO E 121 29.70 -10.87 -46.94
N GLU E 122 29.55 -9.92 -47.87
CA GLU E 122 30.62 -9.05 -48.30
C GLU E 122 30.52 -7.79 -47.44
N VAL E 123 31.68 -7.31 -46.97
CA VAL E 123 31.75 -6.26 -45.98
C VAL E 123 32.59 -5.18 -46.56
N ALA E 124 32.11 -3.96 -46.44
CA ALA E 124 32.88 -2.81 -46.99
C ALA E 124 32.84 -1.69 -45.94
N VAL E 125 33.90 -0.90 -45.88
CA VAL E 125 33.88 0.30 -45.08
C VAL E 125 34.01 1.50 -45.95
N PHE E 126 33.22 2.52 -45.64
CA PHE E 126 33.24 3.81 -46.33
C PHE E 126 33.76 4.90 -45.39
N GLU E 127 34.60 5.77 -45.90
CA GLU E 127 35.30 6.71 -45.05
C GLU E 127 34.62 8.06 -45.07
N PRO E 128 34.69 8.79 -43.95
CA PRO E 128 33.99 10.05 -43.82
C PRO E 128 34.34 11.01 -44.92
N SER E 129 33.36 11.82 -45.29
CA SER E 129 33.54 12.84 -46.29
C SER E 129 34.31 13.95 -45.61
N GLU E 130 35.08 14.69 -46.42
CA GLU E 130 35.77 15.87 -45.95
C GLU E 130 34.79 17.01 -45.63
N ALA E 131 33.61 16.97 -46.26
CA ALA E 131 32.57 17.97 -46.06
C ALA E 131 31.98 17.90 -44.67
N GLU E 132 31.68 16.69 -44.19
CA GLU E 132 31.28 16.46 -42.80
C GLU E 132 32.32 16.91 -41.77
N ILE E 133 33.60 16.68 -42.06
CA ILE E 133 34.68 17.08 -41.15
C ILE E 133 34.90 18.60 -41.04
N SER E 134 34.68 19.34 -42.13
CA SER E 134 34.77 20.82 -42.10
C SER E 134 33.54 21.49 -41.48
N HIS E 135 32.37 20.89 -41.73
CA HIS E 135 31.08 21.37 -41.23
C HIS E 135 30.81 21.07 -39.76
N THR E 136 31.21 19.89 -39.25
CA THR E 136 30.81 19.48 -37.91
C THR E 136 31.92 19.07 -36.98
N GLN E 137 33.15 18.95 -37.50
CA GLN E 137 34.32 18.58 -36.67
C GLN E 137 34.17 17.17 -36.18
N LYS E 138 33.38 16.40 -36.92
CA LYS E 138 33.08 15.01 -36.58
C LYS E 138 33.23 14.20 -37.82
N ALA E 139 33.40 12.89 -37.63
CA ALA E 139 33.72 12.00 -38.74
C ALA E 139 32.95 10.69 -38.62
N THR E 140 32.11 10.39 -39.59
CA THR E 140 31.31 9.18 -39.58
C THR E 140 31.83 8.18 -40.63
N LEU E 141 32.24 6.98 -40.16
CA LEU E 141 32.49 5.83 -41.05
C LEU E 141 31.20 5.00 -41.12
N VAL E 142 30.87 4.47 -42.30
CA VAL E 142 29.76 3.52 -42.36
C VAL E 142 30.28 2.22 -42.89
N CYS E 143 29.74 1.15 -42.28
CA CYS E 143 30.03 -0.19 -42.65
C CYS E 143 28.81 -0.87 -43.25
N LEU E 144 29.00 -1.56 -44.36
CA LEU E 144 27.93 -2.23 -45.10
C LEU E 144 28.20 -3.69 -45.31
N ALA E 145 27.40 -4.53 -44.65
CA ALA E 145 27.48 -5.96 -44.88
C ALA E 145 26.36 -6.28 -45.81
N THR E 146 26.65 -7.09 -46.82
CA THR E 146 25.67 -7.30 -47.91
C THR E 146 25.62 -8.66 -48.59
N GLY E 147 24.43 -8.96 -49.09
CA GLY E 147 24.12 -10.19 -49.80
C GLY E 147 24.30 -11.43 -48.96
N PHE E 148 23.86 -11.43 -47.71
CA PHE E 148 24.05 -12.63 -46.88
C PHE E 148 22.72 -13.36 -46.61
N TYR E 149 22.78 -14.66 -46.39
CA TYR E 149 21.62 -15.44 -46.00
C TYR E 149 22.03 -16.64 -45.16
N PRO E 150 21.40 -16.82 -44.01
CA PRO E 150 20.27 -16.03 -43.48
C PRO E 150 20.67 -14.84 -42.59
N ASP E 151 19.68 -14.12 -42.08
CA ASP E 151 19.84 -12.96 -41.20
C ASP E 151 20.27 -13.42 -39.82
N HIS E 152 21.40 -14.10 -39.71
CA HIS E 152 22.04 -14.22 -38.43
C HIS E 152 23.49 -13.77 -38.54
N VAL E 153 23.67 -12.49 -38.22
CA VAL E 153 24.99 -11.88 -38.21
C VAL E 153 25.12 -11.00 -37.01
N GLU E 154 26.34 -10.94 -36.49
CA GLU E 154 26.77 -9.96 -35.48
C GLU E 154 27.77 -9.05 -36.13
N LEU E 155 27.61 -7.76 -35.91
CA LEU E 155 28.44 -6.76 -36.49
C LEU E 155 29.03 -5.95 -35.37
N SER E 156 30.37 -5.89 -35.34
CA SER E 156 31.10 -5.11 -34.34
C SER E 156 32.11 -4.24 -35.05
N TRP E 157 32.63 -3.25 -34.32
CA TRP E 157 33.69 -2.32 -34.73
C TRP E 157 34.89 -2.35 -33.77
N TRP E 158 36.08 -2.24 -34.34
CA TRP E 158 37.33 -2.46 -33.62
C TRP E 158 38.27 -1.32 -33.97
N VAL E 159 38.80 -0.67 -32.96
CA VAL E 159 39.67 0.46 -33.14
C VAL E 159 40.94 0.14 -32.41
N ASN E 160 42.03 0.20 -33.16
CA ASN E 160 43.33 -0.29 -32.72
C ASN E 160 43.18 -1.63 -32.01
N GLY E 161 42.42 -2.55 -32.61
CA GLY E 161 42.33 -3.90 -32.09
C GLY E 161 41.52 -4.15 -30.83
N LYS E 162 40.77 -3.16 -30.36
CA LYS E 162 39.88 -3.33 -29.22
C LYS E 162 38.48 -3.00 -29.66
N GLU E 163 37.49 -3.82 -29.27
CA GLU E 163 36.09 -3.60 -29.71
C GLU E 163 35.58 -2.31 -29.11
N VAL E 164 34.86 -1.47 -29.87
CA VAL E 164 34.26 -0.28 -29.29
C VAL E 164 32.78 -0.23 -29.45
N HIS E 165 32.13 0.49 -28.51
CA HIS E 165 30.68 0.63 -28.40
C HIS E 165 30.16 2.03 -28.52
N SER E 166 30.80 3.00 -27.89
CA SER E 166 30.36 4.39 -28.10
C SER E 166 30.63 4.84 -29.54
N GLY E 167 29.72 5.68 -30.02
CA GLY E 167 29.73 6.12 -31.41
C GLY E 167 29.22 5.12 -32.41
N VAL E 168 28.82 3.95 -31.96
CA VAL E 168 28.29 2.97 -32.85
C VAL E 168 26.79 3.06 -32.82
N CYS E 169 26.17 2.91 -33.98
CA CYS E 169 24.89 2.26 -33.99
C CYS E 169 24.72 1.43 -35.27
N THR E 170 24.21 0.22 -35.08
CA THR E 170 23.91 -0.72 -36.11
C THR E 170 22.43 -0.76 -36.27
N ASP E 171 21.99 -1.07 -37.48
CA ASP E 171 20.58 -1.21 -37.72
C ASP E 171 19.94 -2.28 -36.86
N PRO E 172 18.74 -2.01 -36.33
CA PRO E 172 18.06 -3.03 -35.55
C PRO E 172 17.80 -4.35 -36.29
N GLN E 173 17.55 -4.26 -37.59
CA GLN E 173 17.10 -5.37 -38.38
C GLN E 173 17.76 -5.22 -39.76
N PRO E 174 18.06 -6.33 -40.44
CA PRO E 174 18.55 -6.20 -41.80
C PRO E 174 17.46 -5.71 -42.74
N LEU E 175 17.76 -5.47 -44.01
CA LEU E 175 16.71 -5.24 -45.00
C LEU E 175 16.86 -6.20 -46.15
N LYS E 176 15.74 -6.56 -46.79
CA LYS E 176 15.76 -7.56 -47.87
C LYS E 176 16.24 -7.03 -49.23
N GLU E 177 17.19 -7.71 -49.89
CA GLU E 177 17.79 -7.20 -51.15
C GLU E 177 16.82 -7.27 -52.35
N GLN E 178 15.96 -8.30 -52.42
CA GLN E 178 14.66 -8.21 -53.16
C GLN E 178 13.55 -8.65 -52.22
N PRO E 179 12.68 -7.73 -51.81
CA PRO E 179 11.70 -8.10 -50.80
C PRO E 179 10.69 -9.13 -51.29
N ALA E 180 10.43 -9.18 -52.58
CA ALA E 180 9.45 -10.13 -53.10
C ALA E 180 9.76 -11.60 -52.76
N LEU E 181 11.03 -11.99 -52.67
CA LEU E 181 11.36 -13.43 -52.46
C LEU E 181 11.37 -13.88 -50.98
N ASN E 182 10.74 -15.05 -50.77
CA ASN E 182 10.74 -15.81 -49.51
C ASN E 182 12.16 -15.99 -48.95
N ASP E 183 13.11 -16.23 -49.84
CA ASP E 183 14.48 -16.59 -49.50
C ASP E 183 15.47 -15.42 -49.80
N SER E 184 14.96 -14.20 -49.82
CA SER E 184 15.79 -13.06 -50.19
C SER E 184 17.04 -12.98 -49.38
N ARG E 185 18.08 -12.43 -49.98
CA ARG E 185 19.32 -12.12 -49.25
C ARG E 185 19.26 -10.72 -48.63
N TYR E 186 20.07 -10.47 -47.60
CA TYR E 186 19.96 -9.30 -46.74
C TYR E 186 21.12 -8.30 -46.77
N ALA E 187 20.83 -7.08 -46.31
CA ALA E 187 21.86 -6.06 -46.04
C ALA E 187 21.63 -5.38 -44.70
N LEU E 188 22.66 -4.73 -44.18
CA LEU E 188 22.66 -4.21 -42.85
C LEU E 188 23.78 -3.21 -42.78
N SER E 189 23.53 -2.06 -42.18
CA SER E 189 24.56 -1.06 -42.05
C SER E 189 24.81 -0.72 -40.61
N SER E 190 26.00 -0.21 -40.35
CA SER E 190 26.36 0.29 -39.07
C SER E 190 27.17 1.56 -39.31
N ARG E 191 27.03 2.55 -38.43
CA ARG E 191 27.85 3.73 -38.45
C ARG E 191 28.70 3.75 -37.17
N LEU E 192 29.93 4.23 -37.30
CA LEU E 192 30.79 4.56 -36.16
C LEU E 192 31.13 6.01 -36.29
N ARG E 193 30.98 6.78 -35.23
CA ARG E 193 31.31 8.19 -35.27
C ARG E 193 32.34 8.55 -34.23
N VAL E 194 33.33 9.32 -34.71
CA VAL E 194 34.47 9.71 -33.90
C VAL E 194 34.73 11.17 -34.22
N SER E 195 35.56 11.81 -33.44
CA SER E 195 35.90 13.21 -33.67
C SER E 195 36.82 13.33 -34.89
N ALA E 196 36.79 14.49 -35.53
CA ALA E 196 37.64 14.75 -36.70
C ALA E 196 39.08 14.51 -36.36
N THR E 197 39.47 15.03 -35.22
CA THR E 197 40.87 14.94 -34.82
C THR E 197 41.29 13.44 -34.63
N PHE E 198 40.38 12.57 -34.22
CA PHE E 198 40.73 11.16 -34.02
C PHE E 198 40.91 10.42 -35.34
N TRP E 199 39.95 10.61 -36.23
CA TRP E 199 40.08 10.14 -37.59
C TRP E 199 41.31 10.70 -38.32
N GLN E 200 41.76 11.90 -37.97
CA GLN E 200 42.85 12.52 -38.72
C GLN E 200 44.24 12.04 -38.36
N ASP E 201 44.37 11.45 -37.19
CA ASP E 201 45.57 10.74 -36.80
C ASP E 201 45.72 9.44 -37.60
N PRO E 202 46.69 9.34 -38.54
CA PRO E 202 46.78 8.13 -39.41
C PRO E 202 47.30 6.82 -38.76
N ARG E 203 47.62 6.85 -37.46
CA ARG E 203 47.99 5.64 -36.69
C ARG E 203 46.84 4.99 -36.01
N ASN E 204 45.61 5.43 -36.28
CA ASN E 204 44.42 4.78 -35.74
C ASN E 204 43.84 3.93 -36.84
N HIS E 205 43.52 2.70 -36.50
CA HIS E 205 43.11 1.69 -37.47
C HIS E 205 41.71 1.23 -37.07
N PHE E 206 40.85 1.11 -38.08
CA PHE E 206 39.42 1.00 -37.87
C PHE E 206 38.92 -0.22 -38.56
N ARG E 207 38.28 -1.15 -37.85
CA ARG E 207 37.84 -2.37 -38.48
C ARG E 207 36.37 -2.64 -38.26
N CYS E 208 35.69 -2.97 -39.33
CA CYS E 208 34.34 -3.45 -39.26
C CYS E 208 34.37 -4.95 -39.47
N GLN E 209 33.78 -5.69 -38.57
CA GLN E 209 33.91 -7.15 -38.58
C GLN E 209 32.53 -7.69 -38.49
N VAL E 210 32.22 -8.71 -39.27
CA VAL E 210 30.90 -9.31 -39.27
C VAL E 210 31.03 -10.80 -39.01
N GLN E 211 30.59 -11.25 -37.84
CA GLN E 211 30.51 -12.68 -37.52
C GLN E 211 29.29 -13.16 -38.28
N PHE E 212 29.42 -14.23 -39.08
CA PHE E 212 28.29 -14.80 -39.86
C PHE E 212 28.19 -16.23 -39.47
N TYR E 213 26.96 -16.72 -39.33
CA TYR E 213 26.72 -18.07 -38.85
C TYR E 213 26.19 -18.82 -40.05
N GLY E 214 26.90 -19.87 -40.44
CA GLY E 214 26.60 -20.54 -41.69
C GLY E 214 26.45 -22.03 -41.49
N LEU E 215 26.86 -22.77 -42.52
CA LEU E 215 26.73 -24.21 -42.56
C LEU E 215 27.76 -24.81 -41.62
N SER E 216 27.48 -26.01 -41.10
CA SER E 216 28.46 -26.75 -40.31
C SER E 216 29.33 -27.56 -41.26
N GLU E 217 30.29 -28.31 -40.72
CA GLU E 217 31.10 -29.24 -41.53
C GLU E 217 30.28 -30.45 -42.03
N ASN E 218 29.25 -30.87 -41.27
CA ASN E 218 28.28 -31.94 -41.70
C ASN E 218 27.75 -31.78 -43.11
N ASP E 219 27.49 -30.54 -43.52
CA ASP E 219 26.64 -30.31 -44.68
C ASP E 219 27.39 -30.52 -46.02
N GLU E 220 26.61 -30.73 -47.07
CA GLU E 220 27.11 -31.09 -48.40
C GLU E 220 27.40 -29.79 -49.17
N TRP E 221 28.47 -29.76 -49.97
CA TRP E 221 28.73 -28.60 -50.86
C TRP E 221 29.31 -29.02 -52.23
N THR E 222 28.49 -28.87 -53.25
CA THR E 222 28.86 -29.15 -54.63
C THR E 222 29.48 -27.90 -55.25
N GLN E 223 28.80 -26.77 -55.09
CA GLN E 223 29.16 -25.52 -55.80
C GLN E 223 30.62 -25.11 -55.83
N ASP E 224 30.88 -24.22 -56.77
CA ASP E 224 32.20 -23.66 -57.06
C ASP E 224 32.62 -22.66 -55.96
N ARG E 225 31.68 -21.80 -55.52
CA ARG E 225 32.04 -20.82 -54.48
C ARG E 225 32.37 -21.53 -53.21
N ALA E 226 33.11 -20.84 -52.36
CA ALA E 226 33.56 -21.46 -51.13
C ALA E 226 32.34 -21.74 -50.24
N LYS E 227 32.25 -22.97 -49.77
CA LYS E 227 31.22 -23.37 -48.81
C LYS E 227 31.04 -22.28 -47.75
N PRO E 228 29.81 -21.77 -47.60
CA PRO E 228 29.55 -20.69 -46.72
C PRO E 228 29.40 -21.18 -45.30
N VAL E 229 30.54 -21.55 -44.73
CA VAL E 229 30.59 -21.91 -43.35
C VAL E 229 30.48 -20.69 -42.45
N THR E 230 30.37 -20.98 -41.15
CA THR E 230 30.55 -19.96 -40.12
C THR E 230 31.90 -19.32 -40.30
N GLN E 231 31.96 -18.01 -40.19
CA GLN E 231 33.19 -17.27 -40.45
C GLN E 231 33.09 -15.79 -40.03
N ILE E 232 34.24 -15.13 -39.93
CA ILE E 232 34.29 -13.68 -39.79
C ILE E 232 34.66 -13.06 -41.14
N VAL E 233 34.06 -11.94 -41.47
CA VAL E 233 34.40 -11.21 -42.68
C VAL E 233 34.59 -9.77 -42.27
N SER E 234 35.70 -9.16 -42.67
CA SER E 234 36.11 -7.84 -42.18
C SER E 234 36.50 -6.89 -43.28
N ALA E 235 36.36 -5.61 -42.95
CA ALA E 235 36.95 -4.60 -43.78
C ALA E 235 37.47 -3.52 -42.88
N GLU E 236 38.42 -2.76 -43.41
CA GLU E 236 39.10 -1.80 -42.62
C GLU E 236 39.49 -0.55 -43.36
N ALA E 237 39.84 0.44 -42.56
CA ALA E 237 40.46 1.67 -42.97
C ALA E 237 41.54 2.05 -41.92
N TRP E 238 42.49 2.88 -42.36
CA TRP E 238 43.26 3.77 -41.45
C TRP E 238 42.94 5.26 -41.69
N GLY E 239 43.09 6.03 -40.60
CA GLY E 239 42.91 7.48 -40.61
C GLY E 239 43.87 8.20 -41.51
N ARG E 240 43.48 9.39 -41.94
CA ARG E 240 44.25 10.11 -42.97
C ARG E 240 44.35 11.58 -42.62
N ALA E 241 45.50 12.15 -42.95
CA ALA E 241 45.96 13.31 -42.25
C ALA E 241 45.26 14.60 -42.66
N ASP E 242 45.37 15.56 -41.75
CA ASP E 242 45.37 16.99 -42.09
C ASP E 242 46.87 17.50 -42.13
N GLY F 1 15.78 45.78 20.73
CA GLY F 1 16.51 44.50 20.63
C GLY F 1 15.60 43.41 20.14
N SER F 2 16.14 42.55 19.29
CA SER F 2 15.38 41.51 18.59
C SER F 2 15.26 40.21 19.42
N HIS F 3 14.32 39.34 19.08
CA HIS F 3 14.09 38.13 19.86
C HIS F 3 13.69 36.98 18.98
N SER F 4 13.87 35.76 19.49
CA SER F 4 13.59 34.59 18.66
C SER F 4 12.95 33.44 19.45
N MET F 5 12.23 32.60 18.71
CA MET F 5 11.75 31.34 19.19
C MET F 5 12.22 30.34 18.17
N ARG F 6 12.98 29.36 18.62
CA ARG F 6 13.54 28.34 17.75
C ARG F 6 13.26 27.01 18.43
N TYR F 7 12.83 26.02 17.65
CA TYR F 7 12.70 24.67 18.13
C TYR F 7 13.68 23.81 17.37
N PHE F 8 14.31 22.87 18.09
CA PHE F 8 15.30 21.93 17.55
C PHE F 8 14.90 20.48 17.79
N PHE F 9 14.93 19.70 16.73
CA PHE F 9 14.56 18.32 16.79
C PHE F 9 15.64 17.49 16.20
N THR F 10 15.91 16.33 16.79
CA THR F 10 16.98 15.43 16.34
C THR F 10 16.54 13.98 16.45
N SER F 11 16.47 13.23 15.34
CA SER F 11 16.22 11.77 15.37
C SER F 11 17.49 11.03 14.90
N VAL F 12 17.74 9.85 15.49
CA VAL F 12 18.94 9.06 15.19
C VAL F 12 18.53 7.59 15.17
N SER F 13 18.60 6.96 14.01
CA SER F 13 18.23 5.55 13.89
C SER F 13 19.24 4.62 14.58
N ARG F 14 18.82 3.41 14.93
CA ARG F 14 19.71 2.40 15.53
C ARG F 14 19.62 1.12 14.72
N PRO F 15 20.77 0.52 14.43
CA PRO F 15 20.75 -0.67 13.54
C PRO F 15 19.72 -1.77 13.92
N GLY F 16 19.93 -2.48 15.04
CA GLY F 16 18.93 -3.36 15.64
C GLY F 16 18.08 -2.55 16.62
N ARG F 17 17.66 -3.20 17.72
CA ARG F 17 16.77 -2.60 18.76
C ARG F 17 15.89 -1.39 18.33
N GLY F 18 15.08 -1.63 17.30
CA GLY F 18 13.93 -0.78 16.95
C GLY F 18 14.07 0.73 16.84
N GLU F 19 13.50 1.45 17.80
CA GLU F 19 13.06 2.81 17.58
C GLU F 19 14.13 3.90 17.71
N PRO F 20 14.09 4.94 16.86
CA PRO F 20 15.14 5.96 16.93
C PRO F 20 15.08 6.81 18.17
N ARG F 21 16.26 7.29 18.58
CA ARG F 21 16.41 8.25 19.65
C ARG F 21 15.90 9.61 19.21
N PHE F 22 14.79 10.08 19.77
CA PHE F 22 14.23 11.38 19.39
C PHE F 22 14.41 12.37 20.52
N ILE F 23 14.94 13.54 20.19
CA ILE F 23 15.19 14.63 21.15
C ILE F 23 14.66 15.96 20.57
N ALA F 24 13.80 16.65 21.33
CA ALA F 24 13.29 17.99 20.99
C ALA F 24 13.64 18.98 22.09
N VAL F 25 14.07 20.17 21.71
CA VAL F 25 14.20 21.27 22.64
C VAL F 25 13.69 22.58 22.02
N GLY F 26 13.12 23.47 22.84
CA GLY F 26 12.69 24.83 22.43
C GLY F 26 13.42 25.93 23.20
N TYR F 27 13.86 26.96 22.47
CA TYR F 27 14.50 28.14 23.08
C TYR F 27 13.69 29.43 22.85
N VAL F 28 13.93 30.42 23.70
CA VAL F 28 13.54 31.81 23.49
C VAL F 28 14.81 32.62 23.72
N ASP F 29 15.23 33.39 22.72
CA ASP F 29 16.57 33.97 22.70
C ASP F 29 17.53 32.82 22.97
N ASP F 30 18.39 32.94 23.98
CA ASP F 30 19.46 31.96 24.29
C ASP F 30 19.08 31.00 25.44
N THR F 31 17.79 30.90 25.78
CA THR F 31 17.25 30.29 27.00
C THR F 31 16.26 29.14 26.66
N GLN F 32 16.66 27.92 27.00
CA GLN F 32 15.84 26.75 26.80
C GLN F 32 14.65 26.86 27.72
N PHE F 33 13.47 26.56 27.19
CA PHE F 33 12.28 26.53 28.02
C PHE F 33 11.47 25.21 27.93
N VAL F 34 11.74 24.31 26.98
CA VAL F 34 11.16 22.95 27.00
C VAL F 34 12.09 21.88 26.43
N ARG F 35 11.79 20.63 26.76
CA ARG F 35 12.40 19.46 26.13
C ARG F 35 11.50 18.23 26.09
N PHE F 36 11.75 17.36 25.12
CA PHE F 36 11.21 16.01 25.11
C PHE F 36 12.35 15.13 24.80
N ASP F 37 12.43 14.00 25.47
CA ASP F 37 13.42 13.00 25.12
C ASP F 37 12.72 11.66 25.18
N SER F 38 12.88 10.87 24.12
CA SER F 38 12.21 9.59 23.96
C SER F 38 12.70 8.49 24.94
N ASP F 39 13.87 8.69 25.53
CA ASP F 39 14.39 7.80 26.58
C ASP F 39 14.08 8.23 28.04
N ALA F 40 13.54 9.42 28.23
CA ALA F 40 13.00 9.81 29.52
C ALA F 40 11.72 9.03 29.78
N ALA F 41 11.50 8.73 31.07
CA ALA F 41 10.30 8.03 31.54
C ALA F 41 9.01 8.84 31.33
N SER F 42 9.09 10.18 31.42
CA SER F 42 7.92 11.08 31.41
C SER F 42 7.00 10.92 30.22
N GLN F 43 7.57 10.81 29.03
CA GLN F 43 6.83 10.77 27.74
C GLN F 43 5.93 11.99 27.50
N ARG F 44 6.43 13.16 27.92
CA ARG F 44 5.71 14.41 27.82
C ARG F 44 6.67 15.54 27.54
N MET F 45 6.15 16.66 27.06
CA MET F 45 6.95 17.84 26.91
C MET F 45 7.19 18.31 28.31
N GLU F 46 8.42 18.64 28.66
CA GLU F 46 8.74 18.99 30.03
C GLU F 46 9.23 20.43 30.11
N PRO F 47 8.76 21.19 31.10
CA PRO F 47 9.19 22.57 31.24
C PRO F 47 10.62 22.61 31.68
N ARG F 48 11.35 23.62 31.23
CA ARG F 48 12.74 23.82 31.67
C ARG F 48 13.02 25.28 32.01
N ALA F 49 11.98 26.07 32.27
CA ALA F 49 12.13 27.45 32.71
C ALA F 49 11.07 27.76 33.75
N PRO F 50 11.35 28.67 34.69
CA PRO F 50 10.36 29.01 35.71
C PRO F 50 9.02 29.56 35.15
N TRP F 51 9.10 30.32 34.05
CA TRP F 51 7.94 31.06 33.54
C TRP F 51 6.98 30.24 32.66
N ILE F 52 7.43 29.09 32.15
CA ILE F 52 6.55 28.20 31.38
C ILE F 52 5.73 27.29 32.26
N GLU F 53 6.15 27.14 33.51
CA GLU F 53 5.34 26.41 34.45
C GLU F 53 4.01 27.08 34.73
N GLN F 54 3.85 28.37 34.42
CA GLN F 54 2.55 29.02 34.59
C GLN F 54 1.39 28.51 33.67
N GLU F 55 1.69 27.71 32.65
CA GLU F 55 0.69 27.24 31.68
C GLU F 55 0.01 26.00 32.24
N GLY F 56 -1.27 25.85 31.91
CA GLY F 56 -2.10 24.75 32.44
C GLY F 56 -2.00 23.45 31.66
N PRO F 57 -2.68 22.40 32.14
CA PRO F 57 -2.57 21.10 31.49
C PRO F 57 -3.13 21.05 30.07
N GLU F 58 -3.97 22.00 29.64
CA GLU F 58 -4.36 22.01 28.21
C GLU F 58 -3.24 22.46 27.24
N TYR F 59 -2.37 23.40 27.64
CA TYR F 59 -1.15 23.76 26.87
C TYR F 59 -0.29 22.50 26.75
N TRP F 60 -0.11 21.75 27.85
CA TRP F 60 0.81 20.59 27.86
C TRP F 60 0.31 19.34 27.11
N ASP F 61 -1.00 19.03 27.20
CA ASP F 61 -1.59 17.99 26.35
C ASP F 61 -1.30 18.32 24.88
N GLY F 62 -1.40 19.61 24.54
CA GLY F 62 -1.18 20.12 23.21
C GLY F 62 0.22 19.94 22.70
N GLU F 63 1.21 20.26 23.54
CA GLU F 63 2.63 20.09 23.15
C GLU F 63 2.99 18.63 23.05
N THR F 64 2.46 17.85 23.97
CA THR F 64 2.77 16.44 24.02
C THR F 64 2.24 15.82 22.72
N ARG F 65 0.99 16.13 22.37
CA ARG F 65 0.45 15.61 21.12
C ARG F 65 1.24 16.07 19.88
N LYS F 66 1.71 17.31 19.82
CA LYS F 66 2.43 17.77 18.63
C LYS F 66 3.90 17.27 18.56
N VAL F 67 4.58 17.25 19.70
CA VAL F 67 5.92 16.69 19.76
C VAL F 67 5.93 15.18 19.49
N LYS F 68 4.85 14.47 19.81
CA LYS F 68 4.76 13.04 19.50
C LYS F 68 4.61 12.90 18.01
N ALA F 69 3.91 13.84 17.37
CA ALA F 69 3.73 13.85 15.90
C ALA F 69 5.03 14.17 15.21
N HIS F 70 5.85 15.03 15.80
CA HIS F 70 7.15 15.31 15.21
C HIS F 70 8.04 14.05 15.24
N SER F 71 8.02 13.33 16.36
CA SER F 71 8.86 12.15 16.46
C SER F 71 8.44 11.08 15.47
N GLN F 72 7.13 10.90 15.30
CA GLN F 72 6.61 9.87 14.38
C GLN F 72 6.92 10.21 12.92
N THR F 73 6.81 11.51 12.63
CA THR F 73 7.20 12.03 11.33
C THR F 73 8.64 11.69 11.01
N HIS F 74 9.56 11.98 11.94
CA HIS F 74 10.98 11.71 11.71
C HIS F 74 11.28 10.22 11.53
N ARG F 75 10.52 9.33 12.19
CA ARG F 75 10.72 7.90 12.03
C ARG F 75 10.42 7.43 10.59
N VAL F 76 9.35 7.92 9.99
CA VAL F 76 9.03 7.50 8.61
C VAL F 76 9.94 8.23 7.60
N ASP F 77 10.29 9.48 7.92
CA ASP F 77 11.27 10.20 7.11
C ASP F 77 12.58 9.37 7.01
N LEU F 78 13.10 8.92 8.15
CA LEU F 78 14.31 8.12 8.17
C LEU F 78 14.24 6.95 7.26
N GLY F 79 13.15 6.20 7.40
CA GLY F 79 12.89 5.03 6.58
C GLY F 79 12.76 5.35 5.11
N THR F 80 12.13 6.47 4.80
CA THR F 80 12.00 6.89 3.42
C THR F 80 13.35 7.30 2.79
N LEU F 81 14.23 7.94 3.55
CA LEU F 81 15.48 8.44 3.00
C LEU F 81 16.48 7.31 2.71
N ARG F 82 16.50 6.34 3.64
CA ARG F 82 17.27 5.12 3.52
C ARG F 82 16.96 4.47 2.17
N GLY F 83 15.69 4.50 1.77
CA GLY F 83 15.25 4.07 0.46
C GLY F 83 15.69 4.97 -0.69
N TYR F 84 15.53 6.28 -0.58
CA TYR F 84 15.91 7.18 -1.70
C TYR F 84 17.40 7.20 -1.91
N TYR F 85 18.19 7.07 -0.85
CA TYR F 85 19.66 7.02 -1.00
C TYR F 85 20.28 5.64 -1.24
N ASN F 86 19.45 4.61 -1.16
CA ASN F 86 19.83 3.22 -1.46
C ASN F 86 20.72 2.58 -0.38
N GLN F 87 20.46 2.95 0.87
CA GLN F 87 21.30 2.59 2.03
C GLN F 87 20.71 1.44 2.85
N SER F 88 21.57 0.75 3.58
CA SER F 88 21.17 -0.42 4.38
C SER F 88 20.47 -0.04 5.70
N GLU F 89 19.72 -1.00 6.22
CA GLU F 89 19.19 -0.99 7.60
C GLU F 89 20.31 -1.21 8.63
N ALA F 90 21.43 -1.79 8.19
CA ALA F 90 22.64 -1.91 9.01
C ALA F 90 23.10 -0.57 9.57
N GLY F 91 23.06 0.47 8.73
CA GLY F 91 23.54 1.79 9.13
C GLY F 91 22.71 2.50 10.20
N SER F 92 23.33 3.54 10.76
CA SER F 92 22.66 4.49 11.66
C SER F 92 22.66 5.93 11.08
N HIS F 93 21.47 6.42 10.71
CA HIS F 93 21.39 7.71 10.04
C HIS F 93 20.68 8.70 10.90
N THR F 94 20.82 9.99 10.55
CA THR F 94 20.38 11.12 11.40
C THR F 94 19.54 12.11 10.58
N VAL F 95 18.39 12.53 11.13
CA VAL F 95 17.66 13.69 10.60
C VAL F 95 17.62 14.74 11.70
N GLN F 96 17.65 16.00 11.29
CA GLN F 96 17.52 17.15 12.22
C GLN F 96 16.54 18.15 11.62
N ARG F 97 15.80 18.87 12.44
CA ARG F 97 14.77 19.82 11.97
C ARG F 97 14.86 21.05 12.85
N MET F 98 14.76 22.22 12.25
CA MET F 98 14.91 23.48 13.00
C MET F 98 13.95 24.47 12.42
N TYR F 99 13.11 25.06 13.27
CA TYR F 99 12.26 26.14 12.80
C TYR F 99 11.94 27.14 13.86
N GLY F 100 11.47 28.30 13.41
CA GLY F 100 11.08 29.36 14.30
C GLY F 100 11.00 30.75 13.69
N CYS F 101 10.94 31.74 14.54
CA CYS F 101 10.68 33.06 14.06
C CYS F 101 11.42 34.10 14.81
N ASP F 102 11.71 35.20 14.12
CA ASP F 102 12.37 36.35 14.73
C ASP F 102 11.43 37.55 14.72
N VAL F 103 11.58 38.42 15.71
CA VAL F 103 10.85 39.67 15.76
C VAL F 103 11.84 40.85 15.90
N GLY F 104 11.41 42.06 15.53
CA GLY F 104 12.20 43.28 15.72
C GLY F 104 12.13 43.85 17.14
N SER F 105 12.44 45.12 17.28
CA SER F 105 12.48 45.83 18.57
C SER F 105 11.08 45.94 19.26
N ASP F 106 10.06 46.27 18.45
CA ASP F 106 8.64 46.03 18.80
C ASP F 106 8.43 44.55 18.54
N TRP F 107 7.58 43.87 19.29
CA TRP F 107 7.56 42.44 19.13
C TRP F 107 6.90 41.96 17.77
N ARG F 108 7.28 42.52 16.60
CA ARG F 108 6.54 42.29 15.32
C ARG F 108 7.34 41.41 14.38
N PHE F 109 6.67 40.65 13.51
CA PHE F 109 7.35 39.66 12.66
C PHE F 109 8.48 40.21 11.80
N LEU F 110 9.65 39.59 11.88
CA LEU F 110 10.81 39.98 11.05
C LEU F 110 11.19 38.89 10.05
N ARG F 111 11.24 37.64 10.50
CA ARG F 111 11.77 36.53 9.70
C ARG F 111 11.29 35.22 10.26
N GLY F 112 11.16 34.24 9.38
CA GLY F 112 10.81 32.86 9.74
C GLY F 112 11.76 31.89 9.05
N TYR F 113 11.92 30.70 9.60
CA TYR F 113 12.78 29.74 8.94
C TYR F 113 12.30 28.34 9.23
N HIS F 114 12.56 27.45 8.28
CA HIS F 114 12.30 26.04 8.45
C HIS F 114 13.24 25.21 7.58
N GLN F 115 14.08 24.41 8.24
CA GLN F 115 15.15 23.66 7.58
C GLN F 115 15.25 22.23 8.13
N TYR F 116 15.61 21.31 7.25
CA TYR F 116 15.63 19.88 7.50
C TYR F 116 16.95 19.37 6.91
N ALA F 117 17.66 18.55 7.67
CA ALA F 117 18.90 18.00 7.17
C ALA F 117 18.95 16.52 7.41
N TYR F 118 19.56 15.80 6.47
CA TYR F 118 19.83 14.36 6.56
C TYR F 118 21.31 14.09 6.47
N ASP F 119 21.70 13.16 7.31
CA ASP F 119 23.07 13.07 7.81
C ASP F 119 23.90 14.40 7.77
N GLY F 120 23.43 15.53 8.36
CA GLY F 120 24.17 16.82 8.33
C GLY F 120 24.32 17.61 7.01
N LYS F 121 23.62 17.16 5.95
CA LYS F 121 23.62 17.77 4.60
C LYS F 121 22.21 18.36 4.43
N ASP F 122 22.14 19.57 3.86
CA ASP F 122 20.94 20.39 3.95
C ASP F 122 19.60 19.79 3.58
N TYR F 123 19.51 18.74 2.78
CA TYR F 123 18.17 18.23 2.27
C TYR F 123 17.08 19.21 1.77
N ILE F 124 16.16 19.73 2.58
CA ILE F 124 15.13 20.62 2.02
C ILE F 124 14.72 21.69 3.02
N ALA F 125 14.54 22.91 2.56
CA ALA F 125 14.24 24.04 3.43
C ALA F 125 13.46 25.15 2.71
N LEU F 126 12.76 25.95 3.50
CA LEU F 126 11.98 27.07 2.96
C LEU F 126 12.97 28.11 2.49
N LYS F 127 12.69 28.78 1.38
CA LYS F 127 13.45 29.98 0.95
C LYS F 127 13.08 31.18 1.85
N GLU F 128 13.67 32.36 1.68
CA GLU F 128 13.54 33.43 2.68
C GLU F 128 12.14 34.06 2.71
N ASP F 129 11.57 34.19 1.52
CA ASP F 129 10.20 34.70 1.33
C ASP F 129 9.47 33.40 1.16
N LEU F 130 8.63 33.04 2.12
CA LEU F 130 8.45 31.62 2.56
C LEU F 130 7.51 30.79 1.69
N ARG F 131 7.55 31.00 0.38
CA ARG F 131 6.61 30.36 -0.55
C ARG F 131 7.28 29.38 -1.51
N SER F 132 8.51 28.95 -1.27
CA SER F 132 9.14 27.91 -2.14
C SER F 132 10.27 27.22 -1.42
N TRP F 133 10.73 26.08 -1.94
CA TRP F 133 11.76 25.29 -1.26
C TRP F 133 13.06 25.16 -2.05
N THR F 134 14.22 25.35 -1.38
CA THR F 134 15.53 24.95 -1.93
C THR F 134 15.68 23.51 -1.54
N ALA F 135 15.98 22.67 -2.53
CA ALA F 135 16.35 21.28 -2.35
C ALA F 135 17.89 21.13 -2.60
N ALA F 136 18.57 20.35 -1.73
CA ALA F 136 20.03 20.11 -1.79
C ALA F 136 20.50 19.07 -2.84
N ASP F 137 19.67 18.05 -3.07
CA ASP F 137 19.92 16.89 -3.91
C ASP F 137 18.80 16.76 -5.01
N MET F 138 18.89 15.78 -5.92
CA MET F 138 17.80 15.42 -6.82
C MET F 138 16.70 14.55 -6.11
N ALA F 139 17.03 13.79 -5.04
CA ALA F 139 15.98 13.16 -4.19
C ALA F 139 15.13 14.19 -3.43
N ALA F 140 15.78 15.26 -2.99
CA ALA F 140 15.07 16.38 -2.38
C ALA F 140 14.07 17.05 -3.29
N GLN F 141 14.28 17.06 -4.60
CA GLN F 141 13.26 17.61 -5.50
C GLN F 141 12.03 16.69 -5.73
N THR F 142 12.10 15.40 -5.41
CA THR F 142 10.89 14.53 -5.36
C THR F 142 10.03 14.98 -4.16
N THR F 143 10.66 15.14 -2.99
CA THR F 143 9.99 15.74 -1.82
C THR F 143 9.37 17.12 -2.11
N LYS F 144 10.14 18.01 -2.73
CA LYS F 144 9.61 19.30 -3.21
C LYS F 144 8.33 19.16 -4.01
N HIS F 145 8.30 18.23 -4.97
CA HIS F 145 7.15 18.05 -5.87
C HIS F 145 5.88 17.65 -5.10
N LYS F 146 6.01 16.71 -4.18
CA LYS F 146 4.88 16.31 -3.35
C LYS F 146 4.37 17.46 -2.44
N TRP F 147 5.28 18.17 -1.79
CA TRP F 147 4.93 19.33 -0.95
C TRP F 147 4.43 20.59 -1.66
N GLU F 148 4.68 20.71 -2.96
CA GLU F 148 4.15 21.87 -3.68
C GLU F 148 2.65 21.63 -3.96
N ALA F 149 2.32 20.39 -4.36
CA ALA F 149 0.96 20.01 -4.73
C ALA F 149 0.04 20.07 -3.52
N ALA F 150 0.58 19.76 -2.35
CA ALA F 150 -0.18 19.63 -1.13
C ALA F 150 -0.18 20.91 -0.27
N HIS F 151 0.32 22.02 -0.83
CA HIS F 151 0.37 23.27 -0.10
C HIS F 151 0.98 23.14 1.29
N VAL F 152 2.11 22.46 1.34
CA VAL F 152 2.81 22.30 2.61
C VAL F 152 3.39 23.61 3.11
N ALA F 153 3.93 24.41 2.21
CA ALA F 153 4.61 25.67 2.57
C ALA F 153 3.66 26.74 3.07
N GLU F 154 2.46 26.83 2.43
CA GLU F 154 1.48 27.85 2.74
C GLU F 154 1.05 27.68 4.21
N GLN F 155 0.92 26.42 4.64
CA GLN F 155 0.51 26.07 6.02
C GLN F 155 1.58 26.38 7.02
N LEU F 156 2.82 26.15 6.63
CA LEU F 156 3.95 26.53 7.46
C LEU F 156 4.04 28.03 7.61
N ARG F 157 3.84 28.73 6.51
CA ARG F 157 3.91 30.19 6.52
C ARG F 157 2.92 30.79 7.49
N ALA F 158 1.74 30.17 7.57
CA ALA F 158 0.74 30.55 8.55
C ALA F 158 1.23 30.44 9.99
N TYR F 159 1.93 29.36 10.32
CA TYR F 159 2.51 29.22 11.65
C TYR F 159 3.59 30.24 11.89
N LEU F 160 4.53 30.34 10.98
CA LEU F 160 5.74 31.12 11.23
C LEU F 160 5.48 32.61 11.27
N GLU F 161 4.65 33.08 10.34
CA GLU F 161 4.20 34.47 10.31
C GLU F 161 3.18 34.76 11.44
N GLY F 162 2.32 33.79 11.75
CA GLY F 162 1.23 34.03 12.66
C GLY F 162 1.46 33.58 14.09
N THR F 163 1.24 32.29 14.33
CA THR F 163 1.06 31.69 15.66
C THR F 163 2.38 31.66 16.45
N CYS F 164 3.47 31.47 15.71
CA CYS F 164 4.81 31.48 16.25
C CYS F 164 5.08 32.85 16.88
N VAL F 165 4.77 33.92 16.17
CA VAL F 165 4.88 35.30 16.72
C VAL F 165 3.98 35.52 17.95
N GLU F 166 2.73 35.06 17.86
CA GLU F 166 1.74 35.18 18.93
C GLU F 166 2.29 34.56 20.22
N TRP F 167 2.92 33.42 20.11
CA TRP F 167 3.41 32.73 21.27
C TRP F 167 4.73 33.27 21.80
N LEU F 168 5.59 33.79 20.92
CA LEU F 168 6.82 34.42 21.37
C LEU F 168 6.45 35.64 22.22
N ARG F 169 5.52 36.44 21.70
CA ARG F 169 4.97 37.56 22.46
C ARG F 169 4.38 37.17 23.82
N ARG F 170 3.74 36.01 23.92
CA ARG F 170 3.25 35.54 25.22
C ARG F 170 4.42 35.24 26.16
N TYR F 171 5.44 34.52 25.67
CA TYR F 171 6.51 34.07 26.54
C TYR F 171 7.39 35.22 26.99
N LEU F 172 7.55 36.22 26.13
CA LEU F 172 8.35 37.38 26.50
C LEU F 172 7.70 38.15 27.67
N GLU F 173 6.39 38.39 27.58
CA GLU F 173 5.67 39.09 28.64
C GLU F 173 5.67 38.23 29.95
N ASN F 174 5.24 36.98 29.82
CA ASN F 174 5.24 36.04 30.95
C ASN F 174 6.61 35.91 31.63
N GLY F 175 7.66 35.78 30.83
CA GLY F 175 9.01 35.57 31.37
C GLY F 175 9.85 36.83 31.51
N LYS F 176 9.20 37.96 31.63
CA LYS F 176 9.90 39.18 31.38
C LYS F 176 11.15 39.32 32.25
N GLU F 177 11.11 38.84 33.50
CA GLU F 177 12.28 39.06 34.40
C GLU F 177 13.56 38.38 33.95
N THR F 178 13.49 37.18 33.41
CA THR F 178 14.68 36.49 32.88
C THR F 178 15.01 36.82 31.39
N LEU F 179 14.00 36.98 30.54
CA LEU F 179 14.20 37.08 29.07
C LEU F 179 14.50 38.47 28.49
N GLN F 180 14.00 39.51 29.16
CA GLN F 180 14.38 40.92 28.90
C GLN F 180 15.21 41.39 30.09
N ARG F 181 16.26 40.61 30.39
CA ARG F 181 17.29 40.98 31.35
C ARG F 181 18.51 41.27 30.49
N THR F 182 19.29 42.24 30.93
CA THR F 182 20.62 42.50 30.39
C THR F 182 21.54 42.32 31.61
N ASP F 183 22.66 41.61 31.45
CA ASP F 183 23.62 41.32 32.54
C ASP F 183 25.04 41.73 32.11
N ALA F 184 25.69 42.53 32.96
CA ALA F 184 26.99 43.15 32.63
C ALA F 184 28.05 42.10 32.70
N PRO F 185 29.03 42.15 31.80
CA PRO F 185 30.17 41.27 31.96
C PRO F 185 31.01 41.73 33.13
N LYS F 186 31.24 40.85 34.10
CA LYS F 186 32.25 41.08 35.11
C LYS F 186 33.60 40.73 34.46
N THR F 187 34.38 41.74 34.13
CA THR F 187 35.64 41.53 33.42
C THR F 187 36.86 41.62 34.34
N HIS F 188 37.87 40.84 33.99
CA HIS F 188 39.19 40.91 34.64
C HIS F 188 40.24 40.48 33.60
N MET F 189 41.51 40.51 33.97
CA MET F 189 42.57 40.19 33.04
C MET F 189 43.72 39.45 33.70
N THR F 190 44.21 38.37 33.08
CA THR F 190 45.44 37.70 33.55
C THR F 190 46.67 37.98 32.68
N HIS F 191 47.83 37.88 33.35
CA HIS F 191 49.18 38.08 32.79
C HIS F 191 50.06 37.01 33.38
N HIS F 192 50.37 35.96 32.64
CA HIS F 192 51.43 35.05 33.05
C HIS F 192 52.48 35.00 31.91
N ALA F 193 53.76 34.89 32.29
CA ALA F 193 54.86 34.87 31.34
C ALA F 193 54.83 33.56 30.54
N VAL F 194 55.04 33.64 29.23
CA VAL F 194 55.32 32.48 28.35
C VAL F 194 56.80 32.15 28.40
N SER F 195 57.61 33.18 28.22
CA SER F 195 58.98 33.03 27.79
C SER F 195 59.96 33.80 28.71
N ASP F 196 61.23 33.62 28.37
CA ASP F 196 62.28 34.44 28.92
C ASP F 196 61.98 35.91 28.59
N HIS F 197 61.57 36.22 27.36
CA HIS F 197 61.36 37.63 26.95
C HIS F 197 60.00 37.84 26.16
N GLU F 198 58.88 37.40 26.79
CA GLU F 198 57.49 37.43 26.19
C GLU F 198 56.39 36.96 27.20
N ALA F 199 55.14 37.41 27.02
CA ALA F 199 54.07 37.16 28.02
C ALA F 199 52.66 37.08 27.42
N THR F 200 51.81 36.26 28.03
CA THR F 200 50.41 36.14 27.60
C THR F 200 49.54 37.12 28.37
N LEU F 201 48.78 37.94 27.65
CA LEU F 201 47.72 38.73 28.25
C LEU F 201 46.42 38.07 27.90
N ARG F 202 45.63 37.71 28.89
CA ARG F 202 44.36 37.06 28.64
C ARG F 202 43.25 37.90 29.24
N CYS F 203 42.27 38.27 28.41
CA CYS F 203 41.18 39.18 28.81
C CYS F 203 39.90 38.40 28.99
N TRP F 204 39.33 38.42 30.20
CA TRP F 204 38.18 37.59 30.54
C TRP F 204 36.88 38.38 30.61
N ALA F 205 35.78 37.71 30.28
CA ALA F 205 34.41 38.27 30.39
C ALA F 205 33.51 37.15 30.97
N LEU F 206 33.05 37.35 32.19
CA LEU F 206 32.29 36.34 32.93
C LEU F 206 30.84 36.81 33.19
N SER F 207 29.92 35.85 33.36
CA SER F 207 28.59 36.09 33.90
C SER F 207 27.72 37.14 33.19
N PHE F 208 27.63 37.03 31.87
CA PHE F 208 26.88 37.98 31.06
C PHE F 208 25.71 37.36 30.31
N TYR F 209 24.70 38.20 29.98
CA TYR F 209 23.51 37.77 29.22
C TYR F 209 22.95 38.97 28.46
N PRO F 210 22.64 38.86 27.13
CA PRO F 210 22.75 37.61 26.33
C PRO F 210 24.17 37.28 25.88
N ALA F 211 24.32 36.31 24.97
CA ALA F 211 25.63 35.77 24.59
C ALA F 211 26.37 36.59 23.56
N GLU F 212 25.70 37.52 22.91
CA GLU F 212 26.38 38.40 21.94
C GLU F 212 27.29 39.32 22.73
N ILE F 213 28.54 39.36 22.32
CA ILE F 213 29.59 40.14 23.00
C ILE F 213 30.75 40.24 22.01
N THR F 214 31.50 41.35 22.06
CA THR F 214 32.77 41.43 21.32
C THR F 214 33.88 41.70 22.32
N LEU F 215 34.95 40.90 22.15
CA LEU F 215 36.23 41.06 22.83
C LEU F 215 37.30 41.16 21.77
N THR F 216 37.87 42.35 21.63
CA THR F 216 39.08 42.51 20.81
C THR F 216 40.19 43.20 21.61
N TRP F 217 41.39 42.92 21.15
CA TRP F 217 42.58 43.55 21.65
C TRP F 217 43.03 44.61 20.68
N GLN F 218 43.44 45.76 21.20
CA GLN F 218 44.17 46.73 20.35
C GLN F 218 45.62 46.86 20.79
N ARG F 219 46.50 47.18 19.84
CA ARG F 219 47.88 47.59 20.12
C ARG F 219 48.04 48.99 19.57
N ASP F 220 48.30 49.98 20.44
CA ASP F 220 48.35 51.39 20.03
C ASP F 220 47.16 51.77 19.18
N GLY F 221 45.97 51.23 19.43
CA GLY F 221 44.81 51.39 18.54
C GLY F 221 44.62 50.35 17.43
N GLU F 222 45.70 49.93 16.72
CA GLU F 222 45.62 48.83 15.72
C GLU F 222 44.89 47.65 16.39
N ASP F 223 43.71 47.36 15.84
CA ASP F 223 42.99 46.09 16.07
C ASP F 223 43.94 44.92 15.77
N GLN F 224 44.16 44.10 16.77
CA GLN F 224 45.06 42.95 16.70
C GLN F 224 44.23 41.67 16.33
N THR F 225 44.36 41.16 15.11
CA THR F 225 43.49 40.06 14.66
C THR F 225 44.31 38.83 14.41
N GLN F 226 45.26 38.94 13.48
CA GLN F 226 46.22 37.84 13.21
C GLN F 226 46.72 37.23 14.53
N ASP F 227 46.91 38.04 15.57
CA ASP F 227 47.61 37.61 16.80
C ASP F 227 46.72 37.22 18.02
N THR F 228 45.42 37.45 17.93
CA THR F 228 44.48 37.18 19.02
C THR F 228 44.01 35.74 19.04
N GLU F 229 44.01 35.10 20.20
CA GLU F 229 43.35 33.84 20.40
C GLU F 229 41.98 34.09 21.06
N LEU F 230 40.90 34.00 20.29
CA LEU F 230 39.50 33.97 20.82
C LEU F 230 39.18 32.56 21.30
N VAL F 231 38.08 32.41 22.04
CA VAL F 231 37.45 31.10 22.23
C VAL F 231 35.98 31.26 22.04
N GLU F 232 35.28 30.18 21.73
CA GLU F 232 33.83 30.26 21.60
C GLU F 232 33.19 30.67 22.93
N THR F 233 32.14 31.45 22.81
CA THR F 233 31.36 31.88 23.95
C THR F 233 30.73 30.62 24.56
N ARG F 234 30.74 30.51 25.88
CA ARG F 234 30.32 29.26 26.49
C ARG F 234 29.37 29.45 27.64
N PRO F 235 28.46 28.47 27.86
CA PRO F 235 27.51 28.60 28.97
C PRO F 235 28.15 28.32 30.31
N ALA F 236 27.78 29.07 31.33
CA ALA F 236 28.27 28.85 32.69
C ALA F 236 27.48 27.74 33.39
N GLY F 237 26.27 27.46 32.92
CA GLY F 237 25.41 26.43 33.51
C GLY F 237 24.26 27.03 34.30
N ASP F 238 24.45 28.27 34.74
CA ASP F 238 23.37 29.08 35.36
C ASP F 238 22.64 29.99 34.33
N GLY F 239 22.80 29.75 33.03
CA GLY F 239 22.16 30.59 32.03
C GLY F 239 22.79 31.95 31.77
N THR F 240 24.06 32.11 32.16
CA THR F 240 24.88 33.25 31.76
C THR F 240 25.96 32.69 30.87
N PHE F 241 26.85 33.53 30.36
CA PHE F 241 27.92 33.11 29.44
C PHE F 241 29.35 33.61 29.79
N GLN F 242 30.34 33.07 29.09
CA GLN F 242 31.75 33.37 29.30
C GLN F 242 32.47 33.39 27.99
N LYS F 243 33.46 34.28 27.90
CA LYS F 243 34.35 34.32 26.76
C LYS F 243 35.66 34.92 27.21
N TRP F 244 36.74 34.57 26.54
CA TRP F 244 38.00 35.29 26.67
C TRP F 244 38.69 35.43 25.36
N ALA F 245 39.65 36.33 25.39
CA ALA F 245 40.52 36.56 24.23
C ALA F 245 41.94 36.82 24.73
N ALA F 246 42.90 36.34 23.97
CA ALA F 246 44.28 36.32 24.47
C ALA F 246 45.25 36.76 23.41
N VAL F 247 46.28 37.46 23.83
CA VAL F 247 47.27 37.93 22.89
C VAL F 247 48.61 37.78 23.56
N VAL F 248 49.60 37.39 22.77
CA VAL F 248 50.97 37.25 23.26
C VAL F 248 51.69 38.52 22.87
N VAL F 249 52.53 38.99 23.78
CA VAL F 249 53.20 40.29 23.64
C VAL F 249 54.69 40.32 24.06
N PRO F 250 55.50 41.12 23.36
CA PRO F 250 56.89 41.34 23.82
C PRO F 250 56.93 41.92 25.25
N SER F 251 57.81 41.46 26.13
CA SER F 251 57.70 41.90 27.53
C SER F 251 58.27 43.31 27.72
N GLY F 252 57.55 44.12 28.50
CA GLY F 252 57.77 45.56 28.61
C GLY F 252 56.94 46.43 27.68
N GLN F 253 56.05 45.82 26.89
CA GLN F 253 55.19 46.53 25.96
C GLN F 253 53.69 46.33 26.26
N GLU F 254 53.38 45.96 27.50
CA GLU F 254 52.03 45.67 27.93
C GLU F 254 51.16 46.91 27.92
N GLN F 255 51.78 48.06 28.17
CA GLN F 255 51.11 49.36 28.22
C GLN F 255 50.49 49.76 26.88
N ARG F 256 51.13 49.31 25.78
CA ARG F 256 50.58 49.43 24.43
C ARG F 256 49.28 48.65 24.11
N TYR F 257 48.88 47.70 24.97
CA TYR F 257 47.80 46.80 24.67
C TYR F 257 46.63 46.98 25.59
N THR F 258 45.44 47.16 25.01
CA THR F 258 44.18 47.34 25.72
C THR F 258 43.10 46.40 25.14
N CYS F 259 42.27 45.88 26.02
CA CYS F 259 41.20 44.97 25.66
C CYS F 259 39.85 45.69 25.61
N HIS F 260 39.23 45.74 24.44
CA HIS F 260 37.95 46.42 24.25
C HIS F 260 36.84 45.41 24.49
N VAL F 261 36.01 45.61 25.53
CA VAL F 261 34.82 44.75 25.80
C VAL F 261 33.53 45.49 25.41
N GLN F 262 32.80 44.91 24.47
CA GLN F 262 31.57 45.50 23.94
C GLN F 262 30.39 44.57 24.10
N HIS F 263 29.32 45.06 24.73
CA HIS F 263 28.20 44.21 25.10
C HIS F 263 26.94 45.02 25.21
N GLU F 264 25.82 44.36 24.97
CA GLU F 264 24.48 44.93 25.08
C GLU F 264 24.15 45.59 26.42
N GLY F 265 24.57 44.97 27.51
CA GLY F 265 24.28 45.46 28.86
C GLY F 265 25.28 46.39 29.48
N LEU F 266 26.18 46.97 28.69
CA LEU F 266 27.17 47.94 29.20
C LEU F 266 26.81 49.34 28.70
N PRO F 267 26.70 50.34 29.62
CA PRO F 267 26.38 51.71 29.11
C PRO F 267 27.39 52.15 27.99
N LYS F 268 28.68 52.24 28.35
CA LYS F 268 29.80 52.50 27.43
C LYS F 268 30.66 51.23 27.35
N PRO F 269 31.26 50.98 26.15
CA PRO F 269 32.32 49.97 26.06
C PRO F 269 33.43 50.11 27.15
N LEU F 270 33.78 49.00 27.81
CA LEU F 270 34.93 48.97 28.74
C LEU F 270 36.26 48.72 28.03
N THR F 271 37.36 49.04 28.72
CA THR F 271 38.73 49.01 28.25
C THR F 271 39.65 48.64 29.40
N LEU F 272 40.30 47.49 29.33
CA LEU F 272 41.27 47.09 30.35
C LEU F 272 42.66 47.17 29.79
N ARG F 273 43.59 47.66 30.62
CA ARG F 273 45.04 47.59 30.32
C ARG F 273 45.55 46.56 31.29
N TRP F 274 46.81 46.15 31.18
CA TRP F 274 47.45 45.42 32.26
C TRP F 274 47.98 46.41 33.32
N GLU F 275 47.15 46.68 34.32
CA GLU F 275 47.57 47.35 35.56
C GLU F 275 47.63 46.27 36.65
N PRO F 276 48.80 46.08 37.34
CA PRO F 276 48.99 45.18 38.49
C PRO F 276 47.72 44.78 39.28
N MET G 1 27.67 9.85 5.92
CA MET G 1 27.91 10.65 7.13
C MET G 1 29.12 11.57 6.94
N ILE G 2 28.84 12.87 7.04
CA ILE G 2 29.84 13.92 6.93
C ILE G 2 30.31 14.15 8.38
N GLN G 3 31.59 13.89 8.59
CA GLN G 3 32.19 13.71 9.90
C GLN G 3 32.84 15.02 10.33
N ARG G 4 32.54 15.47 11.56
CA ARG G 4 33.11 16.70 12.15
C ARG G 4 33.61 16.50 13.57
N THR G 5 34.81 16.96 13.86
CA THR G 5 35.43 16.65 15.14
C THR G 5 35.15 17.77 16.17
N PRO G 6 34.92 17.40 17.44
CA PRO G 6 34.52 18.35 18.49
C PRO G 6 35.60 19.31 19.00
N LYS G 7 35.17 20.42 19.62
CA LYS G 7 36.01 21.42 20.28
C LYS G 7 35.70 21.43 21.78
N ILE G 8 36.68 21.00 22.55
CA ILE G 8 36.47 20.80 23.98
C ILE G 8 36.97 22.01 24.72
N GLN G 9 36.14 22.61 25.57
CA GLN G 9 36.55 23.57 26.61
C GLN G 9 36.22 23.04 28.03
N VAL G 10 37.11 23.27 28.99
CA VAL G 10 36.88 22.89 30.39
C VAL G 10 37.09 24.05 31.35
N TYR G 11 36.11 24.31 32.19
CA TYR G 11 36.10 25.56 32.98
C TYR G 11 35.13 25.45 34.16
N SER G 12 35.15 26.41 35.08
CA SER G 12 34.23 26.38 36.21
C SER G 12 33.10 27.40 35.99
N ARG G 13 31.93 27.12 36.57
CA ARG G 13 30.80 28.01 36.53
C ARG G 13 31.18 29.35 37.15
N HIS G 14 31.70 29.31 38.38
CA HIS G 14 32.16 30.50 39.10
C HIS G 14 33.66 30.53 39.09
N PRO G 15 34.27 31.72 39.27
CA PRO G 15 35.74 31.74 39.33
C PRO G 15 36.23 30.85 40.48
N ALA G 16 37.17 29.96 40.19
CA ALA G 16 37.58 28.94 41.16
C ALA G 16 38.41 29.45 42.34
N GLU G 17 37.95 29.08 43.52
CA GLU G 17 38.62 29.32 44.78
C GLU G 17 38.72 27.99 45.54
N ASN G 18 39.91 27.70 46.07
CA ASN G 18 40.13 26.48 46.84
C ASN G 18 39.27 26.47 48.10
N GLY G 19 38.54 25.39 48.30
CA GLY G 19 37.60 25.28 49.44
C GLY G 19 36.18 25.79 49.23
N LYS G 20 35.92 26.60 48.21
CA LYS G 20 34.54 27.01 47.86
C LYS G 20 33.90 26.02 46.88
N SER G 21 32.66 25.61 47.19
CA SER G 21 31.85 24.76 46.29
C SER G 21 31.55 25.41 44.91
N ASN G 22 31.52 24.61 43.82
CA ASN G 22 31.44 25.15 42.44
C ASN G 22 30.75 24.13 41.52
N PHE G 23 30.77 24.36 40.22
CA PHE G 23 30.52 23.31 39.23
C PHE G 23 31.66 23.32 38.22
N LEU G 24 32.04 22.13 37.74
CA LEU G 24 33.04 21.97 36.69
C LEU G 24 32.31 21.61 35.43
N ASN G 25 32.45 22.44 34.40
CA ASN G 25 31.76 22.26 33.16
C ASN G 25 32.76 21.76 32.14
N CYS G 26 32.32 20.83 31.30
CA CYS G 26 33.00 20.46 30.05
C CYS G 26 32.06 20.63 28.85
N TYR G 27 32.40 21.53 27.93
CA TYR G 27 31.51 21.98 26.87
C TYR G 27 32.07 21.45 25.55
N VAL G 28 31.36 20.51 24.94
CA VAL G 28 31.81 19.93 23.66
C VAL G 28 30.95 20.50 22.55
N SER G 29 31.57 20.98 21.47
CA SER G 29 30.83 21.58 20.37
C SER G 29 31.44 21.40 18.98
N GLY G 30 30.65 21.62 17.94
CA GLY G 30 31.10 21.68 16.54
C GLY G 30 31.19 20.33 15.86
N PHE G 31 30.47 19.33 16.38
CA PHE G 31 30.67 17.92 15.95
C PHE G 31 29.49 17.26 15.22
N HIS G 32 29.79 16.21 14.46
CA HIS G 32 28.77 15.42 13.77
C HIS G 32 29.45 14.11 13.47
N PRO G 33 28.81 12.96 13.60
CA PRO G 33 27.46 12.77 14.14
C PRO G 33 27.38 12.94 15.67
N SER G 34 26.22 12.63 16.24
CA SER G 34 25.93 12.88 17.64
C SER G 34 26.53 11.90 18.66
N ASP G 35 26.97 10.70 18.25
CA ASP G 35 27.50 9.77 19.25
C ASP G 35 28.80 10.35 19.78
N ILE G 36 28.74 10.90 20.99
CA ILE G 36 29.95 11.12 21.73
C ILE G 36 29.98 10.45 23.05
N GLU G 37 31.21 10.16 23.50
CA GLU G 37 31.51 9.71 24.84
C GLU G 37 32.20 10.90 25.51
N VAL G 38 31.74 11.30 26.70
CA VAL G 38 32.37 12.41 27.45
C VAL G 38 32.42 12.13 28.96
N ASP G 39 33.63 12.10 29.53
CA ASP G 39 33.81 11.88 30.98
C ASP G 39 34.56 13.04 31.62
N LEU G 40 34.13 13.42 32.82
CA LEU G 40 34.88 14.29 33.67
C LEU G 40 35.75 13.44 34.61
N LEU G 41 37.02 13.79 34.67
CA LEU G 41 38.02 13.09 35.48
C LEU G 41 38.42 13.92 36.71
N LYS G 42 38.60 13.25 37.85
CA LYS G 42 39.26 13.82 39.03
C LYS G 42 40.51 12.97 39.35
N ASN G 43 41.71 13.50 39.06
CA ASN G 43 42.98 12.72 39.17
C ASN G 43 42.86 11.49 38.26
N GLY G 44 42.51 11.71 36.98
CA GLY G 44 42.36 10.63 35.99
C GLY G 44 41.37 9.49 36.20
N GLU G 45 40.56 9.54 37.28
CA GLU G 45 39.50 8.53 37.59
C GLU G 45 38.16 9.20 37.31
N ARG G 46 37.35 8.54 36.50
CA ARG G 46 36.02 9.04 36.09
C ARG G 46 35.13 9.42 37.30
N ILE G 47 34.42 10.55 37.19
CA ILE G 47 33.52 11.02 38.26
C ILE G 47 32.14 10.48 37.98
N GLU G 48 31.38 10.16 39.04
CA GLU G 48 30.17 9.38 38.82
C GLU G 48 28.84 10.14 38.63
N LYS G 49 28.68 11.30 39.26
CA LYS G 49 27.36 11.97 39.28
C LYS G 49 27.40 13.13 38.29
N VAL G 50 27.60 12.78 37.03
CA VAL G 50 27.84 13.75 35.97
C VAL G 50 26.53 13.94 35.23
N GLU G 51 26.01 15.17 35.18
CA GLU G 51 24.80 15.44 34.42
C GLU G 51 25.12 16.20 33.16
N HIS G 52 24.18 16.21 32.22
CA HIS G 52 24.40 16.89 30.95
C HIS G 52 23.17 17.56 30.37
N SER G 53 23.38 18.51 29.47
CA SER G 53 22.30 19.30 28.92
C SER G 53 21.64 18.52 27.76
N ASP G 54 20.45 18.96 27.36
CA ASP G 54 19.76 18.28 26.26
C ASP G 54 20.48 18.54 24.95
N LEU G 55 20.57 17.54 24.10
CA LEU G 55 21.30 17.70 22.85
C LEU G 55 20.63 18.73 21.94
N SER G 56 21.43 19.57 21.33
CA SER G 56 20.96 20.60 20.43
C SER G 56 22.03 20.90 19.43
N PHE G 57 21.75 21.84 18.54
CA PHE G 57 22.68 22.18 17.46
C PHE G 57 22.50 23.60 16.91
N SER G 58 23.56 24.08 16.27
CA SER G 58 23.65 25.45 15.79
C SER G 58 23.07 25.58 14.38
N LYS G 59 23.03 26.80 13.87
CA LYS G 59 22.34 27.07 12.61
C LYS G 59 23.04 26.31 11.45
N ASP G 60 24.36 26.24 11.50
CA ASP G 60 25.11 25.17 10.84
C ASP G 60 24.77 23.93 11.70
N TRP G 61 24.58 22.75 11.10
CA TRP G 61 24.00 21.55 11.75
C TRP G 61 24.83 20.77 12.78
N SER G 62 25.88 21.40 13.32
CA SER G 62 26.80 20.74 14.24
C SER G 62 26.29 20.80 15.68
N PHE G 63 26.56 19.73 16.43
CA PHE G 63 25.96 19.54 17.75
C PHE G 63 26.79 20.17 18.85
N TYR G 64 26.15 20.40 20.01
CA TYR G 64 26.86 20.83 21.21
C TYR G 64 26.19 20.30 22.48
N LEU G 65 26.96 19.98 23.50
CA LEU G 65 26.47 19.55 24.81
C LEU G 65 27.22 20.18 25.95
N LEU G 66 26.56 20.41 27.09
CA LEU G 66 27.29 20.79 28.30
C LEU G 66 27.24 19.66 29.30
N TYR G 67 28.42 19.22 29.77
CA TYR G 67 28.57 18.21 30.85
C TYR G 67 29.06 18.87 32.16
N TYR G 68 28.32 18.75 33.28
CA TYR G 68 28.70 19.43 34.54
C TYR G 68 28.61 18.57 35.82
N THR G 69 29.34 18.95 36.87
CA THR G 69 29.31 18.23 38.16
C THR G 69 29.60 19.17 39.35
N GLU G 70 29.00 18.92 40.51
CA GLU G 70 29.35 19.66 41.72
C GLU G 70 30.75 19.24 42.16
N PHE G 71 31.62 20.20 42.47
CA PHE G 71 32.97 19.94 42.98
C PHE G 71 33.53 21.05 43.89
N THR G 72 34.53 20.67 44.69
CA THR G 72 35.30 21.59 45.51
C THR G 72 36.80 21.50 45.08
N PRO G 73 37.32 22.58 44.46
CA PRO G 73 38.72 22.52 44.03
C PRO G 73 39.66 22.74 45.20
N THR G 74 40.71 21.92 45.28
CA THR G 74 41.83 22.15 46.21
C THR G 74 43.13 21.98 45.43
N GLU G 75 44.19 22.70 45.81
CA GLU G 75 45.53 22.62 45.19
C GLU G 75 45.93 21.29 44.49
N LYS G 76 45.99 20.22 45.29
CA LYS G 76 46.50 18.90 44.84
C LYS G 76 45.64 18.16 43.79
N ASP G 77 44.31 18.32 43.85
CA ASP G 77 43.39 17.63 42.92
C ASP G 77 43.54 18.17 41.49
N GLU G 78 43.62 17.27 40.50
CA GLU G 78 43.70 17.73 39.12
C GLU G 78 42.48 17.18 38.40
N TYR G 79 41.73 18.10 37.79
CA TYR G 79 40.52 17.81 37.03
C TYR G 79 40.78 17.88 35.52
N ALA G 80 39.88 17.30 34.72
CA ALA G 80 40.04 17.18 33.26
C ALA G 80 38.81 16.55 32.64
N CYS G 81 38.81 16.49 31.31
CA CYS G 81 37.68 16.00 30.52
C CYS G 81 38.19 15.08 29.42
N ARG G 82 37.64 13.87 29.36
CA ARG G 82 38.02 12.86 28.34
C ARG G 82 36.89 12.70 27.32
N VAL G 83 37.24 12.81 26.05
CA VAL G 83 36.27 12.75 24.97
C VAL G 83 36.69 11.85 23.85
N ASN G 84 35.79 10.97 23.43
CA ASN G 84 35.99 10.12 22.26
C ASN G 84 34.79 10.34 21.33
N HIS G 85 35.06 10.24 20.03
CA HIS G 85 34.08 10.48 18.98
C HIS G 85 34.56 9.64 17.80
N VAL G 86 33.76 9.46 16.75
CA VAL G 86 34.26 8.71 15.59
C VAL G 86 35.41 9.41 14.80
N THR G 87 35.48 10.73 14.87
CA THR G 87 36.52 11.49 14.14
C THR G 87 37.90 11.46 14.75
N LEU G 88 37.98 11.25 16.05
CA LEU G 88 39.26 11.21 16.77
C LEU G 88 39.77 9.76 16.86
N SER G 89 40.96 9.45 16.33
CA SER G 89 41.42 8.04 16.36
C SER G 89 41.87 7.57 17.76
N GLN G 90 41.97 8.48 18.75
CA GLN G 90 41.98 8.05 20.15
C GLN G 90 41.36 9.11 21.04
N PRO G 91 40.84 8.71 22.22
CA PRO G 91 40.29 9.71 23.10
C PRO G 91 41.22 10.90 23.30
N LYS G 92 40.62 12.03 23.65
CA LYS G 92 41.34 13.27 23.87
C LYS G 92 41.07 13.80 25.28
N ILE G 93 42.13 14.03 26.04
CA ILE G 93 42.07 14.63 27.36
C ILE G 93 42.33 16.16 27.28
N VAL G 94 41.53 16.93 28.00
CA VAL G 94 41.81 18.36 28.15
C VAL G 94 41.80 18.71 29.66
N LYS G 95 42.96 19.09 30.19
CA LYS G 95 43.12 19.40 31.63
C LYS G 95 42.44 20.72 31.98
N TRP G 96 41.90 20.84 33.18
CA TRP G 96 41.32 22.11 33.66
C TRP G 96 42.40 22.93 34.28
N ASP G 97 42.69 24.09 33.70
CA ASP G 97 43.69 25.01 34.21
C ASP G 97 42.96 26.13 34.91
N ARG G 98 43.34 26.48 36.14
CA ARG G 98 42.61 27.53 36.90
C ARG G 98 42.58 28.98 36.29
N ASP G 99 43.34 29.25 35.20
CA ASP G 99 43.42 30.59 34.50
C ASP G 99 43.46 30.51 32.94
N MET G 100 42.72 29.52 32.43
CA MET G 100 42.18 29.37 31.07
C MET G 100 40.78 28.62 31.11
N SER H 1 5.12 27.50 21.56
CA SER H 1 4.18 26.46 21.01
C SER H 1 4.58 25.88 19.65
N LEU H 2 4.61 24.56 19.58
CA LEU H 2 5.02 23.84 18.36
C LEU H 2 3.98 23.94 17.26
N TYR H 3 4.46 23.65 16.04
CA TYR H 3 3.62 23.54 14.85
C TYR H 3 2.78 22.27 15.00
N ASN H 4 1.55 22.25 14.50
CA ASN H 4 0.72 21.03 14.59
C ASN H 4 0.99 20.12 13.42
N THR H 5 0.79 20.65 12.21
CA THR H 5 0.67 19.88 11.00
C THR H 5 1.98 19.72 10.26
N VAL H 6 2.94 19.00 10.87
CA VAL H 6 4.30 18.74 10.27
C VAL H 6 4.20 17.78 9.10
N ALA H 7 5.00 17.91 8.04
CA ALA H 7 4.93 16.94 6.94
C ALA H 7 5.96 15.79 6.92
N THR H 8 5.50 14.66 6.40
CA THR H 8 6.32 13.50 6.09
C THR H 8 6.90 13.59 4.66
N LEU H 9 8.05 12.95 4.42
CA LEU H 9 8.96 13.22 3.25
C LEU H 9 8.52 12.60 1.90
N LYS I 1 -20.35 27.00 20.18
CA LYS I 1 -20.14 28.50 20.17
C LYS I 1 -18.64 28.99 20.22
N GLU I 2 -17.66 28.10 19.96
CA GLU I 2 -16.32 28.57 19.64
C GLU I 2 -16.18 28.92 18.18
N VAL I 3 -17.05 28.42 17.31
CA VAL I 3 -17.17 28.90 15.91
C VAL I 3 -18.65 29.13 15.65
N GLU I 4 -19.01 30.29 15.10
CA GLU I 4 -20.38 30.77 15.13
C GLU I 4 -20.87 31.10 13.71
N GLN I 5 -22.09 30.66 13.39
CA GLN I 5 -22.78 30.91 12.14
C GLN I 5 -24.27 31.13 12.38
N ASN I 6 -24.93 31.98 11.59
CA ASN I 6 -26.39 32.03 11.58
C ASN I 6 -26.96 30.83 10.81
N SER I 7 -28.02 30.24 11.37
CA SER I 7 -28.58 29.00 10.81
C SER I 7 -29.37 29.23 9.51
N GLY I 8 -29.92 30.46 9.37
CA GLY I 8 -30.69 30.83 8.19
C GLY I 8 -32.14 30.38 8.41
N PRO I 9 -32.90 30.08 7.37
CA PRO I 9 -32.48 30.10 5.99
C PRO I 9 -32.00 31.42 5.45
N LEU I 10 -31.23 31.34 4.42
CA LEU I 10 -30.71 32.46 3.72
C LEU I 10 -31.22 32.27 2.29
N SER I 11 -31.78 33.30 1.72
CA SER I 11 -32.43 33.15 0.44
C SER I 11 -31.85 34.08 -0.60
N VAL I 12 -31.70 33.60 -1.82
CA VAL I 12 -30.92 34.29 -2.83
C VAL I 12 -31.61 34.01 -4.14
N PRO I 13 -31.91 35.04 -4.92
CA PRO I 13 -32.44 34.66 -6.23
C PRO I 13 -31.35 34.09 -7.20
N GLU I 14 -31.79 33.18 -8.06
CA GLU I 14 -30.91 32.50 -8.99
C GLU I 14 -30.17 33.53 -9.84
N GLY I 15 -28.86 33.35 -9.90
CA GLY I 15 -27.98 34.21 -10.62
C GLY I 15 -27.28 35.30 -9.83
N ALA I 16 -27.57 35.43 -8.54
CA ALA I 16 -27.17 36.60 -7.77
C ALA I 16 -26.25 36.08 -6.74
N ILE I 17 -25.43 36.99 -6.19
CA ILE I 17 -24.39 36.62 -5.25
C ILE I 17 -25.01 36.23 -3.92
N ALA I 18 -24.62 35.04 -3.46
CA ALA I 18 -24.99 34.54 -2.12
C ALA I 18 -23.81 34.83 -1.19
N SER I 19 -24.08 35.14 0.08
CA SER I 19 -22.99 35.49 0.99
C SER I 19 -23.19 34.84 2.34
N LEU I 20 -22.15 34.19 2.83
CA LEU I 20 -22.23 33.48 4.11
C LEU I 20 -21.06 33.86 4.94
N ASN I 21 -21.31 34.23 6.19
CA ASN I 21 -20.25 34.56 7.12
C ASN I 21 -20.25 33.58 8.22
N CYS I 22 -19.15 33.64 8.94
CA CYS I 22 -18.83 32.74 10.03
C CYS I 22 -17.76 33.46 10.87
N THR I 23 -17.90 33.47 12.19
CA THR I 23 -16.89 34.05 13.04
C THR I 23 -16.45 33.03 14.07
N TYR I 24 -15.24 33.23 14.59
CA TYR I 24 -14.68 32.32 15.57
C TYR I 24 -14.06 33.15 16.66
N SER I 25 -13.80 32.56 17.82
CA SER I 25 -13.21 33.38 18.91
C SER I 25 -11.81 33.00 19.35
N ASP I 26 -11.41 31.73 19.28
CA ASP I 26 -10.03 31.29 19.59
C ASP I 26 -9.04 31.93 18.67
N ARG I 27 -8.10 32.71 19.21
CA ARG I 27 -6.98 33.32 18.46
C ARG I 27 -5.98 32.19 18.44
N GLY I 28 -5.11 32.06 17.43
CA GLY I 28 -4.43 30.75 17.26
C GLY I 28 -5.31 29.70 16.58
N SER I 29 -6.54 30.03 16.17
CA SER I 29 -7.12 29.40 14.97
C SER I 29 -6.19 29.73 13.83
N GLN I 30 -5.63 28.72 13.16
CA GLN I 30 -4.73 28.96 12.00
C GLN I 30 -5.18 28.40 10.68
N SER I 31 -6.18 27.51 10.69
CA SER I 31 -6.63 26.87 9.45
C SER I 31 -8.13 26.73 9.21
N PHE I 32 -8.57 27.10 8.00
CA PHE I 32 -9.98 27.32 7.73
C PHE I 32 -10.55 26.59 6.54
N PHE I 33 -11.76 26.05 6.71
CA PHE I 33 -12.37 25.22 5.67
C PHE I 33 -13.81 25.52 5.51
N TRP I 34 -14.29 25.56 4.28
CA TRP I 34 -15.73 25.55 4.00
C TRP I 34 -16.13 24.22 3.41
N TYR I 35 -17.24 23.68 3.91
CA TYR I 35 -17.79 22.42 3.47
C TYR I 35 -19.22 22.61 3.08
N ARG I 36 -19.70 21.76 2.18
CA ARG I 36 -21.08 21.85 1.76
C ARG I 36 -21.85 20.59 1.96
N GLN I 37 -23.05 20.68 2.50
CA GLN I 37 -23.82 19.48 2.81
C GLN I 37 -25.23 19.50 2.27
N TYR I 38 -25.47 18.58 1.33
CA TYR I 38 -26.76 18.47 0.69
C TYR I 38 -27.65 17.70 1.58
N SER I 39 -28.93 18.03 1.65
CA SER I 39 -29.84 17.26 2.49
C SER I 39 -29.58 15.74 2.40
N GLY I 40 -29.45 15.08 3.54
CA GLY I 40 -29.36 13.65 3.61
C GLY I 40 -28.00 13.06 3.30
N LYS I 41 -27.00 13.91 3.18
CA LYS I 41 -25.71 13.50 2.64
C LYS I 41 -24.56 13.88 3.53
N SER I 42 -23.33 13.61 3.15
CA SER I 42 -22.16 14.09 3.89
C SER I 42 -21.69 15.44 3.48
N PRO I 43 -20.80 16.05 4.30
CA PRO I 43 -20.09 17.27 3.95
C PRO I 43 -19.10 16.98 2.86
N GLU I 44 -18.96 17.91 1.89
CA GLU I 44 -17.89 17.90 0.81
C GLU I 44 -17.07 19.17 0.89
N LEU I 45 -15.75 19.03 0.99
CA LEU I 45 -14.82 20.16 1.11
C LEU I 45 -14.92 20.96 -0.15
N ILE I 46 -15.26 22.23 -0.05
CA ILE I 46 -15.30 23.07 -1.23
C ILE I 46 -14.20 24.09 -1.29
N MET I 47 -13.60 24.44 -0.17
CA MET I 47 -12.50 25.34 -0.18
C MET I 47 -11.76 25.33 1.13
N PHE I 48 -10.44 25.20 1.04
CA PHE I 48 -9.62 25.47 2.20
C PHE I 48 -9.00 26.83 2.00
N ILE I 49 -8.76 27.49 3.13
CA ILE I 49 -8.00 28.72 3.15
C ILE I 49 -7.05 28.78 4.34
N TYR I 50 -5.78 28.93 4.06
CA TYR I 50 -4.69 28.82 5.03
C TYR I 50 -4.02 30.20 5.30
N SER I 51 -4.08 31.13 4.34
CA SER I 51 -3.59 32.54 4.45
C SER I 51 -4.63 33.67 4.52
N ASN I 52 -4.34 34.65 5.36
CA ASN I 52 -5.16 35.85 5.49
C ASN I 52 -5.40 36.51 4.16
N GLY I 53 -6.59 37.05 3.91
CA GLY I 53 -6.94 37.62 2.58
C GLY I 53 -8.05 36.90 1.82
N ASP I 54 -8.06 37.04 0.50
CA ASP I 54 -8.99 36.35 -0.39
C ASP I 54 -8.39 35.23 -1.23
N LYS I 55 -9.22 34.22 -1.48
CA LYS I 55 -8.91 33.10 -2.35
C LYS I 55 -10.09 32.85 -3.31
N GLU I 56 -9.87 32.99 -4.62
CA GLU I 56 -10.92 32.74 -5.64
C GLU I 56 -10.79 31.31 -6.11
N ASP I 57 -11.92 30.67 -6.42
CA ASP I 57 -11.93 29.35 -7.08
C ASP I 57 -13.24 29.07 -7.83
N GLY I 58 -13.23 29.29 -9.13
CA GLY I 58 -14.43 29.17 -9.92
C GLY I 58 -15.43 30.19 -9.45
N ARG I 59 -16.64 29.73 -9.16
CA ARG I 59 -17.66 30.65 -8.73
C ARG I 59 -17.47 31.10 -7.27
N PHE I 60 -16.64 30.38 -6.49
CA PHE I 60 -16.51 30.61 -5.03
C PHE I 60 -15.34 31.56 -4.64
N THR I 61 -15.57 32.50 -3.72
CA THR I 61 -14.46 33.31 -3.16
C THR I 61 -14.52 33.31 -1.62
N ALA I 62 -13.44 32.86 -0.96
CA ALA I 62 -13.38 32.91 0.50
C ALA I 62 -12.59 34.10 0.90
N GLN I 63 -12.95 34.74 2.00
CA GLN I 63 -12.25 35.93 2.50
C GLN I 63 -11.94 35.55 3.92
N LEU I 64 -10.66 35.60 4.30
CA LEU I 64 -10.26 35.40 5.68
C LEU I 64 -9.69 36.68 6.23
N ASN I 65 -10.08 36.98 7.46
CA ASN I 65 -9.55 38.09 8.20
C ASN I 65 -9.30 37.68 9.63
N LYS I 66 -8.06 37.47 10.05
CA LYS I 66 -7.79 37.00 11.43
C LYS I 66 -7.73 38.18 12.43
N ALA I 67 -7.46 39.39 11.96
CA ALA I 67 -7.50 40.53 12.85
C ALA I 67 -8.89 40.68 13.41
N SER I 68 -9.91 40.50 12.56
CA SER I 68 -11.34 40.64 12.89
C SER I 68 -12.10 39.33 13.21
N GLN I 69 -11.45 38.20 12.91
CA GLN I 69 -11.91 36.86 13.24
C GLN I 69 -13.20 36.52 12.58
N TYR I 70 -13.22 36.65 11.24
CA TYR I 70 -14.25 36.10 10.41
C TYR I 70 -13.72 35.42 9.19
N ILE I 71 -14.50 34.51 8.60
CA ILE I 71 -14.26 34.02 7.21
C ILE I 71 -15.58 34.17 6.53
N SER I 72 -15.59 34.82 5.36
CA SER I 72 -16.74 34.93 4.48
C SER I 72 -16.56 33.87 3.43
N LEU I 73 -17.65 33.51 2.80
CA LEU I 73 -17.67 32.78 1.52
C LEU I 73 -18.72 33.46 0.67
N LEU I 74 -18.33 34.00 -0.50
CA LEU I 74 -19.38 34.32 -1.46
C LEU I 74 -19.40 33.41 -2.63
N ILE I 75 -20.62 33.17 -3.14
CA ILE I 75 -20.88 32.35 -4.32
C ILE I 75 -21.55 33.16 -5.40
N ARG I 76 -20.79 33.38 -6.46
CA ARG I 76 -21.25 34.16 -7.59
C ARG I 76 -22.17 33.34 -8.47
N ASP I 77 -23.06 33.99 -9.18
CA ASP I 77 -23.89 33.33 -10.19
C ASP I 77 -24.48 32.01 -9.64
N SER I 78 -25.35 32.17 -8.67
CA SER I 78 -25.88 31.05 -7.89
C SER I 78 -26.81 30.23 -8.72
N LYS I 79 -26.68 28.93 -8.59
CA LYS I 79 -27.55 27.99 -9.27
C LYS I 79 -28.44 27.29 -8.27
N LEU I 80 -29.46 26.61 -8.77
CA LEU I 80 -30.36 25.87 -7.90
C LEU I 80 -29.70 24.72 -7.18
N SER I 81 -28.75 24.05 -7.80
CA SER I 81 -27.98 23.01 -7.09
C SER I 81 -26.99 23.54 -6.02
N ASP I 82 -26.96 24.84 -5.77
CA ASP I 82 -26.14 25.39 -4.67
C ASP I 82 -26.91 25.38 -3.37
N SER I 83 -28.20 25.15 -3.43
CA SER I 83 -29.01 25.04 -2.25
C SER I 83 -28.58 23.87 -1.45
N ALA I 84 -28.23 24.13 -0.21
CA ALA I 84 -27.38 23.27 0.59
C ALA I 84 -27.09 23.98 1.87
N THR I 85 -26.59 23.23 2.85
CA THR I 85 -26.13 23.78 4.10
C THR I 85 -24.62 23.98 4.00
N TYR I 86 -24.12 25.17 4.31
CA TYR I 86 -22.68 25.51 4.23
C TYR I 86 -22.10 25.60 5.66
N LEU I 87 -21.13 24.72 5.89
CA LEU I 87 -20.52 24.57 7.16
C LEU I 87 -19.16 25.15 7.15
N CYS I 88 -18.96 26.01 8.10
CA CYS I 88 -17.73 26.67 8.34
C CYS I 88 -16.91 25.79 9.31
N ALA I 89 -15.60 25.75 9.21
CA ALA I 89 -14.81 24.87 10.13
C ALA I 89 -13.37 25.31 10.36
N VAL I 90 -12.89 25.34 11.63
CA VAL I 90 -11.49 25.73 11.89
C VAL I 90 -10.69 24.68 12.63
N ARG I 91 -9.41 24.61 12.29
CA ARG I 91 -8.40 23.84 13.03
C ARG I 91 -7.47 24.82 13.74
N THR I 92 -7.30 24.67 15.05
CA THR I 92 -6.36 25.53 15.76
C THR I 92 -4.98 24.89 15.76
N ASN I 93 -3.96 25.68 16.10
CA ASN I 93 -2.60 25.15 16.26
C ASN I 93 -2.42 24.20 17.44
N SER I 94 -3.40 24.04 18.31
CA SER I 94 -3.32 23.08 19.40
C SER I 94 -3.35 21.63 19.03
N GLY I 95 -3.93 21.27 17.90
CA GLY I 95 -4.25 19.85 17.67
C GLY I 95 -4.70 19.66 16.25
N TYR I 96 -5.44 18.58 16.05
CA TYR I 96 -5.71 18.02 14.75
C TYR I 96 -7.21 17.96 14.42
N ALA I 97 -8.02 18.41 15.36
CA ALA I 97 -9.47 18.32 15.23
C ALA I 97 -10.05 19.51 14.51
N LEU I 98 -11.15 19.29 13.84
CA LEU I 98 -11.87 20.43 13.22
C LEU I 98 -12.96 20.88 14.18
N ASN I 99 -13.08 22.20 14.41
CA ASN I 99 -14.20 22.73 15.13
C ASN I 99 -15.20 23.40 14.13
N PHE I 100 -16.43 22.91 14.11
CA PHE I 100 -17.39 23.18 13.05
C PHE I 100 -18.47 24.14 13.56
N GLY I 101 -18.97 24.96 12.65
CA GLY I 101 -20.12 25.79 12.92
C GLY I 101 -21.42 25.01 12.82
N LYS I 102 -22.50 25.63 13.24
CA LYS I 102 -23.81 25.01 13.25
C LYS I 102 -24.32 24.74 11.82
N GLY I 103 -23.77 25.49 10.87
CA GLY I 103 -24.07 25.35 9.44
C GLY I 103 -25.10 26.38 9.06
N THR I 104 -24.85 27.15 8.00
CA THR I 104 -25.88 28.07 7.47
C THR I 104 -26.53 27.45 6.28
N SER I 105 -27.84 27.52 6.20
CA SER I 105 -28.58 26.90 5.09
C SER I 105 -28.97 27.92 3.98
N LEU I 106 -28.59 27.66 2.73
CA LEU I 106 -28.88 28.54 1.58
C LEU I 106 -29.98 27.97 0.69
N LEU I 107 -31.04 28.73 0.39
CA LEU I 107 -32.04 28.25 -0.61
C LEU I 107 -31.94 29.17 -1.81
N VAL I 108 -31.60 28.67 -2.98
CA VAL I 108 -31.60 29.52 -4.17
C VAL I 108 -32.93 29.33 -4.89
N THR I 109 -33.77 30.36 -4.83
CA THR I 109 -35.05 30.46 -5.53
C THR I 109 -35.02 30.83 -7.03
N PRO I 110 -35.78 30.10 -7.87
CA PRO I 110 -35.84 30.43 -9.28
C PRO I 110 -36.81 31.57 -9.52
N HIS I 111 -36.69 32.24 -10.65
CA HIS I 111 -37.65 33.23 -11.11
C HIS I 111 -38.81 32.67 -11.94
N ILE I 112 -40.04 32.93 -11.56
CA ILE I 112 -41.16 32.41 -12.34
C ILE I 112 -41.51 33.39 -13.41
N GLN I 113 -41.58 32.89 -14.65
CA GLN I 113 -41.78 33.73 -15.82
C GLN I 113 -43.18 34.22 -15.76
N LYS I 114 -44.15 33.29 -15.59
CA LYS I 114 -45.60 33.58 -15.61
C LYS I 114 -46.27 32.90 -14.41
N PRO I 115 -46.51 33.66 -13.32
CA PRO I 115 -47.18 33.06 -12.16
C PRO I 115 -48.66 32.82 -12.44
N ASP I 116 -49.15 31.62 -12.12
CA ASP I 116 -50.58 31.28 -12.26
C ASP I 116 -51.10 30.70 -10.95
N PRO I 117 -51.00 31.46 -9.86
CA PRO I 117 -51.22 30.90 -8.53
C PRO I 117 -52.60 30.22 -8.41
N ALA I 118 -52.58 28.97 -7.94
CA ALA I 118 -53.79 28.18 -7.82
C ALA I 118 -53.70 27.09 -6.76
N VAL I 119 -54.86 26.78 -6.18
CA VAL I 119 -55.04 25.72 -5.20
C VAL I 119 -55.96 24.67 -5.80
N TYR I 120 -55.45 23.50 -6.12
CA TYR I 120 -56.29 22.46 -6.70
C TYR I 120 -56.51 21.36 -5.69
N GLN I 121 -57.64 20.65 -5.82
CA GLN I 121 -57.91 19.48 -5.01
C GLN I 121 -57.59 18.18 -5.75
N LEU I 122 -56.97 17.23 -5.05
CA LEU I 122 -56.58 15.93 -5.58
C LEU I 122 -57.21 14.82 -4.76
N ARG I 123 -57.84 13.84 -5.38
CA ARG I 123 -58.42 12.72 -4.61
C ARG I 123 -57.56 11.44 -4.72
N ASP I 124 -57.79 10.51 -3.79
CA ASP I 124 -57.06 9.23 -3.71
C ASP I 124 -57.59 8.21 -4.73
N SER I 125 -56.67 7.50 -5.36
CA SER I 125 -56.94 6.23 -6.04
C SER I 125 -57.77 5.26 -5.14
N LYS I 126 -57.21 4.88 -4.00
CA LYS I 126 -57.78 3.82 -3.17
C LYS I 126 -59.14 4.22 -2.54
N SER I 127 -59.21 5.21 -1.62
CA SER I 127 -60.49 5.56 -0.95
C SER I 127 -60.93 6.99 -1.30
N SER I 128 -62.12 7.42 -0.85
CA SER I 128 -62.66 8.80 -1.11
C SER I 128 -62.21 9.80 -0.06
N ASP I 129 -62.44 9.43 1.20
CA ASP I 129 -62.07 10.22 2.41
C ASP I 129 -60.70 10.91 2.36
N LYS I 130 -59.68 10.20 1.84
CA LYS I 130 -58.30 10.72 1.74
C LYS I 130 -58.23 11.82 0.62
N SER I 131 -57.79 13.02 1.02
CA SER I 131 -57.82 14.18 0.14
C SER I 131 -56.77 15.23 0.50
N VAL I 132 -56.27 15.85 -0.54
CA VAL I 132 -55.08 16.67 -0.51
C VAL I 132 -55.30 17.95 -1.30
N CYS I 133 -54.59 19.02 -0.88
CA CYS I 133 -54.67 20.36 -1.47
C CYS I 133 -53.31 20.87 -1.89
N LEU I 134 -53.18 21.17 -3.17
CA LEU I 134 -51.94 21.51 -3.77
C LEU I 134 -52.02 22.96 -4.23
N PHE I 135 -51.18 23.78 -3.60
CA PHE I 135 -51.02 25.19 -3.92
C PHE I 135 -49.84 25.20 -4.84
N THR I 136 -49.98 25.69 -6.07
CA THR I 136 -48.94 25.49 -7.12
C THR I 136 -48.88 26.73 -7.97
N ASP I 137 -47.86 26.80 -8.83
CA ASP I 137 -47.60 27.94 -9.75
C ASP I 137 -47.63 29.36 -9.12
N PHE I 138 -47.32 29.47 -7.84
CA PHE I 138 -47.11 30.76 -7.23
C PHE I 138 -45.65 31.18 -7.42
N ASP I 139 -45.35 32.47 -7.18
CA ASP I 139 -43.98 32.97 -7.41
C ASP I 139 -43.07 32.88 -6.19
N SER I 140 -41.77 33.01 -6.45
CA SER I 140 -40.78 32.65 -5.46
C SER I 140 -40.73 33.58 -4.22
N GLN I 141 -41.48 34.68 -4.25
CA GLN I 141 -41.45 35.65 -3.15
C GLN I 141 -42.68 35.45 -2.22
N THR I 142 -43.19 34.24 -2.08
CA THR I 142 -44.35 33.94 -1.23
C THR I 142 -43.88 32.90 -0.22
N ASN I 143 -44.17 33.10 1.07
CA ASN I 143 -43.91 32.06 2.07
C ASN I 143 -45.12 31.20 2.23
N VAL I 144 -44.97 30.07 2.86
CA VAL I 144 -46.09 29.23 3.11
C VAL I 144 -46.00 28.84 4.56
N SER I 145 -46.86 29.42 5.39
CA SER I 145 -46.92 29.05 6.79
C SER I 145 -47.35 27.61 7.03
N GLN I 146 -46.79 27.02 8.08
CA GLN I 146 -47.33 25.78 8.63
C GLN I 146 -48.61 26.21 9.34
N SER I 147 -49.63 25.35 9.31
CA SER I 147 -50.86 25.61 10.06
C SER I 147 -50.55 25.47 11.54
N LYS I 148 -51.45 25.98 12.38
CA LYS I 148 -51.19 26.12 13.79
C LYS I 148 -52.24 25.26 14.54
N ASP I 149 -52.59 24.15 13.88
CA ASP I 149 -53.79 23.37 14.07
C ASP I 149 -53.22 21.95 13.97
N SER I 150 -52.90 21.32 15.11
CA SER I 150 -51.86 20.28 15.15
C SER I 150 -52.11 18.99 14.32
N ASP I 151 -53.31 18.81 13.77
CA ASP I 151 -53.58 17.73 12.79
C ASP I 151 -54.05 18.27 11.40
N VAL I 152 -53.46 19.39 11.00
CA VAL I 152 -53.50 19.89 9.59
C VAL I 152 -52.08 20.10 9.06
N TYR I 153 -51.56 19.18 8.26
CA TYR I 153 -50.15 19.17 7.89
C TYR I 153 -49.96 20.00 6.67
N ILE I 154 -48.93 20.83 6.68
CA ILE I 154 -48.60 21.64 5.52
C ILE I 154 -47.09 21.64 5.33
N THR I 155 -46.72 21.25 4.11
CA THR I 155 -45.35 21.19 3.70
C THR I 155 -44.79 22.56 3.38
N ASP I 156 -43.48 22.65 3.42
CA ASP I 156 -42.80 23.81 2.88
C ASP I 156 -42.82 23.73 1.35
N LYS I 157 -42.47 24.85 0.75
CA LYS I 157 -42.47 24.98 -0.68
C LYS I 157 -41.32 24.18 -1.25
N CYS I 158 -41.52 23.79 -2.49
CA CYS I 158 -40.55 22.99 -3.18
C CYS I 158 -40.65 23.31 -4.66
N VAL I 159 -39.48 23.39 -5.31
CA VAL I 159 -39.38 23.76 -6.71
C VAL I 159 -39.05 22.55 -7.59
N LEU I 160 -39.88 22.31 -8.62
CA LEU I 160 -39.69 21.19 -9.52
C LEU I 160 -39.32 21.72 -10.87
N ASP I 161 -38.51 20.96 -11.63
CA ASP I 161 -37.98 21.42 -12.90
C ASP I 161 -38.34 20.43 -13.99
N MET I 162 -39.26 20.81 -14.85
CA MET I 162 -39.57 19.99 -16.03
C MET I 162 -38.53 20.35 -17.12
N ARG I 163 -37.62 19.44 -17.45
CA ARG I 163 -36.48 19.78 -18.28
C ARG I 163 -36.78 19.82 -19.78
N SER I 164 -37.69 18.98 -20.25
CA SER I 164 -38.03 18.92 -21.70
C SER I 164 -38.67 20.23 -22.16
N MET I 165 -39.78 20.60 -21.53
CA MET I 165 -40.31 21.98 -21.48
C MET I 165 -39.24 22.70 -20.70
N ASP I 166 -39.27 24.01 -20.53
CA ASP I 166 -38.14 24.68 -19.90
C ASP I 166 -38.60 25.34 -18.63
N PHE I 167 -39.25 24.55 -17.77
CA PHE I 167 -40.29 25.09 -16.95
C PHE I 167 -40.06 24.75 -15.50
N LYS I 168 -40.24 25.77 -14.66
CA LYS I 168 -40.01 25.65 -13.23
C LYS I 168 -41.21 26.11 -12.49
N SER I 169 -41.39 25.57 -11.30
CA SER I 169 -42.69 25.59 -10.65
C SER I 169 -42.53 25.41 -9.16
N ASN I 170 -43.13 26.30 -8.37
CA ASN I 170 -43.23 26.15 -6.92
C ASN I 170 -44.50 25.38 -6.55
N SER I 171 -44.50 24.75 -5.37
CA SER I 171 -45.67 23.98 -4.90
C SER I 171 -45.51 23.68 -3.42
N ALA I 172 -46.62 23.74 -2.70
CA ALA I 172 -46.70 23.18 -1.36
C ALA I 172 -47.96 22.34 -1.30
N VAL I 173 -47.99 21.43 -0.32
CA VAL I 173 -49.06 20.45 -0.21
C VAL I 173 -49.61 20.51 1.19
N ALA I 174 -50.93 20.36 1.28
CA ALA I 174 -51.61 20.46 2.54
C ALA I 174 -52.66 19.38 2.70
N TRP I 175 -52.65 18.71 3.83
CA TRP I 175 -53.64 17.72 4.07
C TRP I 175 -54.02 17.67 5.53
N SER I 176 -55.29 17.37 5.76
CA SER I 176 -55.79 16.90 7.03
C SER I 176 -56.73 15.74 6.75
N ASN I 177 -57.09 15.07 7.84
CA ASN I 177 -58.24 14.18 7.86
C ASN I 177 -59.50 14.89 8.44
N LYS I 178 -59.39 15.70 9.50
CA LYS I 178 -60.58 16.24 10.22
C LYS I 178 -61.68 16.86 9.29
N SER I 179 -62.95 16.48 9.55
CA SER I 179 -64.12 16.85 8.70
C SER I 179 -64.18 18.35 8.31
N ASP I 180 -63.95 19.24 9.27
CA ASP I 180 -64.04 20.72 9.04
C ASP I 180 -62.77 21.29 8.41
N PHE I 181 -62.48 20.84 7.17
CA PHE I 181 -61.27 21.25 6.41
C PHE I 181 -61.49 21.10 4.89
N ALA I 182 -61.12 22.16 4.16
CA ALA I 182 -61.28 22.18 2.70
C ALA I 182 -60.20 23.06 2.08
N CYS I 183 -60.15 23.14 0.75
CA CYS I 183 -59.01 23.79 0.07
C CYS I 183 -59.10 25.29 0.07
N ALA I 184 -60.30 25.84 0.20
CA ALA I 184 -60.44 27.24 0.55
C ALA I 184 -59.86 27.54 1.95
N ASN I 185 -59.88 26.60 2.91
CA ASN I 185 -59.28 26.80 4.29
C ASN I 185 -57.80 26.70 4.33
N ALA I 186 -57.29 25.71 3.64
CA ALA I 186 -55.92 25.29 3.86
C ALA I 186 -55.16 26.46 3.34
N PHE I 187 -54.03 26.81 3.95
CA PHE I 187 -53.25 28.02 3.50
C PHE I 187 -53.83 29.37 3.95
N ASN I 188 -54.64 29.38 5.01
CA ASN I 188 -55.15 30.65 5.55
C ASN I 188 -54.19 31.36 6.47
N ASN I 189 -53.23 30.65 7.04
CA ASN I 189 -52.16 31.33 7.76
C ASN I 189 -51.13 31.91 6.79
N SER I 190 -51.18 31.55 5.50
CA SER I 190 -50.28 32.12 4.47
C SER I 190 -50.88 33.39 3.84
N ILE I 191 -50.04 34.28 3.30
CA ILE I 191 -50.49 35.35 2.43
C ILE I 191 -50.62 34.82 0.98
N ILE I 192 -51.85 34.46 0.63
CA ILE I 192 -52.17 33.95 -0.71
C ILE I 192 -52.41 35.20 -1.57
N PRO I 193 -51.92 35.20 -2.84
CA PRO I 193 -52.24 36.32 -3.76
C PRO I 193 -53.75 36.59 -3.90
N GLU I 194 -54.15 37.84 -4.08
CA GLU I 194 -55.59 38.18 -4.23
C GLU I 194 -56.28 37.33 -5.32
N ASP I 195 -55.56 37.17 -6.42
CA ASP I 195 -56.07 36.59 -7.68
C ASP I 195 -55.98 35.05 -7.77
N THR I 196 -55.69 34.38 -6.65
CA THR I 196 -55.49 32.93 -6.65
C THR I 196 -56.76 32.16 -7.01
N PHE I 197 -56.58 31.14 -7.85
CA PHE I 197 -57.65 30.40 -8.54
C PHE I 197 -58.08 29.19 -7.67
N PHE I 198 -59.33 29.16 -7.22
CA PHE I 198 -59.88 28.13 -6.30
C PHE I 198 -61.01 27.40 -7.06
N PRO I 199 -60.67 26.44 -7.93
CA PRO I 199 -61.63 26.00 -8.94
C PRO I 199 -62.81 25.10 -8.62
N SER I 200 -62.70 24.00 -7.87
CA SER I 200 -63.93 23.07 -7.78
C SER I 200 -64.39 22.73 -6.36
N ASP J 1 -15.63 2.92 -3.72
CA ASP J 1 -14.71 2.66 -2.57
C ASP J 1 -13.18 2.79 -2.93
N ALA J 2 -12.79 3.73 -3.81
CA ALA J 2 -11.41 4.31 -3.82
C ALA J 2 -11.38 5.44 -2.79
N GLY J 3 -12.52 6.14 -2.62
CA GLY J 3 -12.76 7.13 -1.60
C GLY J 3 -13.05 6.51 -0.23
N VAL J 4 -13.54 7.35 0.68
CA VAL J 4 -13.78 6.92 2.04
C VAL J 4 -15.04 6.07 2.05
N THR J 5 -15.08 5.09 2.91
CA THR J 5 -16.21 4.19 2.93
C THR J 5 -16.61 3.91 4.36
N GLN J 6 -17.89 3.77 4.63
CA GLN J 6 -18.27 3.32 5.95
C GLN J 6 -19.51 2.51 5.93
N SER J 7 -19.70 1.77 7.00
CA SER J 7 -20.87 0.94 7.13
C SER J 7 -21.19 0.65 8.63
N PRO J 8 -22.44 0.25 8.89
CA PRO J 8 -23.55 0.28 7.92
C PRO J 8 -24.05 1.72 7.61
N THR J 9 -24.80 1.89 6.53
CA THR J 9 -25.40 3.20 6.19
C THR J 9 -26.47 3.61 7.22
N HIS J 10 -27.23 2.66 7.72
CA HIS J 10 -28.44 2.94 8.57
C HIS J 10 -28.45 1.92 9.71
N LEU J 11 -28.93 2.33 10.86
CA LEU J 11 -29.05 1.42 12.01
C LEU J 11 -30.14 1.79 12.97
N ILE J 12 -30.74 0.77 13.58
CA ILE J 12 -31.58 1.03 14.74
C ILE J 12 -31.16 0.19 15.95
N LYS J 13 -31.05 0.88 17.09
CA LYS J 13 -30.72 0.26 18.36
C LYS J 13 -31.61 0.71 19.50
N THR J 14 -31.70 -0.14 20.50
CA THR J 14 -32.48 0.21 21.67
C THR J 14 -31.50 0.78 22.75
N ARG J 15 -32.03 1.50 23.72
CA ARG J 15 -31.20 2.09 24.80
C ARG J 15 -30.45 1.00 25.50
N GLY J 16 -29.22 1.30 25.87
CA GLY J 16 -28.42 0.36 26.59
C GLY J 16 -27.64 -0.63 25.76
N GLN J 17 -27.89 -0.72 24.46
CA GLN J 17 -27.22 -1.69 23.61
C GLN J 17 -25.84 -1.13 23.29
N GLN J 18 -25.10 -1.90 22.50
CA GLN J 18 -23.80 -1.50 21.98
C GLN J 18 -23.81 -1.47 20.46
N VAL J 19 -22.92 -0.70 19.89
CA VAL J 19 -22.80 -0.60 18.48
C VAL J 19 -21.36 -0.38 18.03
N THR J 20 -21.05 -0.79 16.80
CA THR J 20 -19.70 -0.78 16.31
C THR J 20 -19.83 -0.42 14.86
N LEU J 21 -19.39 0.79 14.53
CA LEU J 21 -19.41 1.26 13.17
C LEU J 21 -18.04 1.04 12.52
N ARG J 22 -18.03 0.79 11.22
CA ARG J 22 -16.81 0.53 10.51
C ARG J 22 -16.56 1.68 9.60
N CYS J 23 -15.29 1.90 9.31
CA CYS J 23 -14.88 2.94 8.40
C CYS J 23 -13.55 2.59 7.83
N SER J 24 -13.32 2.94 6.58
CA SER J 24 -11.97 2.81 6.00
C SER J 24 -11.60 3.99 5.12
N PRO J 25 -10.38 4.52 5.30
CA PRO J 25 -10.02 5.75 4.66
C PRO J 25 -9.82 5.59 3.16
N LYS J 26 -9.64 6.72 2.52
CA LYS J 26 -9.32 6.79 1.12
C LYS J 26 -7.98 6.13 0.92
N GLN J 27 -7.80 5.43 -0.21
CA GLN J 27 -6.49 4.86 -0.54
C GLN J 27 -5.48 6.00 -0.45
N GLY J 28 -4.34 5.77 0.18
CA GLY J 28 -3.33 6.79 0.37
C GLY J 28 -3.47 7.69 1.57
N HIS J 29 -4.47 7.47 2.39
CA HIS J 29 -4.67 8.23 3.64
C HIS J 29 -4.56 7.27 4.80
N ASP J 30 -4.06 7.72 5.93
CA ASP J 30 -3.79 6.83 7.05
C ASP J 30 -4.20 7.34 8.41
N THR J 31 -4.94 8.43 8.46
CA THR J 31 -5.40 8.98 9.72
C THR J 31 -6.90 8.98 9.62
N VAL J 32 -7.63 8.48 10.62
CA VAL J 32 -9.06 8.64 10.60
C VAL J 32 -9.57 9.37 11.82
N SER J 33 -10.51 10.27 11.61
CA SER J 33 -11.15 10.99 12.70
C SER J 33 -12.63 10.64 12.65
N TRP J 34 -13.24 10.46 13.83
CA TRP J 34 -14.68 10.27 13.91
C TRP J 34 -15.39 11.48 14.53
N TYR J 35 -16.49 11.91 13.90
CA TYR J 35 -17.29 13.04 14.36
C TYR J 35 -18.73 12.59 14.48
N GLN J 36 -19.50 13.33 15.28
CA GLN J 36 -20.91 13.10 15.51
C GLN J 36 -21.68 14.30 15.04
N GLN J 37 -22.74 14.12 14.28
CA GLN J 37 -23.53 15.27 13.78
C GLN J 37 -25.00 15.14 14.07
N ALA J 38 -25.51 15.88 15.06
CA ALA J 38 -26.96 15.93 15.26
C ALA J 38 -27.62 16.87 14.22
N LEU J 39 -28.92 16.71 14.00
CA LEU J 39 -29.62 17.38 12.90
C LEU J 39 -29.55 18.89 13.06
N GLY J 40 -29.29 19.58 11.95
CA GLY J 40 -29.19 21.04 11.93
C GLY J 40 -27.95 21.62 12.60
N GLN J 41 -27.08 20.75 13.10
CA GLN J 41 -25.96 21.12 13.94
C GLN J 41 -24.67 20.81 13.21
N GLY J 42 -23.54 21.23 13.76
CA GLY J 42 -22.24 20.97 13.17
C GLY J 42 -21.63 19.67 13.68
N PRO J 43 -20.83 19.00 12.83
CA PRO J 43 -20.09 17.83 13.32
C PRO J 43 -19.24 18.08 14.60
N GLN J 44 -19.24 17.14 15.51
CA GLN J 44 -18.51 17.21 16.79
C GLN J 44 -17.41 16.16 16.81
N PHE J 45 -16.21 16.57 17.15
CA PHE J 45 -15.07 15.69 17.10
C PHE J 45 -15.12 14.72 18.25
N ILE J 46 -14.93 13.43 17.95
CA ILE J 46 -14.93 12.35 18.94
C ILE J 46 -13.54 11.91 19.22
N PHE J 47 -12.82 11.51 18.19
CA PHE J 47 -11.36 11.27 18.27
C PHE J 47 -10.71 11.04 16.93
N GLN J 48 -9.36 11.00 16.94
CA GLN J 48 -8.57 10.74 15.71
C GLN J 48 -7.49 9.67 15.98
N TYR J 49 -7.39 8.70 15.09
CA TYR J 49 -6.42 7.60 15.22
C TYR J 49 -5.32 7.70 14.19
N TYR J 50 -4.09 7.44 14.62
CA TYR J 50 -2.94 7.38 13.72
C TYR J 50 -1.98 6.30 14.18
N GLU J 51 -1.68 5.38 13.27
CA GLU J 51 -0.75 4.33 13.57
C GLU J 51 -1.34 3.53 14.74
N GLU J 52 -2.59 3.13 14.59
CA GLU J 52 -3.28 2.29 15.56
C GLU J 52 -3.44 2.81 16.97
N GLU J 53 -2.84 3.93 17.34
CA GLU J 53 -3.08 4.52 18.65
C GLU J 53 -3.92 5.79 18.54
N GLU J 54 -4.62 6.11 19.62
CA GLU J 54 -5.56 7.24 19.65
C GLU J 54 -4.76 8.52 19.80
N ARG J 55 -4.86 9.38 18.82
CA ARG J 55 -4.00 10.53 18.81
C ARG J 55 -4.56 11.71 19.56
N GLN J 56 -5.88 11.85 19.59
CA GLN J 56 -6.50 13.01 20.21
C GLN J 56 -7.95 12.67 20.48
N ARG J 57 -8.47 13.15 21.62
CA ARG J 57 -9.83 12.91 22.02
C ARG J 57 -10.66 14.19 22.04
N GLY J 58 -11.96 14.08 21.78
CA GLY J 58 -12.86 15.23 21.84
C GLY J 58 -13.49 15.30 23.21
N ASN J 59 -14.67 15.94 23.33
CA ASN J 59 -15.50 15.91 24.57
C ASN J 59 -16.51 14.78 24.48
N PHE J 60 -15.98 13.56 24.54
CA PHE J 60 -16.81 12.39 24.62
C PHE J 60 -16.22 11.50 25.64
N PRO J 61 -17.10 10.83 26.39
CA PRO J 61 -16.71 9.99 27.53
C PRO J 61 -16.27 8.54 27.18
N ASP J 62 -15.87 7.80 28.22
CA ASP J 62 -15.22 6.48 28.08
C ASP J 62 -15.99 5.46 27.24
N ARG J 63 -17.34 5.44 27.34
CA ARG J 63 -18.16 4.51 26.54
C ARG J 63 -18.03 4.62 25.03
N PHE J 64 -17.47 5.72 24.58
CA PHE J 64 -17.00 5.84 23.20
C PHE J 64 -15.55 5.40 23.13
N SER J 65 -15.24 4.39 22.31
CA SER J 65 -13.87 3.90 22.10
C SER J 65 -13.62 3.49 20.67
N GLY J 66 -12.34 3.42 20.30
CA GLY J 66 -11.97 3.08 18.94
C GLY J 66 -10.74 2.22 18.79
N HIS J 67 -10.55 1.80 17.58
CA HIS J 67 -9.41 0.97 17.17
C HIS J 67 -9.10 1.42 15.76
N GLN J 68 -7.84 1.34 15.39
CA GLN J 68 -7.48 1.38 13.98
C GLN J 68 -6.58 0.21 13.75
N PHE J 69 -6.62 -0.39 12.58
CA PHE J 69 -5.90 -1.65 12.35
C PHE J 69 -4.54 -1.40 11.63
N PRO J 70 -3.74 -2.46 11.45
CA PRO J 70 -2.53 -2.38 10.65
C PRO J 70 -2.75 -1.89 9.22
N ASN J 71 -3.77 -2.38 8.53
CA ASN J 71 -4.33 -1.72 7.33
C ASN J 71 -5.06 -0.56 7.98
N TYR J 72 -5.34 0.57 7.36
CA TYR J 72 -5.62 1.78 8.17
C TYR J 72 -7.08 1.97 8.59
N SER J 73 -7.92 0.94 8.38
CA SER J 73 -9.32 1.02 8.64
C SER J 73 -9.64 1.24 10.14
N SER J 74 -10.84 1.71 10.49
CA SER J 74 -11.15 1.94 11.88
C SER J 74 -12.54 1.49 12.34
N GLU J 75 -12.65 1.17 13.62
CA GLU J 75 -13.94 0.88 14.22
C GLU J 75 -14.19 1.89 15.30
N LEU J 76 -15.44 2.33 15.39
CA LEU J 76 -15.95 3.14 16.48
C LEU J 76 -16.95 2.30 17.20
N ASN J 77 -16.68 2.07 18.49
CA ASN J 77 -17.53 1.26 19.34
C ASN J 77 -18.21 2.23 20.29
N VAL J 78 -19.51 2.16 20.45
CA VAL J 78 -20.16 2.90 21.52
C VAL J 78 -20.98 1.91 22.29
N ASN J 79 -20.92 1.93 23.63
CA ASN J 79 -21.89 1.18 24.46
C ASN J 79 -22.68 2.05 25.45
N ALA J 80 -23.54 1.41 26.23
CA ALA J 80 -24.57 2.10 27.01
C ALA J 80 -25.24 3.13 26.13
N LEU J 81 -25.66 2.74 24.94
CA LEU J 81 -26.33 3.67 24.07
C LEU J 81 -27.41 4.46 24.77
N LEU J 82 -27.46 5.74 24.46
CA LEU J 82 -28.42 6.67 25.03
C LEU J 82 -29.27 7.27 23.89
N LEU J 83 -30.53 7.62 24.11
CA LEU J 83 -31.41 8.13 23.03
C LEU J 83 -30.77 9.25 22.27
N GLY J 84 -30.21 10.19 23.04
CA GLY J 84 -29.46 11.32 22.51
C GLY J 84 -28.18 11.00 21.78
N ASP J 85 -27.73 9.76 21.75
CA ASP J 85 -26.66 9.34 20.82
C ASP J 85 -27.10 9.22 19.36
N SER J 86 -28.41 9.24 19.06
CA SER J 86 -28.88 9.30 17.67
C SER J 86 -28.24 10.45 16.93
N ALA J 87 -27.74 10.16 15.73
CA ALA J 87 -26.93 11.13 14.99
C ALA J 87 -26.46 10.59 13.65
N LEU J 88 -25.79 11.41 12.84
CA LEU J 88 -24.99 10.97 11.69
C LEU J 88 -23.62 10.82 12.28
N TYR J 89 -23.07 9.62 12.24
CA TYR J 89 -21.68 9.38 12.66
C TYR J 89 -20.84 9.36 11.41
N LEU J 90 -19.91 10.31 11.35
CA LEU J 90 -19.08 10.49 10.20
C LEU J 90 -17.64 10.15 10.46
N CYS J 91 -17.02 9.60 9.43
CA CYS J 91 -15.66 9.15 9.45
C CYS J 91 -14.95 10.07 8.50
N ALA J 92 -13.81 10.61 8.90
CA ALA J 92 -13.01 11.43 7.99
C ALA J 92 -11.59 10.98 7.96
N SER J 93 -11.11 10.91 6.72
CA SER J 93 -9.81 10.40 6.40
C SER J 93 -8.96 11.58 5.99
N SER J 94 -7.66 11.49 6.24
CA SER J 94 -6.65 12.56 6.01
C SER J 94 -5.32 11.87 5.85
N ASP J 95 -4.44 12.39 4.97
CA ASP J 95 -2.99 12.03 4.97
C ASP J 95 -2.16 12.88 5.99
N THR J 96 -0.84 12.80 5.98
CA THR J 96 0.00 13.61 6.89
C THR J 96 0.92 14.54 6.13
N VAL J 97 0.65 14.79 4.84
CA VAL J 97 1.42 15.81 4.10
C VAL J 97 0.64 17.13 4.17
N SER J 98 -0.65 17.12 3.77
CA SER J 98 -1.52 18.27 3.71
C SER J 98 -2.48 18.36 4.87
N TYR J 99 -2.96 17.23 5.38
CA TYR J 99 -3.84 17.14 6.57
C TYR J 99 -5.28 17.53 6.34
N GLU J 100 -5.70 17.76 5.07
CA GLU J 100 -7.09 18.04 4.75
C GLU J 100 -7.89 16.82 5.08
N GLN J 101 -9.09 17.00 5.56
CA GLN J 101 -9.90 15.90 6.01
C GLN J 101 -11.08 15.78 5.06
N TYR J 102 -11.42 14.56 4.64
CA TYR J 102 -12.46 14.27 3.63
C TYR J 102 -13.43 13.36 4.26
N PHE J 103 -14.71 13.65 4.15
CA PHE J 103 -15.70 12.83 4.89
C PHE J 103 -16.21 11.66 4.08
N GLY J 104 -16.61 10.63 4.81
CA GLY J 104 -17.26 9.44 4.21
C GLY J 104 -18.72 9.71 4.02
N PRO J 105 -19.47 8.76 3.42
CA PRO J 105 -20.93 8.80 3.63
C PRO J 105 -21.05 8.58 5.11
N GLY J 106 -22.21 8.51 5.72
CA GLY J 106 -22.14 8.36 7.19
C GLY J 106 -22.94 7.18 7.61
N THR J 107 -22.81 6.79 8.89
CA THR J 107 -23.75 5.83 9.44
C THR J 107 -24.78 6.63 10.17
N ARG J 108 -26.04 6.34 9.84
CA ARG J 108 -27.15 7.05 10.43
C ARG J 108 -27.73 6.16 11.52
N LEU J 109 -27.57 6.63 12.75
CA LEU J 109 -27.96 5.88 13.96
C LEU J 109 -29.22 6.47 14.53
N THR J 110 -30.21 5.63 14.73
CA THR J 110 -31.38 5.98 15.55
C THR J 110 -31.38 5.06 16.79
N VAL J 111 -31.63 5.65 17.93
CA VAL J 111 -31.58 4.92 19.19
C VAL J 111 -32.94 5.11 19.77
N THR J 112 -33.67 4.03 20.02
CA THR J 112 -35.03 4.19 20.53
C THR J 112 -35.16 3.49 21.86
N GLU J 113 -36.07 3.97 22.71
CA GLU J 113 -36.23 3.35 24.06
C GLU J 113 -36.55 1.87 23.94
N ASP J 114 -37.37 1.59 22.93
CA ASP J 114 -38.00 0.32 22.69
C ASP J 114 -38.33 0.17 21.16
N LEU J 115 -38.26 -1.04 20.61
CA LEU J 115 -38.47 -1.25 19.17
C LEU J 115 -39.89 -1.10 18.65
N LYS J 116 -40.89 -1.36 19.49
CA LYS J 116 -42.32 -1.05 19.21
C LYS J 116 -42.55 0.37 18.67
N ASN J 117 -41.66 1.30 19.03
CA ASN J 117 -41.56 2.67 18.44
C ASN J 117 -41.35 2.74 16.89
N VAL J 118 -40.87 1.65 16.28
CA VAL J 118 -40.57 1.60 14.84
C VAL J 118 -41.78 1.23 13.95
N PHE J 119 -42.05 2.04 12.93
CA PHE J 119 -43.17 1.80 12.00
C PHE J 119 -42.74 2.07 10.57
N PRO J 120 -43.23 1.26 9.60
CA PRO J 120 -42.95 1.49 8.19
C PRO J 120 -43.89 2.52 7.62
N PRO J 121 -43.66 3.00 6.41
CA PRO J 121 -44.58 3.99 5.84
C PRO J 121 -45.77 3.40 5.20
N GLU J 122 -46.90 4.09 5.31
CA GLU J 122 -48.06 3.88 4.47
C GLU J 122 -47.94 4.93 3.34
N VAL J 123 -48.20 4.51 2.10
CA VAL J 123 -47.92 5.32 0.95
C VAL J 123 -49.18 5.47 0.15
N ALA J 124 -49.45 6.68 -0.31
CA ALA J 124 -50.64 6.94 -1.13
C ALA J 124 -50.29 7.81 -2.31
N VAL J 125 -50.95 7.63 -3.43
CA VAL J 125 -50.81 8.55 -4.55
C VAL J 125 -52.13 9.24 -4.81
N PHE J 126 -52.05 10.54 -5.08
CA PHE J 126 -53.17 11.38 -5.44
C PHE J 126 -53.02 11.85 -6.89
N GLU J 127 -54.12 11.89 -7.62
CA GLU J 127 -54.07 12.13 -9.04
C GLU J 127 -54.42 13.54 -9.35
N PRO J 128 -53.87 14.05 -10.45
CA PRO J 128 -54.11 15.43 -10.84
C PRO J 128 -55.58 15.75 -10.98
N SER J 129 -55.93 16.98 -10.61
CA SER J 129 -57.29 17.44 -10.77
C SER J 129 -57.47 17.73 -12.24
N GLU J 130 -58.70 17.58 -12.73
CA GLU J 130 -59.00 17.97 -14.11
C GLU J 130 -59.02 19.50 -14.28
N ALA J 131 -59.15 20.22 -13.17
CA ALA J 131 -59.12 21.69 -13.14
C ALA J 131 -57.76 22.22 -13.47
N GLU J 132 -56.71 21.64 -12.89
CA GLU J 132 -55.31 21.93 -13.25
C GLU J 132 -55.00 21.62 -14.72
N ILE J 133 -55.55 20.52 -15.23
CA ILE J 133 -55.35 20.14 -16.64
C ILE J 133 -56.00 21.08 -17.66
N SER J 134 -57.17 21.64 -17.34
CA SER J 134 -57.83 22.63 -18.22
C SER J 134 -57.21 24.02 -18.12
N HIS J 135 -56.76 24.38 -16.93
CA HIS J 135 -56.11 25.67 -16.64
C HIS J 135 -54.66 25.79 -17.13
N THR J 136 -53.87 24.73 -17.01
CA THR J 136 -52.42 24.83 -17.27
C THR J 136 -51.85 23.86 -18.24
N GLN J 137 -52.62 22.85 -18.66
CA GLN J 137 -52.15 21.86 -19.66
C GLN J 137 -51.06 21.04 -19.06
N LYS J 138 -51.08 20.97 -17.72
CA LYS J 138 -50.08 20.24 -16.94
C LYS J 138 -50.82 19.44 -15.93
N ALA J 139 -50.16 18.40 -15.43
CA ALA J 139 -50.77 17.46 -14.51
C ALA J 139 -49.82 17.10 -13.38
N THR J 140 -50.20 17.40 -12.16
CA THR J 140 -49.35 17.12 -10.99
C THR J 140 -49.92 15.95 -10.17
N LEU J 141 -49.13 14.87 -10.02
CA LEU J 141 -49.44 13.80 -9.04
C LEU J 141 -48.70 14.10 -7.74
N VAL J 142 -49.33 13.84 -6.59
CA VAL J 142 -48.59 13.93 -5.34
C VAL J 142 -48.58 12.62 -4.64
N CYS J 143 -47.44 12.33 -4.02
CA CYS J 143 -47.24 11.14 -3.24
C CYS J 143 -47.02 11.47 -1.79
N LEU J 144 -47.69 10.73 -0.91
CA LEU J 144 -47.64 10.91 0.52
C LEU J 144 -47.21 9.64 1.25
N ALA J 145 -46.04 9.66 1.86
CA ALA J 145 -45.62 8.64 2.80
C ALA J 145 -45.97 9.12 4.17
N THR J 146 -46.50 8.25 5.01
CA THR J 146 -46.93 8.64 6.37
C THR J 146 -46.77 7.64 7.51
N GLY J 147 -46.66 8.20 8.72
CA GLY J 147 -46.61 7.46 9.97
C GLY J 147 -45.41 6.54 10.08
N PHE J 148 -44.24 6.99 9.66
CA PHE J 148 -43.07 6.10 9.69
C PHE J 148 -42.07 6.57 10.76
N TYR J 149 -41.37 5.60 11.34
CA TYR J 149 -40.31 5.89 12.28
C TYR J 149 -39.21 4.85 12.20
N PRO J 150 -37.96 5.28 12.02
CA PRO J 150 -37.50 6.66 12.00
C PRO J 150 -37.48 7.33 10.63
N ASP J 151 -36.98 8.56 10.58
CA ASP J 151 -36.76 9.30 9.33
C ASP J 151 -35.57 8.73 8.58
N HIS J 152 -35.67 7.48 8.16
CA HIS J 152 -34.72 6.88 7.27
C HIS J 152 -35.43 6.38 6.04
N VAL J 153 -35.77 7.22 5.06
CA VAL J 153 -36.52 6.78 3.90
C VAL J 153 -35.98 7.40 2.65
N GLU J 154 -36.05 6.67 1.55
CA GLU J 154 -35.84 7.17 0.19
C GLU J 154 -37.17 7.09 -0.53
N LEU J 155 -37.53 8.15 -1.24
CA LEU J 155 -38.74 8.21 -1.98
C LEU J 155 -38.39 8.48 -3.44
N SER J 156 -38.82 7.59 -4.32
CA SER J 156 -38.60 7.70 -5.75
C SER J 156 -39.91 7.51 -6.48
N TRP J 157 -39.92 7.88 -7.76
CA TRP J 157 -41.06 7.74 -8.69
C TRP J 157 -40.67 6.94 -9.96
N TRP J 158 -41.60 6.10 -10.40
CA TRP J 158 -41.34 5.14 -11.45
C TRP J 158 -42.46 5.22 -12.46
N VAL J 159 -42.08 5.51 -13.70
CA VAL J 159 -43.00 5.76 -14.76
C VAL J 159 -42.72 4.73 -15.81
N ASN J 160 -43.75 3.95 -16.12
CA ASN J 160 -43.62 2.75 -16.91
C ASN J 160 -42.40 1.96 -16.50
N GLY J 161 -42.25 1.75 -15.22
CA GLY J 161 -41.17 0.88 -14.73
C GLY J 161 -39.73 1.38 -14.77
N LYS J 162 -39.51 2.65 -15.10
CA LYS J 162 -38.19 3.23 -15.12
C LYS J 162 -38.20 4.39 -14.13
N GLU J 163 -37.15 4.52 -13.32
CA GLU J 163 -37.12 5.62 -12.33
C GLU J 163 -37.05 6.97 -13.00
N VAL J 164 -37.81 7.97 -12.58
CA VAL J 164 -37.63 9.31 -13.13
C VAL J 164 -37.26 10.33 -12.07
N HIS J 165 -36.56 11.36 -12.54
CA HIS J 165 -36.09 12.51 -11.74
C HIS J 165 -36.59 13.80 -12.26
N SER J 166 -36.66 14.04 -13.56
CA SER J 166 -37.34 15.26 -14.03
C SER J 166 -38.82 15.30 -13.64
N GLY J 167 -39.28 16.51 -13.32
CA GLY J 167 -40.64 16.75 -12.84
C GLY J 167 -40.85 16.39 -11.39
N VAL J 168 -39.83 15.88 -10.72
CA VAL J 168 -39.96 15.52 -9.36
C VAL J 168 -39.47 16.64 -8.50
N CYS J 169 -40.12 16.88 -7.40
CA CYS J 169 -39.39 17.29 -6.21
C CYS J 169 -40.03 16.76 -4.92
N THR J 170 -39.17 16.28 -4.04
CA THR J 170 -39.51 15.73 -2.77
C THR J 170 -39.13 16.70 -1.70
N ASP J 171 -39.85 16.67 -0.60
CA ASP J 171 -39.52 17.52 0.51
C ASP J 171 -38.10 17.28 1.05
N PRO J 172 -37.35 18.35 1.32
CA PRO J 172 -36.03 18.14 1.90
C PRO J 172 -36.09 17.50 3.31
N GLN J 173 -37.15 17.78 4.05
CA GLN J 173 -37.27 17.34 5.41
C GLN J 173 -38.67 16.84 5.67
N PRO J 174 -38.84 15.74 6.43
CA PRO J 174 -40.20 15.30 6.73
C PRO J 174 -40.90 16.33 7.66
N LEU J 175 -42.15 16.09 8.01
CA LEU J 175 -42.80 16.79 9.11
C LEU J 175 -43.10 15.83 10.22
N LYS J 176 -43.06 16.29 11.48
CA LYS J 176 -43.45 15.44 12.62
C LYS J 176 -44.98 15.38 12.82
N GLU J 177 -45.55 14.17 12.96
CA GLU J 177 -47.02 14.01 13.08
C GLU J 177 -47.57 14.52 14.44
N GLN J 178 -46.80 14.39 15.53
CA GLN J 178 -47.01 15.19 16.76
C GLN J 178 -45.63 15.71 17.16
N PRO J 179 -45.44 17.04 17.10
CA PRO J 179 -44.08 17.54 17.19
C PRO J 179 -43.46 17.36 18.56
N ALA J 180 -44.29 17.34 19.61
CA ALA J 180 -43.76 17.32 20.95
C ALA J 180 -42.89 16.08 21.22
N LEU J 181 -43.16 14.94 20.59
CA LEU J 181 -42.47 13.69 20.95
C LEU J 181 -41.16 13.44 20.24
N ASN J 182 -40.18 12.98 21.02
CA ASN J 182 -38.86 12.56 20.52
C ASN J 182 -39.00 11.49 19.46
N ASP J 183 -39.97 10.60 19.66
CA ASP J 183 -40.18 9.44 18.81
C ASP J 183 -41.42 9.60 17.91
N SER J 184 -41.78 10.85 17.62
CA SER J 184 -42.94 11.13 16.80
C SER J 184 -42.75 10.46 15.49
N ARG J 185 -43.88 10.13 14.88
CA ARG J 185 -43.88 9.58 13.53
C ARG J 185 -43.88 10.69 12.50
N TYR J 186 -43.34 10.40 11.32
CA TYR J 186 -43.13 11.39 10.26
C TYR J 186 -44.00 11.26 9.01
N ALA J 187 -44.14 12.38 8.30
CA ALA J 187 -44.75 12.40 6.97
C ALA J 187 -43.89 13.19 5.97
N LEU J 188 -44.07 12.87 4.70
CA LEU J 188 -43.23 13.38 3.65
C LEU J 188 -43.98 13.38 2.36
N SER J 189 -43.90 14.45 1.59
CA SER J 189 -44.57 14.47 0.29
C SER J 189 -43.59 14.65 -0.84
N SER J 190 -44.00 14.19 -2.01
CA SER J 190 -43.25 14.43 -3.23
C SER J 190 -44.28 14.72 -4.30
N ARG J 191 -43.95 15.64 -5.23
CA ARG J 191 -44.76 15.89 -6.41
C ARG J 191 -44.03 15.42 -7.67
N LEU J 192 -44.76 14.85 -8.60
CA LEU J 192 -44.24 14.58 -9.96
C LEU J 192 -45.12 15.33 -10.92
N ARG J 193 -44.54 16.09 -11.83
CA ARG J 193 -45.35 16.83 -12.80
C ARG J 193 -45.02 16.48 -14.23
N VAL J 194 -46.07 16.25 -14.99
CA VAL J 194 -45.98 15.80 -16.37
C VAL J 194 -46.95 16.61 -17.17
N SER J 195 -46.86 16.53 -18.49
CA SER J 195 -47.81 17.23 -19.34
C SER J 195 -49.21 16.57 -19.29
N ALA J 196 -50.25 17.36 -19.52
CA ALA J 196 -51.64 16.85 -19.58
C ALA J 196 -51.76 15.72 -20.56
N THR J 197 -51.19 15.93 -21.72
CA THR J 197 -51.26 14.95 -22.77
C THR J 197 -50.58 13.60 -22.32
N PHE J 198 -49.55 13.66 -21.48
CA PHE J 198 -48.86 12.45 -21.03
C PHE J 198 -49.72 11.67 -20.00
N TRP J 199 -50.24 12.40 -19.04
CA TRP J 199 -51.19 11.83 -18.11
C TRP J 199 -52.48 11.31 -18.79
N GLN J 200 -52.85 11.86 -19.93
CA GLN J 200 -54.11 11.44 -20.57
C GLN J 200 -54.04 10.16 -21.36
N ASP J 201 -52.83 9.79 -21.75
CA ASP J 201 -52.55 8.50 -22.35
C ASP J 201 -52.71 7.38 -21.31
N PRO J 202 -53.75 6.52 -21.43
CA PRO J 202 -54.00 5.50 -20.38
C PRO J 202 -53.01 4.32 -20.26
N ARG J 203 -52.01 4.24 -21.18
CA ARG J 203 -50.95 3.24 -21.12
C ARG J 203 -49.74 3.67 -20.30
N ASN J 204 -49.79 4.80 -19.62
CA ASN J 204 -48.70 5.26 -18.77
C ASN J 204 -49.04 4.99 -17.36
N HIS J 205 -48.12 4.39 -16.62
CA HIS J 205 -48.36 3.93 -15.27
C HIS J 205 -47.35 4.65 -14.35
N PHE J 206 -47.82 5.06 -13.19
CA PHE J 206 -47.07 5.89 -12.29
C PHE J 206 -46.97 5.23 -10.95
N ARG J 207 -45.76 5.00 -10.45
CA ARG J 207 -45.60 4.41 -9.14
C ARG J 207 -44.78 5.28 -8.20
N CYS J 208 -45.28 5.45 -7.00
CA CYS J 208 -44.54 6.05 -5.94
C CYS J 208 -44.05 4.97 -5.01
N GLN J 209 -42.78 4.94 -4.72
CA GLN J 209 -42.18 3.86 -3.98
C GLN J 209 -41.39 4.54 -2.88
N VAL J 210 -41.44 3.97 -1.69
CA VAL J 210 -40.69 4.45 -0.57
C VAL J 210 -39.85 3.33 0.01
N GLN J 211 -38.52 3.41 -0.16
CA GLN J 211 -37.59 2.48 0.52
C GLN J 211 -37.57 2.92 1.96
N PHE J 212 -37.78 2.00 2.90
CA PHE J 212 -37.71 2.29 4.36
C PHE J 212 -36.68 1.39 4.97
N TYR J 213 -35.92 1.90 5.92
CA TYR J 213 -34.82 1.18 6.56
C TYR J 213 -35.33 0.88 7.96
N GLY J 214 -35.46 -0.39 8.29
CA GLY J 214 -36.09 -0.79 9.52
C GLY J 214 -35.22 -1.73 10.30
N LEU J 215 -35.88 -2.67 10.99
CA LEU J 215 -35.23 -3.66 11.79
C LEU J 215 -34.53 -4.68 10.92
N SER J 216 -33.48 -5.30 11.44
CA SER J 216 -32.81 -6.41 10.74
C SER J 216 -33.48 -7.70 11.15
N GLU J 217 -33.01 -8.82 10.63
CA GLU J 217 -33.48 -10.15 11.07
C GLU J 217 -32.99 -10.51 12.49
N ASN J 218 -31.82 -9.97 12.93
CA ASN J 218 -31.34 -10.12 14.36
C ASN J 218 -32.39 -9.81 15.42
N ASP J 219 -33.22 -8.81 15.18
CA ASP J 219 -33.97 -8.19 16.27
C ASP J 219 -35.18 -9.00 16.71
N GLU J 220 -35.61 -8.75 17.95
CA GLU J 220 -36.76 -9.37 18.57
C GLU J 220 -38.03 -8.67 18.18
N TRP J 221 -39.09 -9.46 17.96
CA TRP J 221 -40.41 -8.93 17.68
C TRP J 221 -41.50 -9.78 18.34
N THR J 222 -42.12 -9.17 19.35
CA THR J 222 -43.22 -9.74 20.10
C THR J 222 -44.51 -9.36 19.38
N GLN J 223 -44.68 -8.07 19.09
CA GLN J 223 -45.99 -7.54 18.65
C GLN J 223 -46.75 -8.29 17.58
N ASP J 224 -48.03 -7.96 17.52
CA ASP J 224 -49.00 -8.54 16.58
C ASP J 224 -48.75 -8.01 15.16
N ARG J 225 -48.48 -6.71 15.03
CA ARG J 225 -48.22 -6.15 13.71
C ARG J 225 -46.96 -6.75 13.11
N ALA J 226 -46.87 -6.62 11.82
CA ALA J 226 -45.76 -7.17 11.08
C ALA J 226 -44.48 -6.49 11.51
N LYS J 227 -43.48 -7.29 11.89
CA LYS J 227 -42.16 -6.81 12.17
C LYS J 227 -41.75 -5.79 11.08
N PRO J 228 -41.39 -4.56 11.52
CA PRO J 228 -41.18 -3.50 10.55
C PRO J 228 -39.76 -3.56 10.07
N VAL J 229 -39.51 -4.56 9.25
CA VAL J 229 -38.22 -4.70 8.62
C VAL J 229 -37.99 -3.66 7.53
N THR J 230 -36.78 -3.65 7.03
CA THR J 230 -36.41 -2.96 5.84
C THR J 230 -37.27 -3.49 4.73
N GLN J 231 -37.78 -2.60 3.90
CA GLN J 231 -38.78 -2.97 2.89
C GLN J 231 -39.04 -1.81 1.93
N ILE J 232 -39.67 -2.13 0.81
CA ILE J 232 -40.22 -1.08 -0.04
C ILE J 232 -41.74 -1.06 0.14
N VAL J 233 -42.34 0.12 0.10
CA VAL J 233 -43.80 0.25 0.13
C VAL J 233 -44.17 1.18 -0.99
N SER J 234 -45.15 0.80 -1.79
CA SER J 234 -45.52 1.47 -3.03
C SER J 234 -47.00 1.78 -3.15
N ALA J 235 -47.30 2.78 -3.95
CA ALA J 235 -48.64 3.00 -4.39
C ALA J 235 -48.56 3.50 -5.80
N GLU J 236 -49.66 3.34 -6.51
CA GLU J 236 -49.71 3.66 -7.90
C GLU J 236 -50.99 4.36 -8.32
N ALA J 237 -50.88 4.97 -9.49
CA ALA J 237 -52.00 5.64 -10.11
C ALA J 237 -52.08 5.29 -11.58
N TRP J 238 -53.32 5.28 -12.10
CA TRP J 238 -53.60 5.02 -13.55
C TRP J 238 -54.07 6.24 -14.31
N GLY J 239 -53.45 6.50 -15.49
CA GLY J 239 -53.87 7.62 -16.36
C GLY J 239 -55.30 7.45 -16.87
N ARG J 240 -55.98 8.57 -17.18
CA ARG J 240 -57.33 8.46 -17.73
C ARG J 240 -57.58 9.39 -18.90
N ALA J 241 -58.52 8.97 -19.79
CA ALA J 241 -58.95 9.71 -20.96
C ALA J 241 -60.18 10.48 -20.55
#